data_4XB6
#
_entry.id   4XB6
#
_cell.length_a   95.510
_cell.length_b   133.710
_cell.length_c   176.740
_cell.angle_alpha   90.00
_cell.angle_beta   90.00
_cell.angle_gamma   90.00
#
_symmetry.space_group_name_H-M   'P 21 21 21'
#
loop_
_entity.id
_entity.type
_entity.pdbx_description
1 polymer 'Alpha-D-ribose 1-methylphosphonate 5-triphosphate synthase subunit PhnG'
2 polymer 'Alpha-D-ribose 1-methylphosphonate 5-triphosphate synthase subunit PhnH'
3 polymer 'Alpha-D-ribose 1-methylphosphonate 5-triphosphate synthase subunit PhnI'
4 polymer 'Alpha-D-ribose 1-methylphosphonate 5-phosphate C-P lyase'
5 non-polymer 'SULFATE ION'
6 non-polymer 'ZINC ION'
7 water water
#
loop_
_entity_poly.entity_id
_entity_poly.type
_entity_poly.pdbx_seq_one_letter_code
_entity_poly.pdbx_strand_id
1 'polypeptide(L)'
;MHADTATRQHWMSVLAHSQPAELAARLNALNITADYEVIRAAETGLVQIQARMGGTGERFFAGDATLTRAAVRLTDGTLG
YSWVQGRDKQHAERCALIDALMQQSRHFQNLSETLIAPLDADRMARIAARQAEVNASRVDFFTMVRGDNA
;
A,E
2 'polypeptide(L)'
;MTLETAFMLPVQDAQHSFRRLLKAMSEPGVIVALHQLKRGWQPLNIATTSVLLTLADNDTPVWLSTPLNNDIVNQSLRFH
TNAPLVSQPEQATFAVTDEAISSEQLNALSTGTAVAPEAGATLILQVASLSGGRMLRLTGAGIAEERMIAPRLPE(CME)
ILHELTERPHPFPLGIDLILT(CME)GERLLAIPRTTHVEVC
;
B,F
3 'polypeptide(L)'
;MYVAVKGGEKAIDAAHALQESRRRGDTDLPELSVAQIEQQLNLAVDRVMTEGGIADRELAALALKQASGDNVEAIFLLRA
YRTTLAKLAVSEPLDTTGMRLERRISAVYKDIPGGQLLGPTYDYTHRLLDFTLLANGEAPTLTTADSEQQPSPHVFSLLA
RQGLAKFEEDSGAQPDDITRTPPVYPCSRSSRLQQLMRGDEGYLLALAYSTQRGYGRNHPFAGEIRSGYIDVSIVPEELG
FAVNVGELLMTECEMVNGFIDPPGEPPHFTRGYGLVFGMSERKAMAMALVDRALQAPEYGEHATGPAQDEEFVLAHADNV
EVAGFVSHLKLPHYVDFQAELELLKRLQQEQNHG
;
C,G
4 'polypeptide(L)'
;MANLSGYNFAYLDEQTKRMIRRAILKAVAIPGYQVPFGGREMPMPYGWGTGGIQLTASVIGESDVLKVIDQGADDTTNAV
SIRNFFKRVTGVNTTERTDDATVIQTRHRIPETPLTEDQIIIFQVPIPEPLRFIEPRETETRTMHALEEYGVMQVKLYED
IARFGHIATTYAYPVKVNGRYVMDPSPIPKFDNPKMDMMPALQLFGAGREKRIYAVPPFTRVESLDFDDHPFTVQQWDEP
CAICGSTHSYLDEVVLDDAGNRMFVCSDTDYCRQQSEAKNQ
;
D,H
#
loop_
_chem_comp.id
_chem_comp.type
_chem_comp.name
_chem_comp.formula
SO4 non-polymer 'SULFATE ION' 'O4 S -2'
ZN non-polymer 'ZINC ION' 'Zn 2'
#
# COMPACT_ATOMS: atom_id res chain seq x y z
N MET A 1 -59.66 -3.25 1.09
CA MET A 1 -58.59 -3.90 1.90
C MET A 1 -57.49 -2.92 2.25
N HIS A 2 -56.74 -3.25 3.28
CA HIS A 2 -55.65 -2.41 3.72
C HIS A 2 -54.57 -3.30 4.36
N ALA A 3 -53.57 -3.66 3.57
CA ALA A 3 -52.49 -4.53 4.00
C ALA A 3 -51.80 -3.98 5.24
N ASP A 4 -51.58 -4.84 6.23
CA ASP A 4 -50.80 -4.45 7.41
C ASP A 4 -49.35 -4.22 7.03
N THR A 5 -48.64 -3.48 7.86
CA THR A 5 -47.26 -3.12 7.55
C THR A 5 -46.34 -4.31 7.26
N ALA A 6 -46.41 -5.37 8.07
CA ALA A 6 -45.52 -6.51 7.86
C ALA A 6 -45.77 -7.19 6.52
N THR A 7 -47.04 -7.24 6.10
CA THR A 7 -47.39 -7.85 4.82
C THR A 7 -46.75 -7.05 3.69
N ARG A 8 -46.88 -5.74 3.77
CA ARG A 8 -46.26 -4.89 2.76
C ARG A 8 -44.72 -5.00 2.80
N GLN A 9 -44.14 -4.95 3.99
CA GLN A 9 -42.70 -5.12 4.10
C GLN A 9 -42.22 -6.41 3.44
N HIS A 10 -42.99 -7.48 3.62
CA HIS A 10 -42.63 -8.76 3.04
C HIS A 10 -42.62 -8.71 1.51
N TRP A 11 -43.69 -8.21 0.88
CA TRP A 11 -43.69 -8.26 -0.59
C TRP A 11 -42.64 -7.29 -1.14
N MET A 12 -42.38 -6.19 -0.44
CA MET A 12 -41.37 -5.26 -0.92
C MET A 12 -39.97 -5.88 -0.83
N SER A 13 -39.71 -6.61 0.24
CA SER A 13 -38.44 -7.30 0.41
C SER A 13 -38.24 -8.39 -0.67
N VAL A 14 -39.30 -9.13 -0.97
CA VAL A 14 -39.22 -10.20 -1.95
C VAL A 14 -38.88 -9.59 -3.33
N LEU A 15 -39.54 -8.48 -3.65
CA LEU A 15 -39.26 -7.79 -4.91
C LEU A 15 -37.83 -7.26 -4.95
N ALA A 16 -37.42 -6.58 -3.89
CA ALA A 16 -36.08 -5.99 -3.83
C ALA A 16 -34.97 -7.04 -3.93
N HIS A 17 -35.24 -8.25 -3.45
CA HIS A 17 -34.25 -9.32 -3.50
C HIS A 17 -34.35 -10.15 -4.77
N SER A 18 -35.35 -9.89 -5.61
CA SER A 18 -35.57 -10.69 -6.79
C SER A 18 -34.51 -10.38 -7.85
N GLN A 19 -34.20 -11.37 -8.67
CA GLN A 19 -33.34 -11.13 -9.82
C GLN A 19 -34.15 -10.33 -10.87
N PRO A 20 -33.61 -9.20 -11.34
CA PRO A 20 -34.41 -8.40 -12.28
C PRO A 20 -34.94 -9.15 -13.49
N ALA A 21 -34.16 -10.09 -14.05
CA ALA A 21 -34.61 -10.81 -15.23
C ALA A 21 -35.76 -11.76 -14.89
N GLU A 22 -35.71 -12.37 -13.70
CA GLU A 22 -36.77 -13.30 -13.30
C GLU A 22 -38.05 -12.51 -12.95
N LEU A 23 -37.91 -11.33 -12.33
CA LEU A 23 -39.11 -10.53 -12.06
C LEU A 23 -39.76 -10.08 -13.37
N ALA A 24 -38.93 -9.69 -14.34
CA ALA A 24 -39.44 -9.22 -15.63
C ALA A 24 -40.17 -10.33 -16.37
N ALA A 25 -39.57 -11.52 -16.37
CA ALA A 25 -40.14 -12.69 -17.04
C ALA A 25 -41.48 -13.09 -16.42
N ARG A 26 -41.51 -13.12 -15.10
CA ARG A 26 -42.71 -13.52 -14.37
C ARG A 26 -43.84 -12.52 -14.58
N LEU A 27 -43.51 -11.23 -14.51
CA LEU A 27 -44.56 -10.21 -14.57
C LEU A 27 -45.16 -10.11 -15.97
N ASN A 28 -44.32 -10.33 -16.97
CA ASN A 28 -44.78 -10.32 -18.35
C ASN A 28 -45.70 -11.49 -18.63
N ALA A 29 -45.47 -12.64 -17.99
CA ALA A 29 -46.30 -13.82 -18.23
C ALA A 29 -47.70 -13.69 -17.59
N LEU A 30 -47.85 -12.72 -16.69
CA LEU A 30 -49.12 -12.53 -15.99
C LEU A 30 -50.09 -11.57 -16.66
N ASN A 31 -49.59 -10.79 -17.62
CA ASN A 31 -50.28 -9.62 -18.21
C ASN A 31 -50.48 -8.52 -17.16
N ILE A 32 -49.79 -7.40 -17.39
CA ILE A 32 -49.84 -6.23 -16.51
C ILE A 32 -51.27 -5.70 -16.38
N THR A 33 -51.80 -5.20 -17.48
CA THR A 33 -53.03 -4.55 -17.96
C THR A 33 -53.36 -3.26 -17.18
N ALA A 34 -53.24 -3.29 -15.86
CA ALA A 34 -53.46 -2.12 -15.02
C ALA A 34 -52.75 -0.86 -15.53
N ASP A 35 -53.49 0.26 -15.56
CA ASP A 35 -52.93 1.54 -15.95
C ASP A 35 -52.22 2.21 -14.78
N TYR A 36 -51.18 2.97 -15.08
CA TYR A 36 -50.46 3.72 -14.06
C TYR A 36 -49.63 4.82 -14.70
N GLU A 37 -49.24 5.79 -13.88
CA GLU A 37 -48.26 6.80 -14.27
C GLU A 37 -47.05 6.66 -13.36
N VAL A 38 -45.90 7.04 -13.88
CA VAL A 38 -44.69 7.11 -13.08
C VAL A 38 -44.62 8.50 -12.48
N ILE A 39 -44.68 8.60 -11.15
CA ILE A 39 -44.67 9.91 -10.50
C ILE A 39 -43.27 10.27 -9.99
N ARG A 40 -42.44 9.26 -9.72
CA ARG A 40 -40.99 9.49 -9.58
C ARG A 40 -40.25 8.52 -10.49
N ALA A 41 -39.71 9.05 -11.59
CA ALA A 41 -38.90 8.25 -12.49
C ALA A 41 -37.74 7.66 -11.71
N ALA A 42 -37.32 6.47 -12.10
CA ALA A 42 -36.26 5.78 -11.38
C ALA A 42 -35.03 6.67 -11.26
N GLU A 43 -34.53 6.78 -10.04
CA GLU A 43 -33.38 7.63 -9.72
C GLU A 43 -32.35 6.81 -8.93
N THR A 44 -31.13 6.75 -9.46
CA THR A 44 -30.05 6.04 -8.82
C THR A 44 -29.13 7.01 -8.06
N GLY A 45 -28.93 6.71 -6.79
CA GLY A 45 -27.97 7.44 -5.98
C GLY A 45 -27.34 6.50 -4.99
N LEU A 46 -27.11 6.99 -3.77
CA LEU A 46 -26.45 6.21 -2.74
C LEU A 46 -27.26 6.02 -1.47
N VAL A 47 -27.06 4.87 -0.83
CA VAL A 47 -27.46 4.70 0.56
C VAL A 47 -26.19 4.61 1.40
N GLN A 48 -26.11 5.44 2.42
CA GLN A 48 -24.92 5.45 3.27
C GLN A 48 -25.06 4.34 4.29
N ILE A 49 -24.02 3.54 4.44
CA ILE A 49 -24.08 2.38 5.29
C ILE A 49 -23.60 2.71 6.70
N GLN A 50 -24.44 2.40 7.69
CA GLN A 50 -24.02 2.42 9.09
C GLN A 50 -23.70 1.03 9.58
N ALA A 51 -22.53 0.91 10.20
CA ALA A 51 -22.13 -0.32 10.87
C ALA A 51 -21.97 -0.05 12.35
N ARG A 52 -21.55 -1.07 13.10
CA ARG A 52 -21.37 -0.93 14.53
C ARG A 52 -20.00 -1.47 14.95
N MET A 53 -19.34 -0.72 15.82
CA MET A 53 -18.08 -1.17 16.42
C MET A 53 -18.28 -2.49 17.12
N GLY A 54 -17.46 -3.48 16.79
CA GLY A 54 -17.57 -4.80 17.38
C GLY A 54 -18.93 -5.44 17.12
N GLY A 55 -19.60 -5.01 16.07
CA GLY A 55 -20.87 -5.58 15.69
C GLY A 55 -22.06 -5.04 16.46
N THR A 56 -21.86 -4.70 17.73
CA THR A 56 -22.95 -4.38 18.65
C THR A 56 -22.89 -2.96 19.22
N GLY A 57 -21.79 -2.26 18.99
CA GLY A 57 -21.54 -1.01 19.68
C GLY A 57 -21.93 0.24 18.93
N GLU A 58 -21.14 1.30 19.15
CA GLU A 58 -21.40 2.61 18.58
C GLU A 58 -21.39 2.51 17.07
N ARG A 59 -22.23 3.32 16.46
CA ARG A 59 -22.30 3.38 15.00
C ARG A 59 -21.09 4.07 14.39
N PHE A 60 -20.70 3.59 13.21
CA PHE A 60 -19.76 4.31 12.37
C PHE A 60 -20.15 4.10 10.91
N PHE A 61 -19.68 4.98 10.04
CA PHE A 61 -20.02 4.90 8.62
C PHE A 61 -19.05 4.00 7.89
N ALA A 62 -19.63 3.08 7.12
CA ALA A 62 -18.89 2.06 6.38
C ALA A 62 -19.21 2.13 4.89
N GLY A 63 -18.93 3.29 4.32
CA GLY A 63 -19.06 3.48 2.89
C GLY A 63 -20.51 3.63 2.47
N ASP A 64 -20.74 3.40 1.18
CA ASP A 64 -22.06 3.62 0.57
C ASP A 64 -22.35 2.48 -0.40
N ALA A 65 -23.63 2.28 -0.72
CA ALA A 65 -24.04 1.34 -1.77
C ALA A 65 -24.95 2.06 -2.75
N THR A 66 -25.06 1.55 -3.97
CA THR A 66 -25.98 2.15 -4.93
C THR A 66 -27.40 1.76 -4.56
N LEU A 67 -28.30 2.72 -4.74
CA LEU A 67 -29.71 2.56 -4.42
C LEU A 67 -30.53 3.24 -5.51
N THR A 68 -31.59 2.58 -5.99
CA THR A 68 -32.45 3.17 -7.00
C THR A 68 -33.87 3.23 -6.44
N ARG A 69 -34.52 4.37 -6.59
CA ARG A 69 -35.87 4.54 -6.06
C ARG A 69 -36.80 4.95 -7.19
N ALA A 70 -38.06 4.54 -7.07
CA ALA A 70 -39.08 4.91 -8.03
C ALA A 70 -40.44 4.93 -7.36
N ALA A 71 -41.39 5.58 -8.03
CA ALA A 71 -42.74 5.73 -7.50
C ALA A 71 -43.75 5.77 -8.62
N VAL A 72 -44.86 5.06 -8.42
CA VAL A 72 -45.94 5.04 -9.41
C VAL A 72 -47.27 5.37 -8.76
N ARG A 73 -48.24 5.74 -9.59
CA ARG A 73 -49.62 5.96 -9.14
C ARG A 73 -50.60 5.27 -10.07
N LEU A 74 -51.52 4.51 -9.48
CA LEU A 74 -52.54 3.81 -10.24
C LEU A 74 -53.73 4.74 -10.47
N THR A 75 -54.66 4.29 -11.29
CA THR A 75 -55.78 5.12 -11.69
C THR A 75 -56.60 5.56 -10.48
N ASP A 76 -56.70 4.70 -9.48
CA ASP A 76 -57.54 4.99 -8.32
C ASP A 76 -56.81 5.80 -7.25
N GLY A 77 -55.58 6.21 -7.56
CA GLY A 77 -54.80 7.03 -6.64
C GLY A 77 -53.78 6.27 -5.80
N THR A 78 -53.80 4.94 -5.89
CA THR A 78 -52.87 4.11 -5.13
C THR A 78 -51.41 4.41 -5.48
N LEU A 79 -50.60 4.66 -4.46
CA LEU A 79 -49.17 4.93 -4.65
C LEU A 79 -48.31 3.70 -4.37
N GLY A 80 -47.42 3.39 -5.30
CA GLY A 80 -46.48 2.31 -5.16
C GLY A 80 -45.06 2.84 -5.15
N TYR A 81 -44.25 2.27 -4.27
CA TYR A 81 -42.86 2.68 -4.08
C TYR A 81 -41.88 1.52 -4.18
N SER A 82 -40.65 1.85 -4.57
CA SER A 82 -39.53 0.92 -4.42
C SER A 82 -38.22 1.64 -4.08
N TRP A 83 -37.40 0.97 -3.29
CA TRP A 83 -36.02 1.34 -3.03
C TRP A 83 -35.28 0.03 -3.13
N VAL A 84 -34.42 -0.07 -4.14
CA VAL A 84 -33.71 -1.31 -4.43
C VAL A 84 -32.25 -1.02 -4.62
N GLN A 85 -31.44 -1.84 -3.99
CA GLN A 85 -30.00 -1.77 -4.15
C GLN A 85 -29.66 -1.95 -5.61
N GLY A 86 -28.65 -1.24 -6.08
CA GLY A 86 -28.24 -1.33 -7.47
C GLY A 86 -28.69 -0.17 -8.31
N ARG A 87 -28.63 -0.34 -9.63
CA ARG A 87 -28.81 0.76 -10.58
CA ARG A 87 -28.80 0.76 -10.57
C ARG A 87 -29.82 0.42 -11.68
N ASP A 88 -30.56 -0.67 -11.52
CA ASP A 88 -31.49 -1.11 -12.57
C ASP A 88 -32.78 -0.32 -12.47
N LYS A 89 -32.91 0.67 -13.34
CA LYS A 89 -34.04 1.58 -13.31
C LYS A 89 -35.36 0.92 -13.71
N GLN A 90 -35.38 0.12 -14.76
CA GLN A 90 -36.60 -0.58 -15.16
C GLN A 90 -37.10 -1.49 -14.05
N HIS A 91 -36.16 -2.17 -13.39
CA HIS A 91 -36.45 -3.07 -12.30
C HIS A 91 -37.13 -2.33 -11.15
N ALA A 92 -36.56 -1.19 -10.78
CA ALA A 92 -37.13 -0.37 -9.71
C ALA A 92 -38.55 0.07 -10.04
N GLU A 93 -38.80 0.43 -11.30
CA GLU A 93 -40.14 0.88 -11.67
C GLU A 93 -41.09 -0.31 -11.60
N ARG A 94 -40.65 -1.48 -12.05
CA ARG A 94 -41.46 -2.69 -11.91
C ARG A 94 -41.81 -3.00 -10.45
N CYS A 95 -40.82 -2.91 -9.57
CA CYS A 95 -41.06 -3.13 -8.15
C CYS A 95 -42.07 -2.15 -7.58
N ALA A 96 -41.98 -0.89 -8.00
CA ALA A 96 -42.90 0.12 -7.52
C ALA A 96 -44.32 -0.16 -8.01
N LEU A 97 -44.43 -0.55 -9.28
CA LEU A 97 -45.73 -0.92 -9.82
C LEU A 97 -46.37 -2.04 -9.02
N ILE A 98 -45.59 -3.08 -8.73
CA ILE A 98 -46.16 -4.22 -8.03
C ILE A 98 -46.58 -3.82 -6.61
N ASP A 99 -45.80 -2.96 -5.97
CA ASP A 99 -46.17 -2.46 -4.63
C ASP A 99 -47.55 -1.77 -4.64
N ALA A 100 -47.82 -1.00 -5.68
CA ALA A 100 -49.15 -0.39 -5.83
C ALA A 100 -50.23 -1.43 -6.05
N LEU A 101 -49.97 -2.37 -6.96
CA LEU A 101 -50.96 -3.37 -7.30
C LEU A 101 -51.34 -4.22 -6.09
N MET A 102 -50.34 -4.58 -5.28
CA MET A 102 -50.54 -5.44 -4.11
C MET A 102 -51.46 -4.82 -3.08
N GLN A 103 -51.61 -3.49 -3.12
CA GLN A 103 -52.47 -2.81 -2.14
C GLN A 103 -53.95 -2.85 -2.55
N GLN A 104 -54.23 -3.32 -3.78
CA GLN A 104 -55.61 -3.41 -4.26
C GLN A 104 -56.19 -4.82 -4.06
N SER A 105 -57.44 -4.90 -3.61
CA SER A 105 -58.11 -6.18 -3.42
C SER A 105 -58.15 -7.00 -4.71
N ARG A 106 -58.26 -6.31 -5.84
CA ARG A 106 -58.33 -7.00 -7.11
C ARG A 106 -57.10 -7.89 -7.34
N HIS A 107 -55.94 -7.46 -6.84
CA HIS A 107 -54.68 -8.10 -7.19
C HIS A 107 -53.94 -8.78 -6.03
N PHE A 108 -54.25 -8.40 -4.80
CA PHE A 108 -53.41 -8.81 -3.67
C PHE A 108 -53.27 -10.32 -3.54
N GLN A 109 -54.38 -11.02 -3.50
CA GLN A 109 -54.31 -12.46 -3.26
C GLN A 109 -53.70 -13.18 -4.47
N ASN A 110 -54.13 -12.80 -5.67
CA ASN A 110 -53.59 -13.34 -6.91
C ASN A 110 -52.07 -13.20 -7.02
N LEU A 111 -51.57 -11.99 -6.78
CA LEU A 111 -50.14 -11.75 -6.92
C LEU A 111 -49.35 -12.37 -5.77
N SER A 112 -49.97 -12.46 -4.58
CA SER A 112 -49.32 -13.13 -3.45
C SER A 112 -49.04 -14.57 -3.83
N GLU A 113 -50.04 -15.19 -4.42
CA GLU A 113 -49.99 -16.60 -4.77
C GLU A 113 -49.13 -16.88 -6.00
N THR A 114 -49.25 -16.05 -7.04
CA THR A 114 -48.66 -16.37 -8.34
C THR A 114 -47.35 -15.67 -8.61
N LEU A 115 -47.01 -14.66 -7.81
CA LEU A 115 -45.79 -13.89 -8.03
C LEU A 115 -44.89 -13.85 -6.80
N ILE A 116 -45.41 -13.36 -5.68
CA ILE A 116 -44.56 -13.12 -4.51
C ILE A 116 -44.10 -14.44 -3.90
N ALA A 117 -45.03 -15.36 -3.64
CA ALA A 117 -44.65 -16.62 -3.00
C ALA A 117 -43.64 -17.43 -3.85
N PRO A 118 -43.87 -17.50 -5.18
CA PRO A 118 -42.90 -18.18 -6.05
C PRO A 118 -41.53 -17.52 -6.06
N LEU A 119 -41.48 -16.20 -6.11
CA LEU A 119 -40.20 -15.50 -6.04
C LEU A 119 -39.47 -15.82 -4.74
N ASP A 120 -40.21 -15.76 -3.63
CA ASP A 120 -39.64 -16.02 -2.32
C ASP A 120 -39.13 -17.46 -2.23
N ALA A 121 -39.92 -18.40 -2.71
CA ALA A 121 -39.50 -19.81 -2.72
C ALA A 121 -38.23 -20.01 -3.55
N ASP A 122 -38.15 -19.37 -4.71
CA ASP A 122 -36.97 -19.50 -5.55
C ASP A 122 -35.75 -18.98 -4.81
N ARG A 123 -35.89 -17.85 -4.12
CA ARG A 123 -34.75 -17.29 -3.43
C ARG A 123 -34.33 -18.16 -2.25
N MET A 124 -35.30 -18.69 -1.51
CA MET A 124 -34.98 -19.57 -0.41
C MET A 124 -34.26 -20.83 -0.90
N ALA A 125 -34.66 -21.35 -2.07
CA ALA A 125 -34.04 -22.55 -2.60
C ALA A 125 -32.61 -22.25 -3.06
N ARG A 126 -32.39 -21.07 -3.63
CA ARG A 126 -31.03 -20.66 -4.00
C ARG A 126 -30.13 -20.51 -2.76
N ILE A 127 -30.67 -19.95 -1.68
CA ILE A 127 -29.91 -19.81 -0.44
C ILE A 127 -29.55 -21.18 0.12
N ALA A 128 -30.53 -22.10 0.12
CA ALA A 128 -30.30 -23.43 0.65
C ALA A 128 -29.24 -24.18 -0.15
N ALA A 129 -29.34 -24.06 -1.47
CA ALA A 129 -28.42 -24.71 -2.37
C ALA A 129 -26.99 -24.21 -2.12
N ARG A 130 -26.85 -22.91 -1.89
CA ARG A 130 -25.52 -22.36 -1.64
C ARG A 130 -24.98 -22.80 -0.29
N GLN A 131 -25.85 -22.85 0.73
CA GLN A 131 -25.39 -23.24 2.06
C GLN A 131 -24.95 -24.70 2.05
N ALA A 132 -25.61 -25.53 1.24
CA ALA A 132 -25.22 -26.91 1.06
C ALA A 132 -23.80 -27.00 0.47
N GLU A 133 -23.48 -26.11 -0.45
CA GLU A 133 -22.16 -26.10 -1.07
C GLU A 133 -21.09 -25.62 -0.07
N VAL A 134 -21.41 -24.54 0.61
CA VAL A 134 -20.50 -23.95 1.59
C VAL A 134 -20.21 -24.92 2.76
N ASN A 135 -21.24 -25.63 3.20
CA ASN A 135 -21.08 -26.53 4.35
C ASN A 135 -20.14 -27.70 4.08
N ALA A 136 -19.81 -27.95 2.82
CA ALA A 136 -18.83 -28.99 2.50
C ALA A 136 -17.43 -28.62 2.99
N SER A 137 -17.23 -27.36 3.35
CA SER A 137 -15.92 -26.83 3.75
C SER A 137 -15.80 -26.66 5.26
N ARG A 138 -16.76 -27.21 5.99
CA ARG A 138 -16.70 -27.30 7.44
C ARG A 138 -15.61 -28.24 7.91
N VAL A 139 -14.83 -27.81 8.88
CA VAL A 139 -13.79 -28.65 9.44
C VAL A 139 -14.33 -29.48 10.60
N ASP A 140 -14.34 -30.80 10.42
CA ASP A 140 -14.81 -31.73 11.45
C ASP A 140 -13.69 -32.06 12.42
N PHE A 141 -14.01 -32.07 13.72
CA PHE A 141 -13.02 -32.36 14.76
C PHE A 141 -13.42 -33.54 15.63
N PHE A 142 -14.69 -33.56 16.04
CA PHE A 142 -15.19 -34.59 16.96
C PHE A 142 -16.56 -35.08 16.56
N THR A 143 -16.88 -36.32 16.95
CA THR A 143 -18.22 -36.90 16.75
C THR A 143 -18.85 -37.40 18.03
N MET A 144 -20.18 -37.48 18.00
CA MET A 144 -21.06 -37.97 19.08
C MET A 144 -20.64 -37.50 20.47
N MET B 1 -50.60 32.09 6.00
CA MET B 1 -49.88 31.85 4.71
C MET B 1 -49.14 30.53 4.72
N THR B 2 -48.96 29.92 5.88
CA THR B 2 -48.27 28.63 5.93
C THR B 2 -46.87 28.66 5.30
N LEU B 3 -46.75 28.82 3.97
CA LEU B 3 -45.44 28.72 3.29
C LEU B 3 -45.11 29.87 2.33
N GLU B 4 -43.95 30.51 2.55
CA GLU B 4 -43.46 31.52 1.61
C GLU B 4 -42.74 30.85 0.44
N THR B 5 -42.55 31.59 -0.65
CA THR B 5 -41.76 31.08 -1.76
C THR B 5 -40.31 31.55 -1.57
N ALA B 6 -39.39 30.79 -2.15
CA ALA B 6 -37.96 31.08 -2.06
C ALA B 6 -37.50 31.71 -3.37
N PHE B 7 -36.26 31.49 -3.75
CA PHE B 7 -35.73 32.04 -5.00
C PHE B 7 -36.45 31.41 -6.18
N MET B 8 -36.73 32.20 -7.23
CA MET B 8 -37.29 31.63 -8.44
C MET B 8 -36.27 30.72 -9.11
N LEU B 9 -35.01 31.11 -9.01
CA LEU B 9 -33.88 30.37 -9.56
C LEU B 9 -32.90 30.06 -8.44
N PRO B 10 -33.16 28.99 -7.70
CA PRO B 10 -32.36 28.67 -6.52
C PRO B 10 -30.84 28.65 -6.78
N VAL B 11 -30.40 28.14 -7.93
CA VAL B 11 -28.96 28.09 -8.19
C VAL B 11 -28.41 29.48 -8.49
N GLN B 12 -29.03 30.17 -9.43
CA GLN B 12 -28.50 31.43 -9.91
C GLN B 12 -28.74 32.54 -8.90
N ASP B 13 -29.89 32.53 -8.26
CA ASP B 13 -30.20 33.60 -7.31
C ASP B 13 -29.33 33.49 -6.05
N ALA B 14 -28.97 32.26 -5.65
CA ALA B 14 -28.04 32.08 -4.54
C ALA B 14 -26.65 32.54 -4.92
N GLN B 15 -26.21 32.23 -6.13
CA GLN B 15 -24.90 32.67 -6.61
C GLN B 15 -24.83 34.20 -6.64
N HIS B 16 -25.87 34.83 -7.18
CA HIS B 16 -25.99 36.29 -7.19
C HIS B 16 -25.82 36.88 -5.79
N SER B 17 -26.62 36.37 -4.87
CA SER B 17 -26.66 36.88 -3.50
C SER B 17 -25.33 36.69 -2.82
N PHE B 18 -24.74 35.53 -3.03
CA PHE B 18 -23.44 35.27 -2.46
C PHE B 18 -22.40 36.27 -2.95
N ARG B 19 -22.37 36.55 -4.24
CA ARG B 19 -21.34 37.45 -4.74
C ARG B 19 -21.52 38.88 -4.21
N ARG B 20 -22.76 39.31 -4.03
CA ARG B 20 -23.03 40.61 -3.40
C ARG B 20 -22.54 40.62 -1.97
N LEU B 21 -22.87 39.58 -1.22
CA LEU B 21 -22.47 39.52 0.19
C LEU B 21 -20.94 39.42 0.30
N LEU B 22 -20.33 38.70 -0.63
CA LEU B 22 -18.85 38.60 -0.65
C LEU B 22 -18.20 39.98 -0.84
N LYS B 23 -18.74 40.76 -1.77
CA LYS B 23 -18.30 42.13 -1.98
C LYS B 23 -18.44 42.93 -0.68
N ALA B 24 -19.59 42.81 -0.02
CA ALA B 24 -19.84 43.59 1.19
C ALA B 24 -18.87 43.21 2.32
N MET B 25 -18.65 41.90 2.52
CA MET B 25 -17.79 41.44 3.62
C MET B 25 -16.31 41.73 3.34
N SER B 26 -15.89 41.61 2.08
CA SER B 26 -14.48 41.84 1.74
C SER B 26 -14.13 43.32 1.54
N GLU B 27 -15.14 44.18 1.42
CA GLU B 27 -14.92 45.62 1.31
C GLU B 27 -15.93 46.30 2.25
N PRO B 28 -15.63 46.27 3.56
CA PRO B 28 -16.59 46.69 4.58
C PRO B 28 -17.06 48.12 4.41
N GLY B 29 -18.35 48.30 4.57
CA GLY B 29 -18.97 49.61 4.40
C GLY B 29 -19.62 49.79 3.04
N VAL B 30 -19.23 48.97 2.07
CA VAL B 30 -19.85 49.05 0.75
C VAL B 30 -21.26 48.50 0.88
N ILE B 31 -22.25 49.29 0.46
CA ILE B 31 -23.63 48.83 0.50
C ILE B 31 -23.98 48.17 -0.83
N VAL B 32 -24.50 46.95 -0.75
CA VAL B 32 -24.88 46.20 -1.94
C VAL B 32 -26.36 45.91 -1.92
N ALA B 33 -26.92 45.59 -3.08
CA ALA B 33 -28.33 45.29 -3.21
C ALA B 33 -28.53 43.81 -3.55
N LEU B 34 -29.46 43.19 -2.84
CA LEU B 34 -29.92 41.84 -3.13
C LEU B 34 -31.44 41.79 -3.43
N HIS B 35 -31.93 42.09 -4.63
CA HIS B 35 -33.14 41.34 -4.96
C HIS B 35 -33.23 40.62 -6.27
N GLN B 36 -32.69 39.42 -6.15
CA GLN B 36 -33.18 38.26 -6.84
C GLN B 36 -34.19 37.54 -5.93
N LEU B 37 -34.84 38.32 -5.05
CA LEU B 37 -35.95 37.87 -4.23
C LEU B 37 -36.96 39.01 -4.10
N LYS B 38 -38.20 38.80 -4.50
CA LYS B 38 -39.16 39.90 -4.67
C LYS B 38 -39.67 40.48 -3.35
N ARG B 39 -39.71 39.66 -2.30
CA ARG B 39 -40.25 40.11 -1.02
C ARG B 39 -39.64 39.28 0.10
N GLY B 40 -39.41 39.91 1.25
CA GLY B 40 -38.83 39.18 2.36
C GLY B 40 -39.92 38.38 3.02
N TRP B 41 -39.55 37.40 3.83
CA TRP B 41 -40.51 36.66 4.63
C TRP B 41 -40.81 37.47 5.88
N GLN B 42 -41.88 38.25 5.84
CA GLN B 42 -42.12 39.27 6.84
C GLN B 42 -42.19 38.69 8.24
N PRO B 43 -41.56 39.37 9.21
CA PRO B 43 -40.88 40.68 9.14
C PRO B 43 -39.42 40.63 8.69
N LEU B 44 -38.95 39.49 8.20
CA LEU B 44 -37.61 39.47 7.64
C LEU B 44 -37.64 40.27 6.35
N ASN B 45 -36.59 41.08 6.12
CA ASN B 45 -36.56 41.85 4.87
C ASN B 45 -35.91 41.05 3.74
N ILE B 46 -35.89 41.64 2.55
CA ILE B 46 -35.39 40.95 1.36
C ILE B 46 -33.95 40.48 1.55
N ALA B 47 -33.10 41.36 2.06
CA ALA B 47 -31.70 41.07 2.20
C ALA B 47 -31.47 39.95 3.20
N THR B 48 -32.13 40.02 4.36
CA THR B 48 -32.02 38.96 5.36
C THR B 48 -32.45 37.62 4.77
N THR B 49 -33.62 37.61 4.16
CA THR B 49 -34.16 36.36 3.63
C THR B 49 -33.22 35.79 2.58
N SER B 50 -32.64 36.64 1.73
CA SER B 50 -31.74 36.20 0.67
C SER B 50 -30.50 35.56 1.26
N VAL B 51 -29.95 36.19 2.28
CA VAL B 51 -28.77 35.65 2.94
C VAL B 51 -29.07 34.27 3.53
N LEU B 52 -30.21 34.12 4.20
CA LEU B 52 -30.54 32.83 4.78
C LEU B 52 -30.74 31.77 3.70
N LEU B 53 -31.39 32.13 2.60
CA LEU B 53 -31.63 31.18 1.52
C LEU B 53 -30.33 30.76 0.87
N THR B 54 -29.35 31.65 0.90
CA THR B 54 -28.06 31.43 0.28
C THR B 54 -27.09 30.61 1.15
N LEU B 55 -27.10 30.81 2.46
CA LEU B 55 -26.09 30.22 3.36
C LEU B 55 -26.60 29.21 4.38
N ALA B 56 -27.88 29.27 4.74
CA ALA B 56 -28.38 28.38 5.78
C ALA B 56 -28.83 27.03 5.24
N ASP B 57 -28.49 25.98 6.00
CA ASP B 57 -28.98 24.63 5.74
C ASP B 57 -28.91 23.80 7.01
N ASN B 58 -29.03 22.47 6.88
CA ASN B 58 -29.11 21.60 8.05
C ASN B 58 -27.87 21.65 8.93
N ASP B 59 -26.78 22.19 8.37
CA ASP B 59 -25.52 22.30 9.11
C ASP B 59 -25.37 23.58 9.92
N THR B 60 -26.33 24.51 9.81
CA THR B 60 -26.20 25.85 10.39
C THR B 60 -27.40 26.22 11.23
N PRO B 61 -27.35 25.98 12.55
CA PRO B 61 -28.47 26.40 13.40
C PRO B 61 -28.74 27.88 13.27
N VAL B 62 -30.02 28.23 13.21
CA VAL B 62 -30.48 29.62 13.13
C VAL B 62 -31.30 30.01 14.36
N TRP B 63 -30.95 31.15 14.96
CA TRP B 63 -31.74 31.73 16.06
C TRP B 63 -32.34 33.04 15.57
N LEU B 64 -33.64 33.21 15.75
CA LEU B 64 -34.34 34.43 15.41
C LEU B 64 -34.91 35.04 16.68
N SER B 65 -34.57 36.30 16.95
CA SER B 65 -35.16 37.02 18.09
C SER B 65 -36.70 37.10 18.00
N THR B 66 -37.33 37.21 19.16
CA THR B 66 -38.79 37.19 19.28
C THR B 66 -39.53 38.08 18.25
N PRO B 67 -39.07 39.32 18.04
CA PRO B 67 -39.85 40.15 17.12
C PRO B 67 -39.76 39.69 15.68
N LEU B 68 -38.78 38.85 15.37
CA LEU B 68 -38.61 38.31 14.02
C LEU B 68 -39.01 36.85 13.93
N ASN B 69 -39.61 36.35 15.00
CA ASN B 69 -39.99 34.94 15.08
C ASN B 69 -41.50 34.75 14.92
N ASN B 70 -41.91 34.05 13.87
CA ASN B 70 -43.31 33.67 13.74
C ASN B 70 -43.43 32.36 12.95
N ASP B 71 -44.63 31.77 12.97
CA ASP B 71 -44.84 30.44 12.41
C ASP B 71 -44.53 30.37 10.92
N ILE B 72 -44.90 31.40 10.18
CA ILE B 72 -44.70 31.37 8.74
C ILE B 72 -43.21 31.42 8.41
N VAL B 73 -42.47 32.32 9.04
CA VAL B 73 -41.02 32.38 8.86
C VAL B 73 -40.39 31.04 9.22
N ASN B 74 -40.75 30.51 10.38
CA ASN B 74 -40.12 29.29 10.84
C ASN B 74 -40.40 28.11 9.90
N GLN B 75 -41.65 27.94 9.50
CA GLN B 75 -42.03 26.85 8.63
C GLN B 75 -41.34 26.98 7.27
N SER B 76 -41.24 28.22 6.80
CA SER B 76 -40.66 28.48 5.49
C SER B 76 -39.15 28.21 5.53
N LEU B 77 -38.49 28.56 6.64
CA LEU B 77 -37.07 28.28 6.79
C LEU B 77 -36.81 26.78 6.84
N ARG B 78 -37.64 26.08 7.61
CA ARG B 78 -37.51 24.64 7.72
C ARG B 78 -37.68 23.99 6.35
N PHE B 79 -38.74 24.36 5.64
CA PHE B 79 -39.06 23.74 4.36
C PHE B 79 -37.99 24.00 3.30
N HIS B 80 -37.54 25.24 3.20
CA HIS B 80 -36.65 25.64 2.11
C HIS B 80 -35.16 25.36 2.35
N THR B 81 -34.72 25.43 3.60
CA THR B 81 -33.29 25.28 3.93
C THR B 81 -32.99 24.04 4.79
N ASN B 82 -34.01 23.54 5.49
CA ASN B 82 -33.87 22.49 6.49
C ASN B 82 -32.90 22.87 7.62
N ALA B 83 -32.71 24.17 7.82
CA ALA B 83 -31.88 24.63 8.93
C ALA B 83 -32.54 24.30 10.26
N PRO B 84 -31.73 23.93 11.26
CA PRO B 84 -32.30 23.77 12.60
C PRO B 84 -32.57 25.13 13.22
N LEU B 85 -33.74 25.28 13.82
CA LEU B 85 -34.09 26.52 14.48
C LEU B 85 -33.91 26.32 15.97
N VAL B 86 -33.03 27.12 16.56
CA VAL B 86 -32.69 27.00 17.97
C VAL B 86 -33.22 28.17 18.79
N SER B 87 -33.47 27.93 20.08
CA SER B 87 -34.15 28.90 20.93
C SER B 87 -33.20 29.82 21.70
N GLN B 88 -31.92 29.46 21.73
CA GLN B 88 -30.94 30.27 22.45
C GLN B 88 -29.84 30.79 21.51
N PRO B 89 -29.46 32.07 21.69
CA PRO B 89 -28.49 32.71 20.77
C PRO B 89 -27.13 32.02 20.77
N GLU B 90 -26.72 31.46 21.90
CA GLU B 90 -25.43 30.81 21.98
C GLU B 90 -25.35 29.53 21.12
N GLN B 91 -26.50 29.04 20.65
CA GLN B 91 -26.55 27.80 19.85
C GLN B 91 -26.46 28.07 18.35
N ALA B 92 -26.48 29.35 17.98
CA ALA B 92 -26.67 29.75 16.58
C ALA B 92 -25.38 29.88 15.75
N THR B 93 -25.45 29.46 14.50
CA THR B 93 -24.44 29.81 13.49
C THR B 93 -24.83 31.15 12.86
N PHE B 94 -26.12 31.31 12.60
CA PHE B 94 -26.70 32.57 12.15
C PHE B 94 -27.70 33.06 13.16
N ALA B 95 -27.47 34.29 13.64
CA ALA B 95 -28.37 35.00 14.53
C ALA B 95 -29.03 36.13 13.76
N VAL B 96 -30.33 36.27 13.97
CA VAL B 96 -31.12 37.24 13.24
C VAL B 96 -31.94 38.03 14.23
N THR B 97 -31.69 39.33 14.29
CA THR B 97 -32.39 40.23 15.19
C THR B 97 -32.72 41.56 14.51
N ASP B 98 -33.49 42.39 15.23
CA ASP B 98 -33.69 43.78 14.83
C ASP B 98 -33.00 44.68 15.85
N GLU B 99 -33.39 45.95 15.90
CA GLU B 99 -32.68 46.94 16.71
C GLU B 99 -32.91 46.76 18.19
N ALA B 100 -33.87 45.91 18.56
CA ALA B 100 -34.20 45.67 19.97
C ALA B 100 -33.29 44.63 20.64
N ILE B 101 -32.27 44.17 19.91
CA ILE B 101 -31.35 43.15 20.43
C ILE B 101 -30.81 43.62 21.77
N SER B 102 -30.78 42.71 22.74
CA SER B 102 -30.33 43.08 24.08
C SER B 102 -28.84 42.81 24.24
N SER B 103 -28.25 43.48 25.22
CA SER B 103 -26.84 43.25 25.52
C SER B 103 -26.65 41.77 25.89
N GLU B 104 -27.62 41.22 26.61
CA GLU B 104 -27.57 39.81 27.02
C GLU B 104 -27.50 38.89 25.81
N GLN B 105 -28.34 39.17 24.82
CA GLN B 105 -28.38 38.36 23.60
C GLN B 105 -27.08 38.50 22.81
N LEU B 106 -26.60 39.73 22.69
CA LEU B 106 -25.35 39.98 21.97
C LEU B 106 -24.20 39.23 22.64
N ASN B 107 -24.10 39.33 23.96
CA ASN B 107 -22.98 38.72 24.66
C ASN B 107 -23.03 37.20 24.65
N ALA B 108 -24.21 36.64 24.37
CA ALA B 108 -24.37 35.19 24.35
C ALA B 108 -23.93 34.59 23.02
N LEU B 109 -23.76 35.42 21.99
CA LEU B 109 -23.42 34.92 20.68
C LEU B 109 -22.03 34.31 20.65
N SER B 110 -21.91 33.17 19.99
CA SER B 110 -20.62 32.49 19.89
CA SER B 110 -20.62 32.49 19.90
C SER B 110 -19.65 33.34 19.08
N THR B 111 -18.42 33.41 19.55
CA THR B 111 -17.40 34.27 18.95
C THR B 111 -16.31 33.49 18.23
N GLY B 112 -16.44 32.17 18.24
CA GLY B 112 -15.34 31.29 17.86
C GLY B 112 -14.31 31.18 18.97
N THR B 113 -13.24 30.43 18.70
CA THR B 113 -12.11 30.27 19.62
C THR B 113 -10.81 30.67 18.93
N ALA B 114 -9.73 30.82 19.70
CA ALA B 114 -8.48 31.27 19.11
C ALA B 114 -7.99 30.26 18.08
N VAL B 115 -8.23 28.97 18.34
CA VAL B 115 -7.75 27.91 17.45
C VAL B 115 -8.71 27.69 16.29
N ALA B 116 -10.00 27.95 16.54
CA ALA B 116 -11.07 27.78 15.55
C ALA B 116 -11.95 29.03 15.47
N PRO B 117 -11.38 30.13 14.99
CA PRO B 117 -12.09 31.41 15.01
C PRO B 117 -13.32 31.42 14.08
N GLU B 118 -13.43 30.46 13.16
CA GLU B 118 -14.60 30.42 12.28
C GLU B 118 -15.83 29.79 12.92
N ALA B 119 -15.67 29.24 14.13
CA ALA B 119 -16.70 28.40 14.73
C ALA B 119 -17.67 29.20 15.59
N GLY B 120 -17.92 30.44 15.20
CA GLY B 120 -18.85 31.31 15.90
C GLY B 120 -20.00 31.77 15.03
N ALA B 121 -20.70 32.78 15.52
CA ALA B 121 -21.90 33.26 14.88
C ALA B 121 -21.66 34.43 13.94
N THR B 122 -22.51 34.51 12.94
CA THR B 122 -22.69 35.72 12.14
C THR B 122 -24.00 36.34 12.59
N LEU B 123 -23.99 37.66 12.85
CA LEU B 123 -25.19 38.36 13.29
C LEU B 123 -25.76 39.14 12.12
N ILE B 124 -26.99 38.79 11.77
CA ILE B 124 -27.73 39.53 10.76
C ILE B 124 -28.66 40.45 11.52
N LEU B 125 -28.38 41.76 11.43
CA LEU B 125 -29.13 42.78 12.16
C LEU B 125 -29.93 43.66 11.22
N GLN B 126 -31.25 43.60 11.34
CA GLN B 126 -32.15 44.43 10.56
C GLN B 126 -32.24 45.81 11.18
N VAL B 127 -31.84 46.82 10.42
CA VAL B 127 -31.85 48.19 10.91
C VAL B 127 -32.90 49.00 10.16
N ALA B 128 -33.36 50.11 10.75
CA ALA B 128 -34.40 50.91 10.12
C ALA B 128 -33.82 51.82 9.03
N SER B 129 -32.51 52.05 9.08
CA SER B 129 -31.84 52.91 8.11
C SER B 129 -30.36 52.55 8.07
N LEU B 130 -29.79 52.52 6.87
CA LEU B 130 -28.34 52.34 6.73
C LEU B 130 -27.61 53.67 6.73
N SER B 131 -28.34 54.77 6.85
CA SER B 131 -27.75 56.09 6.70
C SER B 131 -28.21 57.16 7.70
N GLY B 132 -29.17 56.84 8.55
CA GLY B 132 -29.74 57.85 9.45
C GLY B 132 -29.11 57.91 10.83
N GLY B 133 -28.11 57.07 11.07
CA GLY B 133 -27.48 56.94 12.37
C GLY B 133 -26.25 57.80 12.58
N ARG B 134 -25.49 57.46 13.61
CA ARG B 134 -24.23 58.14 13.91
C ARG B 134 -23.18 57.87 12.84
N MET B 135 -22.54 58.92 12.35
CA MET B 135 -21.47 58.76 11.38
C MET B 135 -20.27 58.03 11.99
N LEU B 136 -19.82 56.98 11.29
CA LEU B 136 -18.66 56.19 11.68
C LEU B 136 -17.57 56.26 10.62
N ARG B 137 -16.31 56.16 11.05
CA ARG B 137 -15.18 56.00 10.12
C ARG B 137 -14.68 54.58 10.21
N LEU B 138 -14.66 53.91 9.07
CA LEU B 138 -14.13 52.56 8.93
C LEU B 138 -12.73 52.54 8.31
N THR B 139 -11.84 51.75 8.89
CA THR B 139 -10.53 51.49 8.32
C THR B 139 -10.22 50.03 8.56
N GLY B 140 -9.22 49.52 7.84
CA GLY B 140 -8.79 48.15 8.02
C GLY B 140 -8.80 47.35 6.72
N ALA B 141 -8.68 46.03 6.84
CA ALA B 141 -8.74 45.14 5.68
C ALA B 141 -9.99 45.39 4.82
N GLY B 142 -9.80 45.54 3.51
CA GLY B 142 -10.93 45.78 2.63
C GLY B 142 -11.18 47.23 2.30
N ILE B 143 -10.40 48.12 2.92
CA ILE B 143 -10.57 49.57 2.78
C ILE B 143 -9.24 50.21 2.42
N ALA B 144 -9.19 50.88 1.26
CA ALA B 144 -7.96 51.48 0.77
C ALA B 144 -7.39 52.52 1.73
N GLU B 145 -8.26 53.42 2.19
CA GLU B 145 -7.87 54.47 3.11
C GLU B 145 -8.86 54.52 4.27
N GLU B 146 -10.02 55.12 4.02
CA GLU B 146 -11.10 55.17 5.00
C GLU B 146 -12.46 55.15 4.31
N ARG B 147 -13.48 54.72 5.04
CA ARG B 147 -14.84 54.73 4.51
C ARG B 147 -15.83 55.15 5.58
N MET B 148 -16.66 56.14 5.26
CA MET B 148 -17.67 56.59 6.20
CA MET B 148 -17.69 56.61 6.18
C MET B 148 -18.98 55.86 5.95
N ILE B 149 -19.69 55.56 7.03
CA ILE B 149 -21.03 54.95 6.98
C ILE B 149 -21.80 55.47 8.17
N ALA B 150 -23.12 55.37 8.13
CA ALA B 150 -23.94 55.85 9.24
C ALA B 150 -25.22 55.07 9.47
N PRO B 151 -25.11 53.75 9.70
CA PRO B 151 -26.29 52.94 10.02
C PRO B 151 -26.86 53.28 11.40
N ARG B 152 -28.16 53.06 11.57
CA ARG B 152 -28.79 53.11 12.88
C ARG B 152 -28.43 51.89 13.67
N LEU B 153 -27.62 52.06 14.72
CA LEU B 153 -27.15 50.94 15.53
C LEU B 153 -27.55 51.08 16.98
N PRO B 154 -27.98 49.97 17.60
CA PRO B 154 -28.09 49.91 19.07
C PRO B 154 -26.77 50.26 19.74
N GLU B 155 -26.81 50.92 20.91
CA GLU B 155 -25.59 51.30 21.62
C GLU B 155 -24.65 50.11 21.84
N CME B 156 -25.20 48.96 22.18
CA CME B 156 -24.37 47.82 22.57
CB CME B 156 -25.08 46.72 23.37
SG CME B 156 -26.22 45.71 22.48
SD CME B 156 -28.00 46.82 22.28
CE CME B 156 -28.65 47.09 23.88
CZ CME B 156 -28.80 48.56 24.22
OH CME B 156 -27.57 49.17 23.87
C CME B 156 -23.65 47.23 21.36
O CME B 156 -22.55 46.64 21.45
N ILE B 157 -24.27 47.39 20.20
CA ILE B 157 -23.66 46.97 18.94
C ILE B 157 -22.52 47.92 18.59
N LEU B 158 -22.76 49.22 18.68
CA LEU B 158 -21.69 50.17 18.42
C LEU B 158 -20.51 49.93 19.38
N HIS B 159 -20.82 49.61 20.63
CA HIS B 159 -19.79 49.31 21.62
C HIS B 159 -18.91 48.13 21.20
N GLU B 160 -19.54 47.05 20.75
CA GLU B 160 -18.83 45.86 20.26
C GLU B 160 -17.86 46.25 19.15
N LEU B 161 -18.33 47.09 18.23
CA LEU B 161 -17.53 47.51 17.08
C LEU B 161 -16.37 48.44 17.42
N THR B 162 -16.58 49.42 18.31
CA THR B 162 -15.54 50.40 18.61
C THR B 162 -14.54 49.87 19.62
N GLU B 163 -14.98 49.03 20.55
CA GLU B 163 -14.13 48.57 21.65
C GLU B 163 -13.54 47.17 21.42
N ARG B 164 -14.20 46.39 20.57
CA ARG B 164 -13.78 45.01 20.28
C ARG B 164 -13.36 44.26 21.54
N PRO B 165 -14.32 43.96 22.43
CA PRO B 165 -13.97 43.31 23.71
C PRO B 165 -13.35 41.93 23.53
N HIS B 166 -13.65 41.27 22.43
CA HIS B 166 -13.09 39.94 22.20
C HIS B 166 -11.81 40.08 21.38
N PRO B 167 -10.72 39.44 21.83
CA PRO B 167 -9.49 39.61 21.06
C PRO B 167 -9.58 38.93 19.70
N PHE B 168 -9.29 39.66 18.63
CA PHE B 168 -9.07 39.02 17.33
C PHE B 168 -8.10 37.83 17.54
N PRO B 169 -8.36 36.70 16.89
CA PRO B 169 -9.32 36.41 15.81
C PRO B 169 -10.74 36.06 16.23
N LEU B 170 -11.07 36.15 17.51
CA LEU B 170 -12.44 35.93 17.93
C LEU B 170 -13.28 37.11 17.51
N GLY B 171 -14.58 36.89 17.37
CA GLY B 171 -15.51 38.00 17.19
C GLY B 171 -16.61 37.66 16.21
N ILE B 172 -17.78 38.28 16.40
CA ILE B 172 -18.86 38.11 15.48
C ILE B 172 -18.61 38.96 14.26
N ASP B 173 -19.07 38.47 13.12
CA ASP B 173 -19.14 39.29 11.93
C ASP B 173 -20.56 39.78 11.82
N LEU B 174 -20.69 41.03 11.41
CA LEU B 174 -21.96 41.74 11.36
C LEU B 174 -22.46 41.99 9.94
N ILE B 175 -23.71 41.63 9.68
CA ILE B 175 -24.39 41.90 8.42
C ILE B 175 -25.61 42.76 8.74
N LEU B 176 -25.59 44.01 8.26
CA LEU B 176 -26.70 44.93 8.47
C LEU B 176 -27.61 44.89 7.25
N THR B 177 -28.92 44.76 7.46
CA THR B 177 -29.85 44.75 6.33
C THR B 177 -30.98 45.72 6.51
N CME B 178 -31.44 46.25 5.38
CA CME B 178 -32.51 47.21 5.34
CB CME B 178 -32.04 48.64 5.59
SG CME B 178 -33.33 49.78 5.93
SD CME B 178 -33.42 51.17 4.37
CE CME B 178 -34.72 50.52 3.41
CZ CME B 178 -34.42 50.53 1.93
OH CME B 178 -33.08 50.04 1.79
C CME B 178 -33.09 47.10 3.95
O CME B 178 -32.46 47.42 2.95
HA CME B 178 -33.29 46.91 6.11
HB2 CME B 178 -31.44 48.98 4.72
HB3 CME B 178 -31.39 48.69 6.51
HE2 CME B 178 -35.58 51.20 3.63
HE3 CME B 178 -35.01 49.49 3.73
HZ2 CME B 178 -34.49 51.58 1.52
HZ3 CME B 178 -35.13 49.86 1.37
HH CME B 178 -33.10 49.39 1.08
N GLY B 179 -34.34 46.64 3.89
CA GLY B 179 -34.97 46.34 2.60
C GLY B 179 -34.15 45.33 1.83
N GLU B 180 -33.82 45.66 0.57
CA GLU B 180 -33.00 44.81 -0.28
C GLU B 180 -31.51 45.04 -0.06
N ARG B 181 -31.18 46.01 0.78
CA ARG B 181 -29.80 46.47 0.89
C ARG B 181 -29.08 45.88 2.11
N LEU B 182 -27.76 45.82 1.99
CA LEU B 182 -26.93 45.10 2.94
C LEU B 182 -25.58 45.79 3.06
N LEU B 183 -25.07 45.77 4.28
CA LEU B 183 -23.79 46.35 4.61
C LEU B 183 -23.15 45.34 5.57
N ALA B 184 -21.87 45.02 5.40
CA ALA B 184 -21.23 44.06 6.29
C ALA B 184 -20.02 44.67 7.00
N ILE B 185 -19.84 44.31 8.27
CA ILE B 185 -18.68 44.73 9.03
C ILE B 185 -18.06 43.49 9.70
N PRO B 186 -16.99 42.94 9.10
CA PRO B 186 -16.31 41.80 9.74
C PRO B 186 -15.57 42.22 11.00
N ARG B 187 -15.08 41.24 11.74
CA ARG B 187 -14.42 41.49 13.02
C ARG B 187 -13.11 42.25 12.88
N THR B 188 -12.58 42.30 11.67
CA THR B 188 -11.32 43.01 11.42
C THR B 188 -11.45 44.53 11.37
N THR B 189 -12.65 45.02 11.09
CA THR B 189 -12.80 46.42 10.75
C THR B 189 -12.60 47.31 11.97
N HIS B 190 -11.77 48.34 11.82
CA HIS B 190 -11.63 49.33 12.87
CA HIS B 190 -11.63 49.33 12.87
C HIS B 190 -12.74 50.36 12.70
N VAL B 191 -13.47 50.59 13.79
CA VAL B 191 -14.65 51.44 13.76
C VAL B 191 -14.55 52.55 14.80
N GLU B 192 -14.69 53.79 14.34
CA GLU B 192 -14.65 54.92 15.26
C GLU B 192 -15.79 55.88 14.95
N VAL B 193 -16.29 56.51 15.98
CA VAL B 193 -17.39 57.46 15.82
C VAL B 193 -16.86 58.79 15.27
N CYS B 194 -17.56 59.26 14.23
CA CYS B 194 -17.29 60.51 13.50
C CYS B 194 -16.31 60.28 12.36
N MET C 1 12.80 34.74 -35.31
CA MET C 1 12.78 34.56 -33.84
C MET C 1 11.86 33.41 -33.46
N TYR C 2 11.76 33.14 -32.16
CA TYR C 2 10.76 32.20 -31.67
C TYR C 2 9.42 32.89 -31.45
N VAL C 3 8.34 32.16 -31.74
CA VAL C 3 6.99 32.59 -31.38
C VAL C 3 6.28 31.44 -30.66
N ALA C 4 5.40 31.79 -29.74
CA ALA C 4 4.68 30.78 -28.99
C ALA C 4 3.56 30.22 -29.85
N VAL C 5 3.31 28.93 -29.70
CA VAL C 5 2.21 28.26 -30.39
C VAL C 5 1.40 27.47 -29.39
N LYS C 6 0.17 27.13 -29.78
CA LYS C 6 -0.67 26.26 -28.95
C LYS C 6 -0.28 24.82 -29.12
N GLY C 7 -0.34 24.06 -28.05
CA GLY C 7 -0.01 22.66 -28.11
C GLY C 7 -0.64 21.78 -27.04
N GLY C 8 -1.07 22.39 -25.94
CA GLY C 8 -1.55 21.63 -24.79
C GLY C 8 -2.71 20.71 -25.08
N GLU C 9 -3.75 21.23 -25.72
CA GLU C 9 -4.96 20.44 -25.89
C GLU C 9 -4.75 19.33 -26.91
N LYS C 10 -4.03 19.61 -27.99
CA LYS C 10 -3.88 18.55 -28.98
C LYS C 10 -2.94 17.46 -28.46
N ALA C 11 -1.97 17.81 -27.61
CA ALA C 11 -1.12 16.78 -27.00
C ALA C 11 -1.91 15.89 -26.06
N ILE C 12 -2.73 16.52 -25.23
CA ILE C 12 -3.53 15.77 -24.28
C ILE C 12 -4.50 14.84 -25.02
N ASP C 13 -5.16 15.34 -26.06
CA ASP C 13 -6.12 14.49 -26.79
C ASP C 13 -5.39 13.29 -27.38
N ALA C 14 -4.21 13.52 -27.92
CA ALA C 14 -3.44 12.44 -28.53
C ALA C 14 -2.98 11.45 -27.45
N ALA C 15 -2.60 11.99 -26.30
CA ALA C 15 -2.14 11.15 -25.21
C ALA C 15 -3.24 10.24 -24.69
N HIS C 16 -4.46 10.76 -24.58
CA HIS C 16 -5.57 9.93 -24.13
C HIS C 16 -5.96 8.88 -25.16
N ALA C 17 -5.90 9.25 -26.43
CA ALA C 17 -6.18 8.27 -27.48
C ALA C 17 -5.18 7.12 -27.44
N LEU C 18 -3.92 7.48 -27.23
CA LEU C 18 -2.86 6.48 -27.09
C LEU C 18 -3.15 5.54 -25.91
N GLN C 19 -3.59 6.11 -24.79
CA GLN C 19 -3.89 5.32 -23.61
C GLN C 19 -5.09 4.41 -23.88
N GLU C 20 -6.09 4.94 -24.57
CA GLU C 20 -7.27 4.14 -24.89
C GLU C 20 -6.95 3.00 -25.85
N SER C 21 -6.06 3.26 -26.80
CA SER C 21 -5.60 2.24 -27.75
C SER C 21 -4.85 1.14 -27.01
N ARG C 22 -4.00 1.53 -26.07
CA ARG C 22 -3.22 0.57 -25.30
C ARG C 22 -4.14 -0.26 -24.40
N ARG C 23 -5.15 0.39 -23.83
CA ARG C 23 -6.14 -0.29 -23.01
C ARG C 23 -6.91 -1.37 -23.79
N ARG C 24 -7.29 -1.08 -25.02
CA ARG C 24 -8.00 -2.07 -25.84
C ARG C 24 -7.06 -3.22 -26.23
N GLY C 25 -5.79 -2.90 -26.44
CA GLY C 25 -4.79 -3.88 -26.87
C GLY C 25 -5.08 -4.50 -28.24
N ASP C 26 -4.55 -5.69 -28.43
CA ASP C 26 -4.66 -6.39 -29.71
C ASP C 26 -6.11 -6.66 -30.03
N THR C 27 -6.62 -6.09 -31.12
CA THR C 27 -8.05 -6.25 -31.43
C THR C 27 -8.39 -7.63 -31.97
N ASP C 28 -7.40 -8.47 -32.23
CA ASP C 28 -7.68 -9.87 -32.52
C ASP C 28 -8.25 -10.59 -31.30
N LEU C 29 -8.09 -10.01 -30.11
CA LEU C 29 -8.71 -10.55 -28.91
C LEU C 29 -10.02 -9.84 -28.65
N PRO C 30 -11.04 -10.59 -28.17
CA PRO C 30 -12.26 -9.89 -27.74
C PRO C 30 -12.01 -8.89 -26.63
N GLU C 31 -12.74 -7.80 -26.65
CA GLU C 31 -12.72 -6.86 -25.55
C GLU C 31 -13.34 -7.50 -24.30
N LEU C 32 -12.61 -7.43 -23.19
CA LEU C 32 -13.11 -7.82 -21.87
C LEU C 32 -14.42 -7.13 -21.55
N SER C 33 -15.36 -7.89 -20.97
CA SER C 33 -16.59 -7.30 -20.47
C SER C 33 -16.40 -6.97 -19.00
N VAL C 34 -17.14 -5.95 -18.57
CA VAL C 34 -17.18 -5.58 -17.17
C VAL C 34 -17.70 -6.76 -16.36
N ALA C 35 -18.67 -7.49 -16.91
CA ALA C 35 -19.22 -8.67 -16.24
C ALA C 35 -18.15 -9.74 -15.98
N GLN C 36 -17.29 -9.97 -16.97
CA GLN C 36 -16.19 -10.91 -16.76
C GLN C 36 -15.26 -10.48 -15.62
N ILE C 37 -14.93 -9.20 -15.58
CA ILE C 37 -14.07 -8.69 -14.55
C ILE C 37 -14.71 -8.87 -13.18
N GLU C 38 -15.99 -8.50 -13.09
CA GLU C 38 -16.77 -8.58 -11.86
C GLU C 38 -16.75 -10.00 -11.31
N GLN C 39 -17.02 -10.95 -12.20
CA GLN C 39 -17.11 -12.36 -11.83
C GLN C 39 -15.77 -13.01 -11.56
N GLN C 40 -14.81 -12.83 -12.47
CA GLN C 40 -13.62 -13.66 -12.48
C GLN C 40 -12.40 -13.00 -11.83
N LEU C 41 -12.43 -11.67 -11.72
CA LEU C 41 -11.39 -10.93 -11.00
C LEU C 41 -12.00 -10.32 -9.76
N ASN C 42 -12.83 -11.11 -9.09
CA ASN C 42 -13.71 -10.62 -8.04
C ASN C 42 -12.98 -10.07 -6.82
N LEU C 43 -11.73 -10.50 -6.58
CA LEU C 43 -11.00 -9.98 -5.42
C LEU C 43 -10.43 -8.56 -5.66
N ALA C 44 -10.06 -8.25 -6.92
CA ALA C 44 -9.72 -6.87 -7.27
C ALA C 44 -10.92 -5.95 -7.06
N VAL C 45 -12.08 -6.43 -7.48
CA VAL C 45 -13.30 -5.66 -7.32
C VAL C 45 -13.60 -5.36 -5.85
N ASP C 46 -13.42 -6.35 -4.96
CA ASP C 46 -13.59 -6.15 -3.53
C ASP C 46 -12.77 -4.97 -3.01
N ARG C 47 -11.48 -4.92 -3.38
CA ARG C 47 -10.62 -3.82 -2.94
C ARG C 47 -11.12 -2.49 -3.46
N VAL C 48 -11.49 -2.45 -4.73
CA VAL C 48 -11.88 -1.19 -5.34
C VAL C 48 -13.19 -0.68 -4.73
N MET C 49 -14.14 -1.56 -4.44
CA MET C 49 -15.36 -1.12 -3.76
C MET C 49 -15.03 -0.53 -2.40
N THR C 50 -14.17 -1.23 -1.66
CA THR C 50 -13.90 -0.83 -0.28
C THR C 50 -13.20 0.53 -0.19
N GLU C 51 -12.13 0.73 -0.95
CA GLU C 51 -11.41 1.99 -0.90
C GLU C 51 -12.09 3.06 -1.78
N GLY C 52 -12.75 2.66 -2.85
CA GLY C 52 -13.49 3.61 -3.66
C GLY C 52 -14.71 4.14 -2.92
N GLY C 53 -15.29 3.29 -2.06
CA GLY C 53 -16.35 3.70 -1.17
C GLY C 53 -17.77 3.41 -1.65
N ILE C 54 -17.90 2.68 -2.76
CA ILE C 54 -19.23 2.29 -3.28
C ILE C 54 -19.29 0.78 -3.48
N ALA C 55 -20.20 0.15 -2.76
CA ALA C 55 -20.41 -1.29 -2.83
C ALA C 55 -21.32 -1.62 -4.01
N ASP C 56 -20.80 -1.40 -5.21
CA ASP C 56 -21.47 -1.79 -6.43
C ASP C 56 -20.43 -2.54 -7.28
N ARG C 57 -20.63 -3.84 -7.46
CA ARG C 57 -19.58 -4.65 -8.09
C ARG C 57 -19.38 -4.25 -9.55
N GLU C 58 -20.47 -3.92 -10.24
CA GLU C 58 -20.38 -3.50 -11.64
C GLU C 58 -19.61 -2.20 -11.82
N LEU C 59 -19.90 -1.21 -10.96
CA LEU C 59 -19.17 0.07 -11.05
C LEU C 59 -17.69 -0.10 -10.75
N ALA C 60 -17.37 -0.92 -9.76
CA ALA C 60 -15.98 -1.17 -9.43
C ALA C 60 -15.26 -1.89 -10.57
N ALA C 61 -15.93 -2.87 -11.20
CA ALA C 61 -15.35 -3.59 -12.33
C ALA C 61 -15.20 -2.67 -13.53
N LEU C 62 -16.17 -1.77 -13.69
CA LEU C 62 -16.08 -0.75 -14.74
C LEU C 62 -14.87 0.17 -14.53
N ALA C 63 -14.66 0.60 -13.31
CA ALA C 63 -13.50 1.44 -13.02
C ALA C 63 -12.21 0.69 -13.31
N LEU C 64 -12.19 -0.59 -12.96
CA LEU C 64 -11.00 -1.39 -13.22
C LEU C 64 -10.73 -1.52 -14.72
N LYS C 65 -11.77 -1.78 -15.51
CA LYS C 65 -11.61 -1.86 -16.95
C LYS C 65 -11.10 -0.52 -17.49
N GLN C 66 -11.74 0.55 -17.06
CA GLN C 66 -11.38 1.87 -17.52
C GLN C 66 -9.94 2.21 -17.18
N ALA C 67 -9.47 1.71 -16.05
CA ALA C 67 -8.13 1.99 -15.55
C ALA C 67 -7.07 0.99 -15.99
N SER C 68 -7.41 0.11 -16.94
CA SER C 68 -6.47 -0.91 -17.41
C SER C 68 -5.94 -1.72 -16.22
N GLY C 69 -6.81 -1.99 -15.26
CA GLY C 69 -6.45 -2.79 -14.11
C GLY C 69 -5.69 -2.12 -12.98
N ASP C 70 -5.33 -0.86 -13.14
CA ASP C 70 -4.62 -0.08 -12.11
C ASP C 70 -5.56 0.17 -10.92
N ASN C 71 -5.35 -0.54 -9.83
CA ASN C 71 -6.27 -0.42 -8.67
C ASN C 71 -6.39 1.00 -8.13
N VAL C 72 -5.27 1.72 -8.10
CA VAL C 72 -5.28 3.07 -7.53
C VAL C 72 -6.09 4.01 -8.41
N GLU C 73 -5.92 3.94 -9.72
CA GLU C 73 -6.71 4.77 -10.64
C GLU C 73 -8.19 4.35 -10.57
N ALA C 74 -8.46 3.04 -10.51
CA ALA C 74 -9.84 2.56 -10.40
C ALA C 74 -10.53 3.03 -9.13
N ILE C 75 -9.81 2.96 -8.02
CA ILE C 75 -10.32 3.48 -6.74
C ILE C 75 -10.68 4.96 -6.87
N PHE C 76 -9.82 5.74 -7.51
CA PHE C 76 -10.07 7.17 -7.63
C PHE C 76 -11.27 7.42 -8.56
N LEU C 77 -11.36 6.67 -9.65
CA LEU C 77 -12.53 6.78 -10.54
C LEU C 77 -13.85 6.54 -9.79
N LEU C 78 -13.87 5.52 -8.94
CA LEU C 78 -15.08 5.18 -8.22
C LEU C 78 -15.37 6.21 -7.13
N ARG C 79 -14.33 6.67 -6.46
CA ARG C 79 -14.48 7.68 -5.42
C ARG C 79 -14.97 9.02 -6.00
N ALA C 80 -14.42 9.41 -7.15
CA ALA C 80 -14.85 10.62 -7.83
C ALA C 80 -16.31 10.53 -8.26
N TYR C 81 -16.73 9.33 -8.69
CA TYR C 81 -18.11 9.13 -9.12
C TYR C 81 -19.08 9.37 -7.97
N ARG C 82 -18.66 9.00 -6.78
CA ARG C 82 -19.42 9.19 -5.56
C ARG C 82 -19.96 10.61 -5.45
N THR C 83 -19.10 11.56 -5.77
CA THR C 83 -19.46 12.95 -5.63
C THR C 83 -20.66 13.35 -6.50
N THR C 84 -20.88 12.65 -7.61
CA THR C 84 -21.94 13.00 -8.54
C THR C 84 -23.30 12.44 -8.16
N LEU C 85 -23.32 11.58 -7.16
CA LEU C 85 -24.55 10.87 -6.78
C LEU C 85 -25.23 11.51 -5.60
N ALA C 86 -26.56 11.51 -5.61
CA ALA C 86 -27.35 11.98 -4.48
C ALA C 86 -27.36 10.96 -3.34
N LYS C 87 -27.23 11.43 -2.10
CA LYS C 87 -27.45 10.56 -0.97
C LYS C 87 -28.95 10.40 -0.80
N LEU C 88 -29.48 9.21 -1.06
CA LEU C 88 -30.92 8.99 -1.00
C LEU C 88 -31.42 8.49 0.34
N ALA C 89 -30.53 7.89 1.13
CA ALA C 89 -30.92 7.30 2.39
C ALA C 89 -29.70 7.00 3.24
N VAL C 90 -29.95 6.80 4.53
CA VAL C 90 -28.94 6.25 5.43
C VAL C 90 -29.45 4.93 5.97
N SER C 91 -28.64 3.89 5.91
CA SER C 91 -29.11 2.56 6.34
C SER C 91 -29.33 2.50 7.85
N GLU C 92 -30.28 1.65 8.25
CA GLU C 92 -30.30 1.18 9.63
C GLU C 92 -28.96 0.49 9.89
N PRO C 93 -28.49 0.54 11.14
CA PRO C 93 -27.17 -0.06 11.34
C PRO C 93 -27.16 -1.55 11.00
N LEU C 94 -26.14 -1.98 10.30
CA LEU C 94 -25.97 -3.40 9.95
C LEU C 94 -25.98 -4.29 11.19
N ASP C 95 -26.50 -5.50 11.03
CA ASP C 95 -26.50 -6.50 12.10
C ASP C 95 -25.75 -7.73 11.63
N THR C 96 -24.49 -7.84 12.00
CA THR C 96 -23.68 -8.92 11.48
C THR C 96 -24.00 -10.26 12.12
N THR C 97 -24.86 -10.28 13.14
CA THR C 97 -25.36 -11.57 13.65
C THR C 97 -26.37 -12.18 12.69
N GLY C 98 -26.84 -11.40 11.73
CA GLY C 98 -27.77 -11.88 10.72
C GLY C 98 -27.12 -12.30 9.41
N MET C 99 -25.80 -12.48 9.43
CA MET C 99 -25.06 -12.81 8.21
C MET C 99 -25.37 -14.23 7.74
N ARG C 100 -25.68 -14.37 6.43
CA ARG C 100 -25.70 -15.72 5.87
CA ARG C 100 -25.74 -15.62 5.69
C ARG C 100 -24.30 -16.01 5.37
N LEU C 101 -23.71 -17.00 6.04
CA LEU C 101 -22.26 -17.20 5.96
C LEU C 101 -21.74 -17.90 4.71
N GLU C 102 -20.71 -17.29 4.13
CA GLU C 102 -19.85 -17.92 3.14
C GLU C 102 -18.64 -18.57 3.83
N ARG C 103 -18.23 -18.00 4.96
CA ARG C 103 -16.98 -18.37 5.61
C ARG C 103 -17.00 -17.88 7.06
N ARG C 104 -16.51 -18.71 7.97
CA ARG C 104 -16.42 -18.32 9.38
C ARG C 104 -15.33 -19.11 10.07
N ILE C 105 -14.29 -18.41 10.50
CA ILE C 105 -13.22 -19.05 11.24
C ILE C 105 -12.88 -18.30 12.52
N SER C 106 -12.22 -19.01 13.42
CA SER C 106 -11.72 -18.42 14.65
C SER C 106 -10.40 -19.08 15.01
N ALA C 107 -9.38 -18.27 15.25
CA ALA C 107 -8.08 -18.79 15.64
C ALA C 107 -7.95 -19.16 17.12
N VAL C 108 -8.88 -18.73 17.96
CA VAL C 108 -8.66 -18.81 19.41
C VAL C 108 -9.18 -20.06 20.10
N TYR C 109 -10.03 -20.83 19.43
CA TYR C 109 -10.42 -22.16 19.89
C TYR C 109 -10.37 -23.14 18.72
N LYS C 110 -10.03 -24.40 19.04
CA LYS C 110 -10.02 -25.47 18.07
C LYS C 110 -11.35 -25.59 17.34
N ASP C 111 -12.43 -25.69 18.11
CA ASP C 111 -13.77 -25.72 17.54
C ASP C 111 -14.68 -24.80 18.36
N ILE C 112 -15.74 -24.31 17.71
CA ILE C 112 -16.64 -23.31 18.28
C ILE C 112 -18.06 -23.64 17.85
N PRO C 113 -19.07 -23.08 18.55
CA PRO C 113 -20.43 -23.34 18.10
C PRO C 113 -20.68 -22.80 16.69
N GLY C 114 -21.21 -23.64 15.81
CA GLY C 114 -21.38 -23.28 14.41
C GLY C 114 -20.21 -23.76 13.57
N GLY C 115 -19.08 -24.02 14.22
CA GLY C 115 -17.94 -24.64 13.57
C GLY C 115 -17.00 -23.74 12.79
N GLN C 116 -15.88 -24.33 12.36
CA GLN C 116 -14.93 -23.68 11.49
C GLN C 116 -15.38 -23.93 10.05
N LEU C 117 -15.77 -22.87 9.36
CA LEU C 117 -16.31 -22.94 8.02
C LEU C 117 -15.32 -22.26 7.07
N LEU C 118 -14.51 -23.05 6.37
CA LEU C 118 -13.42 -22.43 5.62
C LEU C 118 -13.94 -21.61 4.45
N GLY C 119 -15.03 -22.06 3.84
CA GLY C 119 -15.62 -21.36 2.70
C GLY C 119 -14.68 -21.32 1.51
N PRO C 120 -14.96 -20.45 0.53
CA PRO C 120 -14.00 -20.24 -0.56
C PRO C 120 -12.75 -19.53 -0.02
N THR C 121 -11.56 -20.11 -0.19
CA THR C 121 -10.36 -19.45 0.28
C THR C 121 -9.13 -19.94 -0.48
N TYR C 122 -8.12 -19.08 -0.53
CA TYR C 122 -6.79 -19.44 -1.03
C TYR C 122 -5.94 -19.91 0.13
N ASP C 123 -6.44 -19.78 1.36
CA ASP C 123 -5.71 -20.33 2.50
C ASP C 123 -5.44 -21.82 2.25
N TYR C 124 -4.21 -22.22 2.55
CA TYR C 124 -3.75 -23.60 2.51
C TYR C 124 -3.51 -24.08 1.08
N THR C 125 -3.61 -23.18 0.10
CA THR C 125 -3.17 -23.55 -1.26
C THR C 125 -1.66 -23.58 -1.29
N HIS C 126 -1.12 -24.46 -2.13
CA HIS C 126 0.28 -24.41 -2.48
C HIS C 126 0.43 -23.46 -3.68
N ARG C 127 1.18 -22.38 -3.50
CA ARG C 127 1.28 -21.35 -4.53
C ARG C 127 2.25 -21.77 -5.63
N LEU C 128 1.70 -22.59 -6.52
CA LEU C 128 2.38 -23.07 -7.71
C LEU C 128 1.60 -22.53 -8.92
N LEU C 129 2.25 -21.75 -9.79
CA LEU C 129 1.55 -21.24 -10.97
C LEU C 129 0.86 -22.35 -11.74
N ASP C 130 -0.41 -22.13 -12.07
CA ASP C 130 -1.25 -23.15 -12.67
C ASP C 130 -1.37 -22.90 -14.17
N PHE C 131 -0.52 -23.56 -14.93
CA PHE C 131 -0.48 -23.30 -16.37
C PHE C 131 -1.68 -23.86 -17.11
N THR C 132 -2.53 -24.67 -16.45
CA THR C 132 -3.76 -25.10 -17.12
C THR C 132 -4.70 -23.92 -17.35
N LEU C 133 -4.47 -22.81 -16.63
CA LEU C 133 -5.29 -21.60 -16.80
C LEU C 133 -4.98 -20.84 -18.10
N LEU C 134 -3.98 -21.33 -18.84
CA LEU C 134 -3.63 -20.77 -20.15
C LEU C 134 -4.55 -21.24 -21.26
N ALA C 135 -5.35 -22.26 -20.97
CA ALA C 135 -6.37 -22.71 -21.90
C ALA C 135 -7.71 -22.68 -21.19
N ASN C 136 -8.79 -22.79 -21.94
CA ASN C 136 -10.10 -22.94 -21.33
C ASN C 136 -10.09 -24.18 -20.43
N GLY C 137 -10.81 -24.10 -19.31
CA GLY C 137 -10.91 -25.24 -18.41
C GLY C 137 -12.32 -25.41 -17.88
N GLU C 138 -12.51 -26.41 -17.04
CA GLU C 138 -13.78 -26.67 -16.38
C GLU C 138 -13.67 -26.39 -14.89
N ALA C 139 -14.64 -25.66 -14.35
CA ALA C 139 -14.72 -25.46 -12.91
C ALA C 139 -15.15 -26.77 -12.26
N PRO C 140 -14.80 -26.97 -10.97
CA PRO C 140 -15.14 -28.22 -10.30
C PRO C 140 -16.65 -28.42 -10.11
N THR C 141 -17.10 -29.66 -10.08
CA THR C 141 -18.46 -29.97 -9.64
C THR C 141 -18.47 -29.95 -8.12
N LEU C 142 -19.13 -28.96 -7.53
CA LEU C 142 -19.07 -28.78 -6.07
C LEU C 142 -19.81 -29.88 -5.33
N THR C 143 -19.15 -30.45 -4.33
CA THR C 143 -19.82 -31.40 -3.45
C THR C 143 -20.71 -30.60 -2.51
N THR C 144 -21.75 -31.27 -2.01
CA THR C 144 -22.69 -30.66 -1.10
C THR C 144 -22.81 -31.45 0.17
N ALA C 145 -23.08 -30.72 1.26
CA ALA C 145 -23.40 -31.31 2.55
C ALA C 145 -24.81 -30.86 2.91
N ASP C 146 -25.14 -30.86 4.20
CA ASP C 146 -26.48 -30.44 4.63
C ASP C 146 -26.64 -28.95 4.41
N SER C 147 -27.86 -28.51 4.11
CA SER C 147 -28.07 -27.14 3.64
C SER C 147 -28.36 -26.11 4.73
N GLU C 148 -28.46 -26.54 5.99
CA GLU C 148 -28.79 -25.59 7.06
C GLU C 148 -27.56 -24.88 7.59
N GLN C 149 -27.71 -23.59 7.90
CA GLN C 149 -26.65 -22.84 8.58
C GLN C 149 -26.78 -23.07 10.08
N GLN C 150 -25.69 -23.49 10.70
CA GLN C 150 -25.69 -23.77 12.13
C GLN C 150 -25.71 -22.47 12.92
N PRO C 151 -26.18 -22.51 14.17
CA PRO C 151 -26.09 -21.32 15.03
C PRO C 151 -24.63 -20.90 15.18
N SER C 152 -24.34 -19.64 14.87
CA SER C 152 -22.97 -19.17 14.85
C SER C 152 -22.83 -17.87 15.62
N PRO C 153 -22.86 -17.96 16.95
CA PRO C 153 -22.67 -16.78 17.78
C PRO C 153 -21.30 -16.18 17.59
N HIS C 154 -21.18 -14.88 17.73
CA HIS C 154 -19.87 -14.24 17.68
C HIS C 154 -18.99 -14.74 18.81
N VAL C 155 -17.73 -15.02 18.48
CA VAL C 155 -16.78 -15.49 19.46
C VAL C 155 -16.63 -14.46 20.59
N PHE C 156 -16.69 -13.17 20.27
CA PHE C 156 -16.59 -12.15 21.32
C PHE C 156 -17.78 -12.13 22.25
N SER C 157 -18.93 -12.62 21.79
CA SER C 157 -20.08 -12.79 22.68
C SER C 157 -19.83 -13.94 23.66
N LEU C 158 -19.15 -14.97 23.19
CA LEU C 158 -18.78 -16.08 24.08
C LEU C 158 -17.80 -15.60 25.15
N LEU C 159 -16.85 -14.77 24.74
CA LEU C 159 -15.83 -14.24 25.65
C LEU C 159 -16.44 -13.29 26.65
N ALA C 160 -17.32 -12.42 26.15
CA ALA C 160 -17.94 -11.41 27.00
C ALA C 160 -18.89 -12.04 28.01
N ARG C 161 -19.61 -13.08 27.61
CA ARG C 161 -20.51 -13.75 28.54
C ARG C 161 -19.74 -14.45 29.65
N GLN C 162 -18.49 -14.81 29.39
CA GLN C 162 -17.62 -15.37 30.43
C GLN C 162 -16.96 -14.29 31.26
N GLY C 163 -17.14 -13.03 30.86
CA GLY C 163 -16.46 -11.92 31.51
C GLY C 163 -14.99 -11.78 31.16
N LEU C 164 -14.54 -12.40 30.08
CA LEU C 164 -13.12 -12.33 29.66
C LEU C 164 -12.85 -11.19 28.69
N ALA C 165 -13.93 -10.66 28.13
CA ALA C 165 -13.89 -9.47 27.29
C ALA C 165 -15.10 -8.62 27.67
N LYS C 166 -15.14 -7.40 27.17
CA LYS C 166 -16.28 -6.52 27.39
C LYS C 166 -17.06 -6.35 26.12
N PHE C 167 -18.39 -6.43 26.23
CA PHE C 167 -19.26 -6.10 25.10
C PHE C 167 -19.02 -4.69 24.62
N GLU C 168 -19.13 -4.50 23.31
CA GLU C 168 -19.13 -3.16 22.75
C GLU C 168 -20.55 -2.63 22.90
N GLU C 169 -20.71 -1.55 23.64
CA GLU C 169 -22.04 -1.03 23.90
C GLU C 169 -22.28 0.26 23.11
N ASP C 170 -23.56 0.51 22.82
CA ASP C 170 -23.99 1.69 22.08
C ASP C 170 -24.50 2.74 23.06
N SER C 171 -23.83 3.88 23.11
CA SER C 171 -24.28 4.98 23.97
C SER C 171 -25.28 5.85 23.22
N GLY C 172 -25.42 5.59 21.92
CA GLY C 172 -26.30 6.38 21.07
C GLY C 172 -25.56 7.51 20.36
N ALA C 173 -24.26 7.62 20.57
CA ALA C 173 -23.46 8.70 19.98
C ALA C 173 -23.60 8.77 18.45
N GLN C 174 -23.78 9.98 17.93
CA GLN C 174 -23.88 10.17 16.48
C GLN C 174 -22.49 10.02 15.87
N PRO C 175 -22.35 9.16 14.86
CA PRO C 175 -21.03 8.99 14.24
C PRO C 175 -20.57 10.22 13.48
N ASP C 176 -19.28 10.47 13.50
CA ASP C 176 -18.68 11.51 12.68
C ASP C 176 -18.57 11.01 11.26
N ASP C 177 -18.59 11.95 10.32
CA ASP C 177 -18.57 11.63 8.91
C ASP C 177 -17.50 12.45 8.22
N ILE C 178 -16.35 11.84 7.94
CA ILE C 178 -15.27 12.59 7.31
C ILE C 178 -15.57 12.94 5.87
N THR C 179 -16.67 12.45 5.30
CA THR C 179 -17.00 12.87 3.94
C THR C 179 -17.70 14.25 4.00
N ARG C 180 -18.08 14.68 5.21
CA ARG C 180 -18.78 15.95 5.38
C ARG C 180 -17.93 16.99 6.10
N THR C 181 -17.11 16.51 7.02
CA THR C 181 -16.32 17.40 7.87
C THR C 181 -14.87 17.00 7.73
N PRO C 182 -13.97 17.99 7.58
CA PRO C 182 -12.59 17.55 7.37
C PRO C 182 -12.02 16.99 8.67
N PRO C 183 -11.04 16.09 8.58
CA PRO C 183 -10.50 15.55 9.82
C PRO C 183 -9.73 16.58 10.62
N VAL C 184 -9.96 16.63 11.93
CA VAL C 184 -9.12 17.43 12.83
C VAL C 184 -8.77 16.61 14.07
N TYR C 185 -7.49 16.26 14.18
CA TYR C 185 -7.07 15.31 15.21
C TYR C 185 -7.05 15.97 16.57
N PRO C 186 -7.39 15.20 17.63
CA PRO C 186 -7.75 13.78 17.59
C PRO C 186 -9.20 13.52 17.16
N CYS C 187 -9.44 12.34 16.61
CA CYS C 187 -10.73 11.97 16.05
C CYS C 187 -11.37 10.89 16.92
N SER C 188 -12.70 10.84 16.93
CA SER C 188 -13.43 9.79 17.60
C SER C 188 -13.12 8.45 16.95
N ARG C 189 -13.35 7.36 17.66
CA ARG C 189 -13.13 6.05 17.07
C ARG C 189 -14.05 5.84 15.85
N SER C 190 -15.26 6.42 15.87
CA SER C 190 -16.13 6.27 14.70
C SER C 190 -15.50 6.90 13.46
N SER C 191 -14.81 8.03 13.64
CA SER C 191 -14.09 8.66 12.54
C SER C 191 -12.87 7.85 12.11
N ARG C 192 -12.12 7.34 13.09
CA ARG C 192 -10.95 6.56 12.77
C ARG C 192 -11.32 5.32 11.96
N LEU C 193 -12.40 4.63 12.36
CA LEU C 193 -12.79 3.41 11.65
C LEU C 193 -13.25 3.71 10.23
N GLN C 194 -13.99 4.80 10.05
CA GLN C 194 -14.44 5.21 8.74
C GLN C 194 -13.24 5.45 7.82
N GLN C 195 -12.25 6.16 8.34
CA GLN C 195 -11.04 6.46 7.57
C GLN C 195 -10.23 5.21 7.26
N LEU C 196 -10.14 4.29 8.22
CA LEU C 196 -9.38 3.08 8.00
C LEU C 196 -10.05 2.24 6.91
N MET C 197 -11.38 2.22 6.87
CA MET C 197 -12.02 1.39 5.86
C MET C 197 -11.63 1.87 4.46
N ARG C 198 -11.48 3.18 4.31
CA ARG C 198 -11.15 3.85 3.05
C ARG C 198 -9.67 3.82 2.72
N GLY C 199 -8.85 3.40 3.68
CA GLY C 199 -7.40 3.52 3.58
C GLY C 199 -6.71 2.49 2.73
N ASP C 200 -5.49 2.80 2.31
CA ASP C 200 -4.76 1.91 1.40
C ASP C 200 -4.39 0.58 2.04
N GLU C 201 -4.77 -0.51 1.37
CA GLU C 201 -4.55 -1.84 1.92
C GLU C 201 -3.08 -2.10 2.25
N GLY C 202 -2.20 -1.75 1.32
CA GLY C 202 -0.78 -2.01 1.48
C GLY C 202 -0.15 -1.21 2.60
N TYR C 203 -0.52 0.07 2.70
CA TYR C 203 -0.01 0.90 3.76
C TYR C 203 -0.50 0.41 5.12
N LEU C 204 -1.78 0.14 5.25
CA LEU C 204 -2.30 -0.28 6.53
C LEU C 204 -1.76 -1.67 6.89
N LEU C 205 -1.57 -2.53 5.90
CA LEU C 205 -0.95 -3.84 6.18
C LEU C 205 0.46 -3.70 6.74
N ALA C 206 1.25 -2.81 6.15
CA ALA C 206 2.63 -2.61 6.60
C ALA C 206 2.65 -2.07 8.04
N LEU C 207 1.78 -1.11 8.35
CA LEU C 207 1.71 -0.59 9.71
C LEU C 207 1.28 -1.68 10.70
N ALA C 208 0.25 -2.44 10.35
CA ALA C 208 -0.20 -3.56 11.18
C ALA C 208 0.93 -4.56 11.43
N TYR C 209 1.63 -4.92 10.35
CA TYR C 209 2.79 -5.80 10.40
C TYR C 209 3.84 -5.27 11.35
N SER C 210 4.09 -3.96 11.30
CA SER C 210 5.11 -3.39 12.18
C SER C 210 4.68 -3.56 13.64
N THR C 211 3.39 -3.50 13.96
CA THR C 211 2.99 -3.71 15.36
C THR C 211 3.22 -5.19 15.77
N GLN C 212 3.03 -6.11 14.83
CA GLN C 212 3.28 -7.52 15.09
C GLN C 212 4.75 -7.81 15.40
N ARG C 213 5.62 -6.97 14.85
CA ARG C 213 7.07 -7.09 15.08
C ARG C 213 7.60 -6.21 16.23
N GLY C 214 6.71 -5.60 17.01
CA GLY C 214 7.11 -4.94 18.24
C GLY C 214 7.09 -3.42 18.24
N TYR C 215 6.72 -2.82 17.10
CA TYR C 215 6.61 -1.36 17.03
C TYR C 215 5.19 -0.97 17.45
N GLY C 216 4.93 -0.93 18.76
CA GLY C 216 3.57 -0.70 19.25
C GLY C 216 2.74 -1.98 19.29
N ARG C 217 3.26 -3.01 19.96
CA ARG C 217 2.61 -4.32 19.97
C ARG C 217 1.23 -4.27 20.62
N ASN C 218 0.30 -5.13 20.16
CA ASN C 218 -0.98 -5.26 20.86
C ASN C 218 -1.48 -6.70 20.97
N HIS C 219 -0.54 -7.64 20.83
CA HIS C 219 -0.77 -9.07 21.10
C HIS C 219 -2.07 -9.59 20.48
N PRO C 220 -2.14 -9.57 19.14
CA PRO C 220 -3.39 -9.91 18.45
C PRO C 220 -3.64 -11.39 18.27
N PHE C 221 -4.92 -11.73 18.33
CA PHE C 221 -5.43 -13.02 17.91
C PHE C 221 -6.63 -12.74 17.03
N ALA C 222 -6.82 -13.56 15.99
CA ALA C 222 -8.04 -13.50 15.20
C ALA C 222 -9.18 -14.22 15.93
N GLY C 223 -9.93 -13.45 16.70
CA GLY C 223 -11.09 -13.95 17.42
C GLY C 223 -12.12 -14.52 16.46
N GLU C 224 -12.37 -13.77 15.38
CA GLU C 224 -13.30 -14.25 14.38
C GLU C 224 -13.12 -13.52 13.05
N ILE C 225 -13.24 -14.26 11.97
CA ILE C 225 -13.45 -13.65 10.66
C ILE C 225 -14.68 -14.31 10.07
N ARG C 226 -15.65 -13.52 9.66
CA ARG C 226 -16.82 -14.05 9.00
C ARG C 226 -17.10 -13.24 7.73
N SER C 227 -17.42 -13.96 6.67
CA SER C 227 -17.78 -13.39 5.39
C SER C 227 -19.15 -13.91 5.00
N GLY C 228 -19.96 -13.03 4.43
CA GLY C 228 -21.30 -13.44 4.08
C GLY C 228 -22.24 -12.28 3.81
N TYR C 229 -23.50 -12.61 3.59
CA TYR C 229 -24.47 -11.62 3.17
C TYR C 229 -25.27 -11.07 4.35
N ILE C 230 -25.38 -9.74 4.37
CA ILE C 230 -26.16 -9.01 5.37
C ILE C 230 -27.22 -8.17 4.70
N ASP C 231 -28.45 -8.25 5.20
CA ASP C 231 -29.54 -7.44 4.70
C ASP C 231 -29.33 -5.97 5.05
N VAL C 232 -29.72 -5.10 4.12
CA VAL C 232 -29.67 -3.66 4.32
C VAL C 232 -31.08 -3.11 4.30
N SER C 233 -31.37 -2.27 5.29
CA SER C 233 -32.69 -1.68 5.44
C SER C 233 -32.59 -0.17 5.58
N ILE C 234 -33.65 0.51 5.15
CA ILE C 234 -33.79 1.95 5.32
C ILE C 234 -35.19 2.24 5.83
N VAL C 235 -35.39 3.43 6.39
CA VAL C 235 -36.73 3.88 6.80
C VAL C 235 -37.07 5.13 5.98
N PRO C 236 -37.79 4.94 4.85
CA PRO C 236 -38.11 6.09 4.01
C PRO C 236 -39.13 7.00 4.65
N GLU C 237 -38.93 8.31 4.56
CA GLU C 237 -39.88 9.26 5.09
C GLU C 237 -41.28 9.04 4.51
N GLU C 238 -41.34 8.57 3.26
CA GLU C 238 -42.64 8.39 2.59
C GLU C 238 -43.49 7.36 3.30
N LEU C 239 -42.87 6.43 4.01
CA LEU C 239 -43.59 5.28 4.58
C LEU C 239 -43.52 5.20 6.09
N GLY C 240 -42.38 5.60 6.65
CA GLY C 240 -42.23 5.61 8.10
C GLY C 240 -42.02 4.24 8.73
N PHE C 241 -41.80 3.22 7.91
CA PHE C 241 -41.42 1.90 8.42
C PHE C 241 -40.25 1.37 7.61
N ALA C 242 -39.57 0.36 8.15
CA ALA C 242 -38.35 -0.15 7.56
C ALA C 242 -38.64 -0.95 6.28
N VAL C 243 -37.79 -0.76 5.27
CA VAL C 243 -37.89 -1.54 4.04
C VAL C 243 -36.53 -2.18 3.78
N ASN C 244 -36.58 -3.46 3.41
CA ASN C 244 -35.38 -4.25 3.13
C ASN C 244 -35.01 -4.07 1.66
N VAL C 245 -33.89 -3.42 1.38
CA VAL C 245 -33.58 -2.98 0.02
C VAL C 245 -32.65 -3.93 -0.73
N GLY C 246 -32.10 -4.90 0.00
CA GLY C 246 -31.19 -5.86 -0.60
C GLY C 246 -30.20 -6.37 0.43
N GLU C 247 -29.05 -6.81 -0.05
CA GLU C 247 -28.03 -7.37 0.82
C GLU C 247 -26.65 -7.01 0.33
N LEU C 248 -25.70 -7.00 1.25
CA LEU C 248 -24.29 -6.79 0.93
C LEU C 248 -23.46 -7.98 1.37
N LEU C 249 -22.58 -8.41 0.48
CA LEU C 249 -21.52 -9.34 0.84
C LEU C 249 -20.41 -8.58 1.55
N MET C 250 -20.14 -8.97 2.79
CA MET C 250 -19.15 -8.27 3.58
C MET C 250 -18.31 -9.22 4.41
N THR C 251 -17.16 -8.73 4.85
CA THR C 251 -16.25 -9.50 5.69
C THR C 251 -15.99 -8.70 6.96
N GLU C 252 -16.16 -9.36 8.10
CA GLU C 252 -15.99 -8.75 9.42
C GLU C 252 -14.88 -9.46 10.18
N CYS C 253 -13.96 -8.68 10.73
CA CYS C 253 -12.87 -9.25 11.52
C CYS C 253 -12.91 -8.65 12.92
N GLU C 254 -12.86 -9.54 13.92
CA GLU C 254 -12.69 -9.13 15.30
C GLU C 254 -11.41 -9.71 15.86
N MET C 255 -10.52 -8.83 16.27
CA MET C 255 -9.24 -9.21 16.88
C MET C 255 -9.31 -9.15 18.39
N VAL C 256 -8.79 -10.17 19.05
CA VAL C 256 -8.55 -10.10 20.48
C VAL C 256 -7.18 -9.48 20.67
N ASN C 257 -7.08 -8.52 21.58
CA ASN C 257 -5.80 -7.88 21.87
C ASN C 257 -5.48 -7.99 23.36
N GLY C 258 -4.32 -7.46 23.74
CA GLY C 258 -3.73 -7.70 25.06
C GLY C 258 -4.69 -7.37 26.19
N PHE C 259 -4.71 -8.20 27.24
CA PHE C 259 -5.60 -7.88 28.34
C PHE C 259 -5.06 -6.74 29.18
N ILE C 260 -6.00 -6.04 29.80
CA ILE C 260 -5.69 -4.98 30.74
C ILE C 260 -6.33 -5.29 32.08
N ASP C 261 -5.85 -4.61 33.11
CA ASP C 261 -6.33 -4.81 34.47
C ASP C 261 -6.78 -3.48 35.03
N PRO C 262 -8.05 -3.11 34.78
CA PRO C 262 -8.51 -1.81 35.28
C PRO C 262 -8.78 -1.82 36.78
N PRO C 263 -8.80 -0.63 37.39
CA PRO C 263 -9.12 -0.52 38.81
C PRO C 263 -10.55 -0.96 39.13
N GLY C 264 -10.71 -1.84 40.12
CA GLY C 264 -12.02 -2.24 40.56
C GLY C 264 -12.56 -3.47 39.85
N GLU C 265 -12.55 -3.46 38.52
CA GLU C 265 -13.14 -4.56 37.77
C GLU C 265 -12.11 -5.62 37.34
N PRO C 266 -12.59 -6.83 37.02
CA PRO C 266 -11.65 -7.90 36.67
C PRO C 266 -10.84 -7.56 35.42
N PRO C 267 -9.63 -8.11 35.31
CA PRO C 267 -8.90 -7.93 34.05
C PRO C 267 -9.62 -8.56 32.86
N HIS C 268 -9.41 -8.03 31.68
CA HIS C 268 -10.10 -8.49 30.46
C HIS C 268 -9.34 -8.16 29.18
N PHE C 269 -9.60 -8.91 28.12
CA PHE C 269 -9.04 -8.62 26.83
C PHE C 269 -9.53 -7.30 26.25
N THR C 270 -8.69 -6.69 25.43
CA THR C 270 -9.08 -5.57 24.58
C THR C 270 -9.32 -6.12 23.17
N ARG C 271 -9.70 -5.26 22.23
CA ARG C 271 -10.14 -5.74 20.92
C ARG C 271 -10.02 -4.71 19.81
N GLY C 272 -10.07 -5.22 18.58
CA GLY C 272 -10.07 -4.38 17.38
C GLY C 272 -11.11 -4.90 16.40
N TYR C 273 -11.52 -4.02 15.49
CA TYR C 273 -12.60 -4.28 14.56
C TYR C 273 -12.26 -3.86 13.13
N GLY C 274 -12.55 -4.75 12.19
CA GLY C 274 -12.41 -4.45 10.77
C GLY C 274 -13.65 -4.90 10.01
N LEU C 275 -13.98 -4.17 8.96
CA LEU C 275 -15.16 -4.45 8.17
C LEU C 275 -14.94 -3.93 6.76
N VAL C 276 -15.13 -4.80 5.77
CA VAL C 276 -14.91 -4.43 4.37
C VAL C 276 -16.00 -5.04 3.49
N PHE C 277 -16.09 -4.56 2.25
CA PHE C 277 -16.97 -5.16 1.24
C PHE C 277 -16.29 -6.36 0.59
N GLY C 278 -17.06 -7.42 0.35
CA GLY C 278 -16.57 -8.55 -0.40
C GLY C 278 -15.92 -9.60 0.47
N MET C 279 -15.09 -10.42 -0.16
CA MET C 279 -14.45 -11.56 0.50
C MET C 279 -13.03 -11.29 0.95
N SER C 280 -12.38 -10.29 0.37
CA SER C 280 -10.96 -10.08 0.63
C SER C 280 -10.72 -9.64 2.07
N GLU C 281 -10.00 -10.45 2.81
CA GLU C 281 -9.89 -10.31 4.27
C GLU C 281 -8.75 -9.45 4.79
N ARG C 282 -7.63 -9.40 4.08
CA ARG C 282 -6.43 -8.91 4.72
C ARG C 282 -6.61 -7.43 5.09
N LYS C 283 -7.41 -6.68 4.34
CA LYS C 283 -7.70 -5.29 4.67
C LYS C 283 -8.49 -5.21 6.00
N ALA C 284 -9.47 -6.10 6.17
CA ALA C 284 -10.25 -6.13 7.41
C ALA C 284 -9.33 -6.43 8.58
N MET C 285 -8.37 -7.33 8.38
CA MET C 285 -7.44 -7.67 9.46
C MET C 285 -6.54 -6.49 9.79
N ALA C 286 -6.02 -5.83 8.76
CA ALA C 286 -5.16 -4.66 8.96
C ALA C 286 -5.93 -3.55 9.66
N MET C 287 -7.17 -3.36 9.23
CA MET C 287 -8.04 -2.36 9.82
C MET C 287 -8.23 -2.61 11.32
N ALA C 288 -8.50 -3.85 11.70
CA ALA C 288 -8.66 -4.20 13.11
C ALA C 288 -7.40 -3.97 13.92
N LEU C 289 -6.24 -4.31 13.36
CA LEU C 289 -4.98 -4.18 14.07
C LEU C 289 -4.59 -2.72 14.27
N VAL C 290 -4.81 -1.90 13.25
CA VAL C 290 -4.50 -0.48 13.39
C VAL C 290 -5.58 0.23 14.23
N ASP C 291 -6.83 -0.25 14.17
CA ASP C 291 -7.89 0.23 15.08
C ASP C 291 -7.39 0.11 16.51
N ARG C 292 -6.89 -1.06 16.88
CA ARG C 292 -6.45 -1.25 18.27
C ARG C 292 -5.28 -0.34 18.57
N ALA C 293 -4.34 -0.23 17.62
CA ALA C 293 -3.18 0.65 17.82
C ALA C 293 -3.61 2.07 18.14
N LEU C 294 -4.62 2.55 17.43
CA LEU C 294 -5.10 3.93 17.60
C LEU C 294 -6.09 4.09 18.75
N GLN C 295 -6.35 3.03 19.49
CA GLN C 295 -7.07 3.15 20.75
C GLN C 295 -6.13 3.59 21.87
N ALA C 296 -4.86 3.85 21.53
CA ALA C 296 -3.89 4.30 22.54
C ALA C 296 -4.41 5.41 23.48
N PRO C 297 -5.09 6.45 22.94
CA PRO C 297 -5.54 7.51 23.86
C PRO C 297 -6.55 7.03 24.91
N GLU C 298 -7.49 6.18 24.50
CA GLU C 298 -8.50 5.66 25.42
C GLU C 298 -7.87 4.80 26.52
N TYR C 299 -6.73 4.19 26.24
CA TYR C 299 -6.10 3.30 27.19
C TYR C 299 -4.87 3.92 27.84
N GLY C 300 -4.64 5.20 27.58
CA GLY C 300 -3.51 5.90 28.17
C GLY C 300 -2.19 5.24 27.79
N GLU C 301 -2.12 4.75 26.56
CA GLU C 301 -0.90 4.10 26.07
C GLU C 301 0.01 5.13 25.41
N HIS C 302 1.30 5.02 25.69
CA HIS C 302 2.30 5.86 25.06
C HIS C 302 2.65 5.29 23.69
N ALA C 303 2.51 6.11 22.65
CA ALA C 303 2.78 5.66 21.29
C ALA C 303 4.28 5.47 21.10
N THR C 304 4.67 4.22 20.89
CA THR C 304 6.07 3.88 20.65
C THR C 304 6.35 3.53 19.19
N GLY C 305 5.30 3.23 18.41
CA GLY C 305 5.48 2.94 17.01
C GLY C 305 4.61 3.83 16.14
N PRO C 306 4.96 3.97 14.86
CA PRO C 306 4.18 4.85 13.99
C PRO C 306 2.70 4.47 13.89
N ALA C 307 2.34 3.19 14.01
CA ALA C 307 0.96 2.77 13.87
C ALA C 307 0.05 3.33 14.97
N GLN C 308 0.67 3.78 16.06
CA GLN C 308 -0.04 4.35 17.19
C GLN C 308 -0.14 5.87 17.09
N ASP C 309 0.49 6.44 16.05
CA ASP C 309 0.58 7.91 15.89
C ASP C 309 -0.60 8.33 15.02
N GLU C 310 -1.62 8.91 15.64
CA GLU C 310 -2.90 9.08 14.96
C GLU C 310 -2.77 9.92 13.70
N GLU C 311 -2.18 11.10 13.84
CA GLU C 311 -2.04 11.98 12.68
C GLU C 311 -1.16 11.35 11.62
N PHE C 312 -0.05 10.73 12.02
CA PHE C 312 0.81 10.13 11.02
C PHE C 312 0.12 9.02 10.24
N VAL C 313 -0.63 8.17 10.94
CA VAL C 313 -1.33 7.10 10.26
C VAL C 313 -2.42 7.63 9.33
N LEU C 314 -3.32 8.43 9.87
CA LEU C 314 -4.53 8.80 9.14
C LEU C 314 -4.26 9.85 8.08
N ALA C 315 -3.28 10.74 8.29
CA ALA C 315 -3.01 11.77 7.29
C ALA C 315 -2.43 11.17 6.02
N HIS C 316 -1.85 9.98 6.12
CA HIS C 316 -1.17 9.39 4.98
C HIS C 316 -1.83 8.08 4.53
N ALA C 317 -3.10 7.90 4.89
CA ALA C 317 -3.78 6.61 4.64
C ALA C 317 -4.58 6.51 3.33
N ASP C 318 -5.25 7.58 2.95
CA ASP C 318 -6.19 7.54 1.82
C ASP C 318 -5.43 7.69 0.50
N ASN C 319 -5.40 6.66 -0.34
CA ASN C 319 -4.52 6.74 -1.50
C ASN C 319 -5.06 7.69 -2.53
N VAL C 320 -6.32 8.08 -2.42
CA VAL C 320 -6.85 9.15 -3.27
C VAL C 320 -6.08 10.47 -3.01
N GLU C 321 -5.71 10.70 -1.74
CA GLU C 321 -4.85 11.83 -1.37
C GLU C 321 -3.37 11.54 -1.68
N VAL C 322 -2.89 10.38 -1.25
CA VAL C 322 -1.49 10.01 -1.36
C VAL C 322 -0.99 9.95 -2.80
N ALA C 323 -1.67 9.15 -3.61
CA ALA C 323 -1.26 8.94 -5.00
C ALA C 323 -1.43 10.22 -5.82
N GLY C 324 -2.46 11.00 -5.51
CA GLY C 324 -2.66 12.26 -6.19
C GLY C 324 -1.47 13.20 -5.98
N PHE C 325 -1.00 13.32 -4.75
CA PHE C 325 0.07 14.28 -4.48
C PHE C 325 1.43 13.74 -4.92
N VAL C 326 1.68 12.44 -4.80
CA VAL C 326 2.95 11.96 -5.32
C VAL C 326 2.96 12.19 -6.83
N SER C 327 1.87 11.83 -7.50
CA SER C 327 1.86 11.91 -8.96
C SER C 327 1.85 13.35 -9.45
N HIS C 328 1.41 14.30 -8.63
CA HIS C 328 1.32 15.70 -9.07
C HIS C 328 2.71 16.30 -9.38
N LEU C 329 3.77 15.64 -8.91
CA LEU C 329 5.12 16.07 -9.27
C LEU C 329 5.36 16.07 -10.80
N LYS C 330 4.53 15.33 -11.55
CA LYS C 330 4.59 15.29 -13.01
C LYS C 330 4.05 16.55 -13.67
N LEU C 331 3.29 17.33 -12.93
CA LEU C 331 2.82 18.63 -13.41
C LEU C 331 4.01 19.53 -13.65
N PRO C 332 3.86 20.49 -14.58
CA PRO C 332 4.95 21.47 -14.72
C PRO C 332 5.25 22.18 -13.40
N HIS C 333 6.53 22.32 -13.09
CA HIS C 333 6.97 22.99 -11.87
C HIS C 333 8.13 23.92 -12.22
N TYR C 334 8.18 24.41 -13.45
CA TYR C 334 9.38 25.12 -13.90
C TYR C 334 9.53 26.52 -13.28
N VAL C 335 8.43 27.17 -12.92
CA VAL C 335 8.47 28.47 -12.25
C VAL C 335 9.17 28.34 -10.88
N ASP C 336 8.77 27.35 -10.11
CA ASP C 336 9.38 27.09 -8.80
C ASP C 336 10.81 26.60 -8.95
N PHE C 337 11.08 25.72 -9.90
CA PHE C 337 12.43 25.24 -10.10
C PHE C 337 13.35 26.37 -10.54
N GLN C 338 12.83 27.30 -11.33
CA GLN C 338 13.63 28.43 -11.79
C GLN C 338 14.00 29.33 -10.61
N ALA C 339 13.08 29.48 -9.67
CA ALA C 339 13.35 30.22 -8.44
C ALA C 339 14.49 29.56 -7.66
N GLU C 340 14.50 28.23 -7.61
CA GLU C 340 15.58 27.50 -6.93
C GLU C 340 16.90 27.66 -7.67
N LEU C 341 16.84 27.53 -9.00
CA LEU C 341 18.02 27.71 -9.85
C LEU C 341 18.63 29.08 -9.68
N GLU C 342 17.77 30.09 -9.59
CA GLU C 342 18.23 31.47 -9.55
C GLU C 342 19.11 31.65 -8.30
N LEU C 343 18.67 31.02 -7.21
CA LEU C 343 19.43 31.08 -5.96
C LEU C 343 20.68 30.24 -6.03
N LEU C 344 20.56 29.01 -6.51
CA LEU C 344 21.70 28.10 -6.53
C LEU C 344 22.83 28.67 -7.38
N LYS C 345 22.49 29.26 -8.53
CA LYS C 345 23.47 29.89 -9.40
C LYS C 345 24.21 31.02 -8.67
N ARG C 346 23.46 31.80 -7.90
CA ARG C 346 24.03 32.89 -7.12
C ARG C 346 24.99 32.33 -6.06
N LEU C 347 24.60 31.24 -5.42
CA LEU C 347 25.42 30.62 -4.38
C LEU C 347 26.74 30.10 -4.97
N GLN C 348 26.67 29.48 -6.14
CA GLN C 348 27.88 29.04 -6.82
C GLN C 348 28.81 30.22 -7.14
N GLN C 349 28.23 31.29 -7.70
CA GLN C 349 28.98 32.48 -8.07
C GLN C 349 29.69 33.10 -6.86
N GLU C 350 29.13 32.91 -5.68
CA GLU C 350 29.69 33.49 -4.46
C GLU C 350 30.75 32.59 -3.84
N GLN C 351 31.13 31.53 -4.54
CA GLN C 351 32.23 30.67 -4.14
C GLN C 351 33.32 30.56 -5.22
N ASN C 352 34.51 30.16 -4.80
CA ASN C 352 35.67 30.07 -5.68
C ASN C 352 36.57 28.89 -5.30
N HIS C 353 36.59 27.88 -6.16
CA HIS C 353 37.29 26.63 -5.87
C HIS C 353 38.33 26.28 -6.93
N ALA D 2 -25.25 28.14 -18.38
CA ALA D 2 -24.82 27.80 -19.73
C ALA D 2 -24.28 26.38 -19.79
N ASN D 3 -24.60 25.60 -18.76
CA ASN D 3 -24.17 24.22 -18.61
C ASN D 3 -25.03 23.24 -19.43
N LEU D 4 -24.41 22.44 -20.28
CA LEU D 4 -25.16 21.41 -21.02
C LEU D 4 -24.46 20.05 -20.96
N SER D 5 -24.05 19.66 -19.76
CA SER D 5 -23.32 18.41 -19.52
C SER D 5 -24.19 17.30 -18.95
N GLY D 6 -25.26 17.69 -18.25
CA GLY D 6 -26.04 16.77 -17.46
C GLY D 6 -25.71 16.93 -15.97
N TYR D 7 -24.59 17.59 -15.71
CA TYR D 7 -24.16 17.84 -14.34
C TYR D 7 -24.81 19.13 -13.86
N ASN D 8 -24.78 19.33 -12.55
CA ASN D 8 -25.18 20.61 -11.98
CA ASN D 8 -25.18 20.61 -11.99
C ASN D 8 -24.31 21.71 -12.58
N PHE D 9 -24.85 22.93 -12.63
CA PHE D 9 -24.02 24.07 -13.01
C PHE D 9 -22.77 24.10 -12.11
N ALA D 10 -21.61 24.13 -12.75
CA ALA D 10 -20.30 24.13 -12.10
C ALA D 10 -20.01 22.84 -11.31
N TYR D 11 -20.70 21.75 -11.68
CA TYR D 11 -20.42 20.38 -11.22
C TYR D 11 -20.80 20.09 -9.77
N LEU D 12 -20.30 20.91 -8.85
CA LEU D 12 -20.63 20.76 -7.43
C LEU D 12 -22.14 20.86 -7.19
N ASP D 13 -22.66 20.10 -6.23
CA ASP D 13 -24.06 20.28 -5.86
C ASP D 13 -24.17 21.51 -4.98
N GLU D 14 -25.41 21.95 -4.76
CA GLU D 14 -25.65 23.23 -4.07
C GLU D 14 -25.21 23.20 -2.61
N GLN D 15 -25.35 22.05 -1.95
CA GLN D 15 -24.91 21.96 -0.57
C GLN D 15 -23.40 22.16 -0.47
N THR D 16 -22.65 21.58 -1.38
CA THR D 16 -21.20 21.75 -1.38
C THR D 16 -20.79 23.20 -1.65
N LYS D 17 -21.45 23.85 -2.61
CA LYS D 17 -21.16 25.26 -2.87
C LYS D 17 -21.45 26.11 -1.63
N ARG D 18 -22.56 25.77 -0.97
CA ARG D 18 -23.04 26.54 0.18
C ARG D 18 -22.01 26.46 1.31
N MET D 19 -21.52 25.25 1.56
CA MET D 19 -20.55 25.01 2.59
C MET D 19 -19.23 25.75 2.28
N ILE D 20 -18.84 25.76 1.01
CA ILE D 20 -17.64 26.49 0.59
C ILE D 20 -17.85 28.00 0.69
N ARG D 21 -19.06 28.46 0.33
CA ARG D 21 -19.39 29.88 0.41
C ARG D 21 -19.30 30.37 1.85
N ARG D 22 -19.80 29.58 2.79
CA ARG D 22 -19.68 29.93 4.20
C ARG D 22 -18.22 30.01 4.62
N ALA D 23 -17.41 29.07 4.16
CA ALA D 23 -15.99 29.07 4.48
C ALA D 23 -15.27 30.28 3.88
N ILE D 24 -15.59 30.64 2.63
CA ILE D 24 -14.99 31.84 2.02
C ILE D 24 -15.28 33.09 2.88
N LEU D 25 -16.53 33.25 3.30
CA LEU D 25 -16.90 34.43 4.05
C LEU D 25 -16.17 34.47 5.40
N LYS D 26 -15.97 33.32 6.02
CA LYS D 26 -15.20 33.29 7.27
C LYS D 26 -13.77 33.65 7.00
N ALA D 27 -13.23 33.13 5.88
CA ALA D 27 -11.85 33.39 5.51
C ALA D 27 -11.60 34.87 5.29
N VAL D 28 -12.54 35.55 4.62
CA VAL D 28 -12.43 36.99 4.38
C VAL D 28 -12.41 37.77 5.69
N ALA D 29 -13.22 37.33 6.64
CA ALA D 29 -13.35 38.00 7.93
C ALA D 29 -12.14 37.73 8.86
N ILE D 30 -11.36 36.71 8.52
CA ILE D 30 -10.20 36.30 9.34
C ILE D 30 -8.99 36.15 8.41
N PRO D 31 -8.46 37.28 7.93
CA PRO D 31 -7.51 37.24 6.81
C PRO D 31 -6.24 36.42 7.08
N GLY D 32 -5.99 35.46 6.22
CA GLY D 32 -4.82 34.61 6.32
C GLY D 32 -4.99 33.36 7.15
N TYR D 33 -6.11 33.25 7.86
CA TYR D 33 -6.42 32.07 8.65
C TYR D 33 -6.91 30.96 7.73
N GLN D 34 -6.36 29.78 7.93
CA GLN D 34 -6.71 28.61 7.14
C GLN D 34 -7.99 27.97 7.63
N VAL D 35 -9.08 28.21 6.92
CA VAL D 35 -10.40 27.69 7.31
C VAL D 35 -10.58 26.25 6.83
N PRO D 36 -10.82 25.31 7.77
CA PRO D 36 -11.12 23.95 7.31
C PRO D 36 -12.44 23.85 6.55
N PHE D 37 -12.49 23.00 5.52
CA PHE D 37 -13.75 22.81 4.79
C PHE D 37 -13.88 21.38 4.32
N GLY D 38 -15.13 20.91 4.22
CA GLY D 38 -15.44 19.54 3.85
C GLY D 38 -15.37 19.30 2.36
N GLY D 39 -14.18 19.47 1.80
CA GLY D 39 -13.99 19.33 0.38
C GLY D 39 -14.29 17.94 -0.10
N ARG D 40 -14.60 17.82 -1.39
CA ARG D 40 -15.04 16.58 -2.02
C ARG D 40 -14.14 16.17 -3.15
N GLU D 41 -14.04 14.87 -3.42
CA GLU D 41 -13.27 14.40 -4.56
C GLU D 41 -13.83 14.92 -5.88
N MET D 42 -12.92 15.39 -6.72
CA MET D 42 -13.25 16.00 -8.02
C MET D 42 -12.74 15.11 -9.16
N PRO D 43 -13.06 15.48 -10.41
CA PRO D 43 -12.56 14.68 -11.55
C PRO D 43 -11.05 14.84 -11.81
N MET D 44 -10.42 15.78 -11.12
CA MET D 44 -8.95 15.95 -11.13
C MET D 44 -8.42 15.33 -9.85
N PRO D 45 -7.26 14.66 -9.93
CA PRO D 45 -6.72 14.07 -8.70
C PRO D 45 -6.40 15.11 -7.65
N TYR D 46 -6.43 14.69 -6.39
CA TYR D 46 -5.92 15.55 -5.34
C TYR D 46 -4.47 15.89 -5.65
N GLY D 47 -4.11 17.14 -5.47
CA GLY D 47 -2.77 17.60 -5.82
C GLY D 47 -2.74 18.33 -7.13
N TRP D 48 -3.80 18.17 -7.92
CA TRP D 48 -3.87 18.75 -9.27
C TRP D 48 -4.87 19.90 -9.39
N GLY D 49 -5.19 20.56 -8.28
CA GLY D 49 -5.91 21.82 -8.30
C GLY D 49 -7.35 21.78 -7.81
N THR D 50 -7.72 20.73 -7.08
CA THR D 50 -9.11 20.55 -6.66
C THR D 50 -9.64 21.63 -5.74
N GLY D 51 -8.78 22.21 -4.91
CA GLY D 51 -9.18 23.33 -4.06
C GLY D 51 -9.55 24.56 -4.88
N GLY D 52 -8.69 24.91 -5.85
CA GLY D 52 -9.03 26.00 -6.75
C GLY D 52 -10.31 25.72 -7.54
N ILE D 53 -10.47 24.49 -8.01
CA ILE D 53 -11.66 24.08 -8.77
C ILE D 53 -12.91 24.27 -7.93
N GLN D 54 -12.84 23.83 -6.66
CA GLN D 54 -14.01 23.94 -5.80
C GLN D 54 -14.34 25.38 -5.46
N LEU D 55 -13.32 26.21 -5.26
CA LEU D 55 -13.54 27.65 -5.10
C LEU D 55 -14.16 28.26 -6.33
N THR D 56 -13.54 28.05 -7.48
CA THR D 56 -14.07 28.63 -8.72
C THR D 56 -15.51 28.18 -8.93
N ALA D 57 -15.78 26.89 -8.72
CA ALA D 57 -17.13 26.39 -8.94
C ALA D 57 -18.15 27.04 -8.00
N SER D 58 -17.71 27.46 -6.82
CA SER D 58 -18.61 28.01 -5.82
C SER D 58 -18.80 29.52 -5.96
N VAL D 59 -17.89 30.19 -6.66
CA VAL D 59 -18.06 31.62 -6.87
C VAL D 59 -18.57 31.97 -8.26
N ILE D 60 -18.31 31.13 -9.26
CA ILE D 60 -18.51 31.54 -10.64
C ILE D 60 -19.99 31.61 -11.02
N GLY D 61 -20.32 32.54 -11.92
CA GLY D 61 -21.68 32.72 -12.42
C GLY D 61 -21.67 32.79 -13.93
N GLU D 62 -22.86 32.73 -14.51
CA GLU D 62 -23.05 32.70 -15.96
C GLU D 62 -22.36 33.83 -16.72
N SER D 63 -22.26 35.00 -16.10
CA SER D 63 -21.74 36.20 -16.78
C SER D 63 -20.26 36.49 -16.46
N ASP D 64 -19.64 35.62 -15.67
CA ASP D 64 -18.21 35.79 -15.40
C ASP D 64 -17.40 35.47 -16.66
N VAL D 65 -16.19 36.02 -16.70
CA VAL D 65 -15.21 35.70 -17.74
C VAL D 65 -14.04 35.06 -17.03
N LEU D 66 -13.82 33.77 -17.32
CA LEU D 66 -12.83 32.97 -16.63
C LEU D 66 -11.50 32.90 -17.38
N LYS D 67 -10.41 33.17 -16.65
CA LYS D 67 -9.05 32.89 -17.13
C LYS D 67 -8.44 31.84 -16.24
N VAL D 68 -7.77 30.85 -16.83
CA VAL D 68 -7.06 29.81 -16.09
C VAL D 68 -5.62 29.73 -16.58
N ILE D 69 -4.68 29.87 -15.65
CA ILE D 69 -3.26 29.81 -15.95
C ILE D 69 -2.54 28.86 -15.02
N ASP D 70 -1.46 28.29 -15.53
CA ASP D 70 -0.61 27.42 -14.77
C ASP D 70 0.81 27.74 -15.22
N GLN D 71 1.67 28.06 -14.27
CA GLN D 71 3.01 28.58 -14.56
C GLN D 71 2.98 29.89 -15.35
N GLY D 72 1.84 30.57 -15.32
CA GLY D 72 1.71 31.86 -15.98
C GLY D 72 1.06 31.75 -17.35
N ALA D 73 0.90 30.51 -17.83
CA ALA D 73 0.46 30.25 -19.20
C ALA D 73 -0.94 29.64 -19.27
N ASP D 74 -1.75 30.12 -20.21
CA ASP D 74 -3.10 29.62 -20.41
C ASP D 74 -3.08 28.25 -21.09
N ASP D 75 -2.02 27.96 -21.85
CA ASP D 75 -1.97 26.72 -22.64
C ASP D 75 -1.33 25.53 -21.92
N THR D 76 -0.85 25.73 -20.71
CA THR D 76 -0.28 24.64 -19.94
C THR D 76 -1.29 23.50 -19.84
N THR D 77 -0.81 22.28 -19.97
CA THR D 77 -1.68 21.12 -19.91
C THR D 77 -2.80 21.20 -18.86
N ASN D 78 -2.44 21.38 -17.59
CA ASN D 78 -3.47 21.33 -16.55
C ASN D 78 -4.40 22.54 -16.59
N ALA D 79 -3.92 23.67 -17.08
CA ALA D 79 -4.80 24.83 -17.26
C ALA D 79 -5.82 24.55 -18.35
N VAL D 80 -5.37 23.94 -19.46
CA VAL D 80 -6.28 23.51 -20.49
C VAL D 80 -7.34 22.56 -19.94
N SER D 81 -6.91 21.59 -19.14
CA SER D 81 -7.81 20.60 -18.56
C SER D 81 -8.87 21.26 -17.66
N ILE D 82 -8.41 22.18 -16.82
CA ILE D 82 -9.31 22.85 -15.89
C ILE D 82 -10.26 23.78 -16.63
N ARG D 83 -9.73 24.56 -17.57
CA ARG D 83 -10.55 25.52 -18.28
C ARG D 83 -11.62 24.80 -19.10
N ASN D 84 -11.23 23.71 -19.76
CA ASN D 84 -12.17 22.97 -20.58
C ASN D 84 -13.24 22.30 -19.72
N PHE D 85 -12.85 21.90 -18.51
CA PHE D 85 -13.82 21.35 -17.56
C PHE D 85 -14.89 22.41 -17.26
N PHE D 86 -14.45 23.61 -16.90
CA PHE D 86 -15.42 24.65 -16.60
C PHE D 86 -16.23 25.05 -17.81
N LYS D 87 -15.64 25.07 -18.99
CA LYS D 87 -16.46 25.32 -20.18
C LYS D 87 -17.57 24.30 -20.28
N ARG D 88 -17.23 23.04 -20.02
CA ARG D 88 -18.19 21.97 -20.16
C ARG D 88 -19.30 22.07 -19.14
N VAL D 89 -18.99 22.44 -17.90
CA VAL D 89 -20.01 22.37 -16.86
C VAL D 89 -20.63 23.72 -16.48
N THR D 90 -20.19 24.82 -17.10
CA THR D 90 -20.83 26.13 -16.90
C THR D 90 -21.12 26.87 -18.19
N GLY D 91 -20.32 26.62 -19.23
CA GLY D 91 -20.45 27.33 -20.49
C GLY D 91 -20.00 28.79 -20.39
N VAL D 92 -19.24 29.16 -19.37
CA VAL D 92 -18.83 30.56 -19.23
C VAL D 92 -17.87 30.99 -20.34
N ASN D 93 -17.92 32.28 -20.66
CA ASN D 93 -16.91 32.90 -21.50
C ASN D 93 -15.56 32.75 -20.83
N THR D 94 -14.53 32.55 -21.64
CA THR D 94 -13.19 32.50 -21.12
C THR D 94 -12.34 33.51 -21.85
N THR D 95 -11.16 33.77 -21.30
CA THR D 95 -10.21 34.68 -21.89
C THR D 95 -8.80 34.32 -21.48
N GLU D 96 -7.85 34.76 -22.28
CA GLU D 96 -6.42 34.74 -21.93
C GLU D 96 -5.93 36.09 -21.41
N ARG D 97 -6.75 37.12 -21.59
CA ARG D 97 -6.37 38.48 -21.21
C ARG D 97 -6.72 38.79 -19.76
N THR D 98 -5.69 38.97 -18.94
CA THR D 98 -5.89 39.31 -17.54
C THR D 98 -6.90 40.43 -17.34
N ASP D 99 -6.77 41.48 -18.17
CA ASP D 99 -7.63 42.67 -18.18
C ASP D 99 -9.12 42.41 -18.33
N ASP D 100 -9.48 41.33 -19.04
CA ASP D 100 -10.86 41.04 -19.39
C ASP D 100 -11.51 40.01 -18.46
N ALA D 101 -10.72 39.39 -17.60
CA ALA D 101 -11.22 38.33 -16.71
C ALA D 101 -11.91 38.92 -15.51
N THR D 102 -12.95 38.24 -15.04
CA THR D 102 -13.55 38.57 -13.75
C THR D 102 -13.08 37.59 -12.69
N VAL D 103 -12.77 36.37 -13.12
CA VAL D 103 -12.21 35.34 -12.24
C VAL D 103 -11.00 34.74 -12.90
N ILE D 104 -9.89 34.72 -12.14
CA ILE D 104 -8.64 34.12 -12.57
C ILE D 104 -8.28 32.99 -11.64
N GLN D 105 -8.23 31.77 -12.18
CA GLN D 105 -7.72 30.64 -11.42
C GLN D 105 -6.27 30.39 -11.83
N THR D 106 -5.38 30.34 -10.85
CA THR D 106 -3.95 30.23 -11.13
C THR D 106 -3.21 29.20 -10.28
N ARG D 107 -2.21 28.59 -10.91
CA ARG D 107 -1.18 27.79 -10.25
C ARG D 107 0.19 28.43 -10.46
N HIS D 108 0.67 29.05 -9.38
CA HIS D 108 2.06 29.50 -9.18
C HIS D 108 2.43 30.83 -9.82
N ARG D 109 1.47 31.59 -10.34
CA ARG D 109 1.77 32.98 -10.75
C ARG D 109 0.65 33.97 -10.44
N ILE D 110 1.06 35.17 -10.05
CA ILE D 110 0.22 36.35 -10.13
C ILE D 110 0.61 37.04 -11.45
N PRO D 111 -0.39 37.39 -12.30
CA PRO D 111 -0.08 38.06 -13.56
C PRO D 111 0.76 39.33 -13.42
N GLU D 112 1.49 39.70 -14.47
CA GLU D 112 2.23 40.95 -14.47
C GLU D 112 1.28 42.13 -14.56
N THR D 113 0.13 41.92 -15.19
CA THR D 113 -0.86 42.98 -15.34
C THR D 113 -1.56 43.20 -14.00
N PRO D 114 -1.53 44.44 -13.47
CA PRO D 114 -2.18 44.67 -12.18
C PRO D 114 -3.67 44.35 -12.20
N LEU D 115 -4.14 43.74 -11.12
CA LEU D 115 -5.54 43.39 -10.99
C LEU D 115 -6.35 44.59 -10.50
N THR D 116 -7.65 44.54 -10.77
CA THR D 116 -8.52 45.69 -10.54
C THR D 116 -9.75 45.29 -9.72
N GLU D 117 -10.52 46.30 -9.32
CA GLU D 117 -11.73 46.09 -8.54
C GLU D 117 -12.65 45.06 -9.19
N ASP D 118 -13.15 44.16 -8.36
CA ASP D 118 -14.14 43.12 -8.67
C ASP D 118 -13.56 41.95 -9.43
N GLN D 119 -12.26 41.98 -9.72
CA GLN D 119 -11.60 40.75 -10.12
C GLN D 119 -11.37 39.89 -8.87
N ILE D 120 -11.46 38.58 -9.07
CA ILE D 120 -11.15 37.60 -8.05
C ILE D 120 -10.07 36.67 -8.59
N ILE D 121 -8.96 36.57 -7.86
CA ILE D 121 -7.91 35.63 -8.21
C ILE D 121 -7.89 34.48 -7.21
N ILE D 122 -7.87 33.26 -7.73
CA ILE D 122 -8.05 32.04 -6.96
C ILE D 122 -6.81 31.19 -7.13
N PHE D 123 -6.08 30.99 -6.04
CA PHE D 123 -4.80 30.30 -6.06
C PHE D 123 -4.94 28.83 -5.70
N GLN D 124 -4.30 27.97 -6.48
CA GLN D 124 -4.17 26.56 -6.13
C GLN D 124 -3.01 26.40 -5.16
N VAL D 125 -3.29 25.75 -4.04
CA VAL D 125 -2.36 25.60 -2.92
C VAL D 125 -2.11 24.14 -2.57
N PRO D 126 -0.84 23.70 -2.54
CA PRO D 126 -0.61 22.33 -2.09
C PRO D 126 -0.56 22.22 -0.59
N ILE D 127 0.31 23.00 0.03
CA ILE D 127 0.50 22.98 1.47
C ILE D 127 0.05 24.34 1.99
N PRO D 128 -1.08 24.38 2.72
CA PRO D 128 -1.62 25.68 3.12
C PRO D 128 -0.97 26.24 4.36
N GLU D 129 -0.17 25.41 5.04
CA GLU D 129 0.38 25.73 6.33
C GLU D 129 1.82 26.22 6.18
N PRO D 130 2.06 27.53 6.31
CA PRO D 130 3.44 28.03 6.15
C PRO D 130 4.43 27.46 7.16
N LEU D 131 3.96 26.92 8.27
CA LEU D 131 4.86 26.34 9.27
C LEU D 131 5.18 24.86 9.01
N ARG D 132 4.61 24.28 7.95
CA ARG D 132 4.59 22.81 7.85
C ARG D 132 5.97 22.17 7.76
N PHE D 133 6.93 22.83 7.13
CA PHE D 133 8.27 22.23 6.99
C PHE D 133 9.15 22.55 8.19
N ILE D 134 8.59 23.26 9.19
CA ILE D 134 9.23 23.41 10.48
C ILE D 134 8.59 22.42 11.45
N GLU D 135 7.28 22.32 11.38
CA GLU D 135 6.46 21.50 12.25
C GLU D 135 5.44 20.70 11.43
N PRO D 136 5.68 19.38 11.25
CA PRO D 136 4.82 18.62 10.34
C PRO D 136 3.43 18.32 10.89
N ARG D 137 3.22 18.46 12.19
CA ARG D 137 1.92 18.13 12.79
C ARG D 137 0.94 19.28 12.82
N GLU D 138 -0.23 19.06 12.23
CA GLU D 138 -1.31 20.05 12.29
C GLU D 138 -1.83 20.24 13.70
N THR D 139 -1.74 19.21 14.54
CA THR D 139 -2.13 19.33 15.94
C THR D 139 -1.30 20.41 16.65
N GLU D 140 -0.08 20.65 16.17
CA GLU D 140 0.76 21.68 16.78
C GLU D 140 0.62 23.04 16.05
N THR D 141 0.62 23.01 14.72
CA THR D 141 0.63 24.26 13.96
C THR D 141 -0.68 25.04 14.15
N ARG D 142 -1.78 24.32 14.37
CA ARG D 142 -3.06 25.00 14.62
C ARG D 142 -2.97 25.88 15.87
N THR D 143 -2.29 25.36 16.87
CA THR D 143 -2.14 26.08 18.13
C THR D 143 -1.10 27.19 17.98
N MET D 144 -0.07 26.96 17.18
CA MET D 144 0.90 28.03 16.91
C MET D 144 0.20 29.24 16.28
N HIS D 145 -0.68 28.97 15.31
CA HIS D 145 -1.47 30.08 14.76
C HIS D 145 -2.40 30.71 15.78
N ALA D 146 -3.06 29.90 16.60
CA ALA D 146 -3.98 30.42 17.61
C ALA D 146 -3.28 31.44 18.50
N LEU D 147 -2.03 31.11 18.86
CA LEU D 147 -1.30 31.90 19.83
C LEU D 147 -0.33 32.90 19.20
N GLU D 148 -0.32 32.96 17.87
CA GLU D 148 0.59 33.83 17.14
C GLU D 148 2.06 33.51 17.49
N GLU D 149 2.36 32.22 17.66
CA GLU D 149 3.71 31.80 18.03
C GLU D 149 4.48 31.49 16.74
N TYR D 150 5.13 32.51 16.22
CA TYR D 150 5.77 32.44 14.91
C TYR D 150 7.30 32.62 14.99
N GLY D 151 7.80 32.70 16.21
CA GLY D 151 9.21 32.97 16.47
C GLY D 151 10.13 31.96 15.81
N VAL D 152 9.69 30.71 15.70
CA VAL D 152 10.54 29.68 15.13
C VAL D 152 10.86 29.99 13.65
N MET D 153 9.98 30.70 12.96
CA MET D 153 10.25 31.06 11.58
CA MET D 153 10.25 31.06 11.57
C MET D 153 11.44 32.00 11.50
N GLN D 154 11.62 32.86 12.50
CA GLN D 154 12.78 33.75 12.51
C GLN D 154 14.09 32.97 12.67
N VAL D 155 14.05 31.89 13.45
CA VAL D 155 15.24 31.07 13.64
C VAL D 155 15.60 30.40 12.30
N LYS D 156 14.57 29.95 11.59
CA LYS D 156 14.76 29.28 10.31
C LYS D 156 15.41 30.24 9.29
N LEU D 157 14.92 31.48 9.22
CA LEU D 157 15.52 32.47 8.33
C LEU D 157 16.98 32.76 8.68
N TYR D 158 17.26 32.89 9.98
CA TYR D 158 18.61 33.15 10.45
C TYR D 158 19.55 32.04 10.04
N GLU D 159 19.04 30.82 10.15
CA GLU D 159 19.83 29.64 9.88
C GLU D 159 20.18 29.53 8.41
N ASP D 160 19.22 29.82 7.54
CA ASP D 160 19.49 29.97 6.11
C ASP D 160 20.65 30.93 5.88
N ILE D 161 20.56 32.11 6.49
CA ILE D 161 21.55 33.16 6.28
C ILE D 161 22.91 32.73 6.82
N ALA D 162 22.90 32.01 7.93
CA ALA D 162 24.15 31.53 8.52
C ALA D 162 24.80 30.48 7.62
N ARG D 163 23.98 29.64 7.04
CA ARG D 163 24.47 28.52 6.26
C ARG D 163 24.88 28.94 4.84
N PHE D 164 24.04 29.76 4.21
CA PHE D 164 24.19 30.09 2.79
C PHE D 164 24.49 31.57 2.50
N GLY D 165 24.28 32.43 3.48
CA GLY D 165 24.45 33.86 3.27
C GLY D 165 23.19 34.53 2.75
N HIS D 166 22.14 33.73 2.54
CA HIS D 166 20.86 34.23 2.05
C HIS D 166 19.71 33.39 2.57
N ILE D 167 18.52 33.99 2.58
CA ILE D 167 17.29 33.25 2.81
C ILE D 167 17.13 32.25 1.68
N ALA D 168 16.84 30.99 2.01
CA ALA D 168 16.83 29.94 1.01
C ALA D 168 15.44 29.63 0.47
N THR D 169 14.40 30.26 1.02
CA THR D 169 13.05 30.12 0.50
C THR D 169 12.90 31.00 -0.73
N THR D 170 12.60 30.40 -1.90
CA THR D 170 12.60 31.16 -3.15
C THR D 170 11.19 31.28 -3.74
N TYR D 171 10.28 30.44 -3.27
CA TYR D 171 8.88 30.50 -3.67
C TYR D 171 8.02 30.04 -2.47
N ALA D 172 6.72 30.27 -2.54
CA ALA D 172 5.82 30.10 -1.38
C ALA D 172 6.43 30.76 -0.16
N TYR D 173 6.89 31.98 -0.35
CA TYR D 173 7.62 32.71 0.66
C TYR D 173 6.62 33.32 1.66
N PRO D 174 6.78 33.01 2.95
CA PRO D 174 5.72 33.38 3.92
C PRO D 174 5.47 34.89 4.00
N VAL D 175 4.20 35.25 4.21
CA VAL D 175 3.79 36.63 4.36
C VAL D 175 2.93 36.83 5.60
N LYS D 176 3.03 38.03 6.16
CA LYS D 176 2.19 38.45 7.28
C LYS D 176 1.02 39.26 6.71
N VAL D 177 -0.20 38.84 7.05
CA VAL D 177 -1.41 39.44 6.47
C VAL D 177 -2.19 40.29 7.49
N ASN D 178 -2.47 41.55 7.14
CA ASN D 178 -3.20 42.45 8.03
C ASN D 178 -2.55 42.54 9.42
N GLY D 179 -1.22 42.45 9.43
CA GLY D 179 -0.44 42.57 10.63
C GLY D 179 -0.63 41.48 11.67
N ARG D 180 -1.18 40.33 11.29
CA ARG D 180 -1.44 39.26 12.24
C ARG D 180 -1.03 37.88 11.68
N TYR D 181 -1.94 37.19 10.97
CA TYR D 181 -1.65 35.83 10.55
C TYR D 181 -0.49 35.77 9.58
N VAL D 182 0.36 34.77 9.80
CA VAL D 182 1.35 34.39 8.83
C VAL D 182 0.71 33.37 7.90
N MET D 183 0.82 33.65 6.61
CA MET D 183 0.13 32.89 5.55
C MET D 183 1.09 32.40 4.49
N ASP D 184 0.81 31.23 3.92
CA ASP D 184 1.49 30.72 2.73
C ASP D 184 0.80 31.30 1.49
N PRO D 185 1.54 32.01 0.64
CA PRO D 185 0.91 32.66 -0.54
C PRO D 185 0.68 31.72 -1.73
N SER D 186 0.87 30.42 -1.49
CA SER D 186 0.96 29.39 -2.52
C SER D 186 2.32 29.50 -3.24
N PRO D 187 2.65 28.50 -4.06
CA PRO D 187 3.99 28.44 -4.67
C PRO D 187 4.25 29.43 -5.79
N ILE D 188 3.78 30.67 -5.64
CA ILE D 188 4.24 31.75 -6.48
C ILE D 188 5.69 32.04 -6.11
N PRO D 189 6.50 32.51 -7.08
CA PRO D 189 7.87 32.92 -6.77
C PRO D 189 7.87 34.16 -5.87
N LYS D 190 8.95 34.38 -5.12
CA LYS D 190 9.11 35.59 -4.29
C LYS D 190 8.74 36.85 -5.07
N PHE D 191 9.17 36.84 -6.32
CA PHE D 191 8.93 37.92 -7.27
C PHE D 191 7.50 38.47 -7.25
N ASP D 192 6.52 37.59 -7.07
CA ASP D 192 5.11 37.97 -7.09
C ASP D 192 4.58 38.49 -5.75
N ASN D 193 5.27 38.21 -4.64
CA ASN D 193 4.73 38.58 -3.33
C ASN D 193 4.34 40.07 -3.21
N PRO D 194 5.15 40.99 -3.76
CA PRO D 194 4.81 42.41 -3.58
C PRO D 194 3.48 42.77 -4.19
N LYS D 195 3.03 41.98 -5.15
CA LYS D 195 1.77 42.24 -5.84
C LYS D 195 0.56 42.03 -4.94
N MET D 196 0.74 41.29 -3.85
CA MET D 196 -0.36 40.94 -2.97
C MET D 196 -0.73 42.05 -2.02
N ASP D 197 0.17 43.01 -1.83
CA ASP D 197 -0.01 44.06 -0.86
C ASP D 197 -0.93 45.15 -1.39
N MET D 198 -2.02 45.42 -0.67
CA MET D 198 -2.95 46.52 -0.98
C MET D 198 -3.42 46.46 -2.44
N MET D 199 -3.78 45.25 -2.85
CA MET D 199 -4.31 44.95 -4.18
C MET D 199 -5.82 45.27 -4.22
N PRO D 200 -6.32 45.85 -5.32
CA PRO D 200 -7.77 46.12 -5.40
C PRO D 200 -8.67 44.88 -5.56
N ALA D 201 -8.06 43.76 -5.97
CA ALA D 201 -8.78 42.52 -6.20
C ALA D 201 -8.84 41.66 -4.94
N LEU D 202 -9.79 40.74 -4.93
CA LEU D 202 -9.91 39.74 -3.87
C LEU D 202 -9.05 38.53 -4.18
N GLN D 203 -8.32 38.04 -3.18
CA GLN D 203 -7.50 36.85 -3.32
C GLN D 203 -8.06 35.71 -2.49
N LEU D 204 -8.33 34.58 -3.15
CA LEU D 204 -8.76 33.36 -2.48
C LEU D 204 -7.75 32.26 -2.71
N PHE D 205 -7.61 31.40 -1.70
CA PHE D 205 -6.63 30.32 -1.72
C PHE D 205 -7.32 29.01 -1.37
N GLY D 206 -7.11 27.99 -2.20
CA GLY D 206 -7.77 26.71 -2.05
C GLY D 206 -6.80 25.56 -2.04
N ALA D 207 -6.80 24.82 -0.94
CA ALA D 207 -6.02 23.60 -0.76
C ALA D 207 -6.97 22.44 -0.61
N GLY D 208 -7.25 21.75 -1.71
CA GLY D 208 -8.28 20.73 -1.69
C GLY D 208 -7.92 19.48 -0.93
N ARG D 209 -6.73 18.96 -1.19
CA ARG D 209 -6.27 17.76 -0.51
C ARG D 209 -6.11 17.98 0.98
N GLU D 210 -5.59 19.14 1.37
CA GLU D 210 -5.39 19.47 2.79
C GLU D 210 -6.61 20.13 3.44
N LYS D 211 -7.65 20.38 2.64
CA LYS D 211 -8.98 20.80 3.13
C LYS D 211 -8.96 22.17 3.82
N ARG D 212 -8.30 23.14 3.20
CA ARG D 212 -8.27 24.51 3.73
C ARG D 212 -8.59 25.54 2.66
N ILE D 213 -9.32 26.57 3.08
CA ILE D 213 -9.59 27.76 2.29
C ILE D 213 -9.14 28.99 3.06
N TYR D 214 -8.48 29.93 2.38
CA TYR D 214 -8.17 31.19 3.05
C TYR D 214 -8.21 32.33 2.06
N ALA D 215 -8.08 33.54 2.59
CA ALA D 215 -8.37 34.73 1.81
C ALA D 215 -7.61 35.96 2.25
N VAL D 216 -7.39 36.86 1.29
CA VAL D 216 -6.89 38.21 1.57
C VAL D 216 -7.87 39.17 0.89
N PRO D 217 -8.61 39.94 1.69
CA PRO D 217 -9.51 40.95 1.12
C PRO D 217 -8.76 41.96 0.31
N PRO D 218 -9.46 42.65 -0.60
CA PRO D 218 -8.86 43.82 -1.23
C PRO D 218 -8.23 44.78 -0.22
N PHE D 219 -7.19 45.49 -0.63
CA PHE D 219 -6.66 46.57 0.19
C PHE D 219 -6.31 46.08 1.60
N THR D 220 -5.53 45.00 1.64
CA THR D 220 -5.01 44.47 2.89
C THR D 220 -3.50 44.43 2.85
N ARG D 221 -2.88 44.76 3.98
CA ARG D 221 -1.43 44.65 4.09
C ARG D 221 -1.00 43.19 3.95
N VAL D 222 -0.03 42.95 3.08
CA VAL D 222 0.62 41.66 2.92
C VAL D 222 2.13 41.92 2.85
N GLU D 223 2.87 41.46 3.85
CA GLU D 223 4.29 41.77 3.94
C GLU D 223 5.10 40.50 4.15
N SER D 224 6.04 40.29 3.24
CA SER D 224 6.96 39.16 3.31
C SER D 224 7.78 39.22 4.58
N LEU D 225 8.02 38.06 5.19
CA LEU D 225 8.79 38.00 6.42
C LEU D 225 10.24 38.34 6.12
N ASP D 226 10.88 39.08 7.01
CA ASP D 226 12.28 39.42 6.84
C ASP D 226 12.92 39.66 8.19
N PHE D 227 14.10 40.30 8.16
CA PHE D 227 14.72 40.86 9.35
C PHE D 227 14.76 42.38 9.26
N ASP D 228 14.97 43.06 10.38
CA ASP D 228 15.20 44.49 10.34
C ASP D 228 16.51 44.76 9.57
N ASP D 229 17.35 43.73 9.45
CA ASP D 229 18.68 43.84 8.86
C ASP D 229 18.80 43.33 7.43
N HIS D 230 18.03 42.31 7.08
CA HIS D 230 18.16 41.59 5.82
C HIS D 230 16.90 41.77 4.94
N PRO D 231 16.98 42.60 3.89
CA PRO D 231 15.72 42.97 3.24
C PRO D 231 15.30 42.04 2.11
N PHE D 232 13.99 41.98 1.89
CA PHE D 232 13.37 41.18 0.84
C PHE D 232 13.86 41.55 -0.57
N THR D 233 14.24 40.55 -1.35
CA THR D 233 14.68 40.73 -2.75
C THR D 233 14.01 39.71 -3.66
N VAL D 234 14.02 39.95 -4.96
CA VAL D 234 13.32 39.06 -5.88
C VAL D 234 14.22 38.53 -6.98
N GLN D 235 13.70 37.53 -7.72
CA GLN D 235 14.44 36.88 -8.78
C GLN D 235 14.83 37.86 -9.89
N GLN D 236 16.07 37.68 -10.37
CA GLN D 236 16.69 38.52 -11.39
C GLN D 236 17.28 37.65 -12.48
N TRP D 237 17.36 38.19 -13.69
CA TRP D 237 18.05 37.54 -14.80
C TRP D 237 18.91 38.56 -15.52
N ASP D 238 19.96 38.09 -16.18
CA ASP D 238 20.82 38.96 -16.99
C ASP D 238 20.32 39.07 -18.43
N GLU D 239 19.06 38.72 -18.65
CA GLU D 239 18.49 38.78 -19.99
C GLU D 239 17.06 39.29 -20.02
N PRO D 240 16.67 39.92 -21.14
CA PRO D 240 15.29 40.29 -21.40
C PRO D 240 14.55 39.09 -21.97
N CYS D 241 13.23 39.15 -22.02
CA CYS D 241 12.46 38.14 -22.74
C CYS D 241 12.97 38.10 -24.20
N ALA D 242 13.26 36.90 -24.68
CA ALA D 242 13.75 36.70 -26.02
C ALA D 242 12.68 36.98 -27.07
N ILE D 243 11.42 37.00 -26.64
CA ILE D 243 10.32 37.21 -27.58
C ILE D 243 9.87 38.67 -27.60
N CYS D 244 9.56 39.23 -26.44
CA CYS D 244 8.97 40.58 -26.39
C CYS D 244 9.94 41.64 -25.88
N GLY D 245 11.08 41.22 -25.33
CA GLY D 245 12.10 42.15 -24.91
C GLY D 245 11.92 42.72 -23.52
N SER D 246 10.84 42.35 -22.84
CA SER D 246 10.59 42.87 -21.51
C SER D 246 11.66 42.46 -20.50
N THR D 247 12.06 43.42 -19.68
CA THR D 247 13.01 43.19 -18.60
C THR D 247 12.33 43.18 -17.23
N HIS D 248 11.01 43.34 -17.21
CA HIS D 248 10.26 43.49 -15.95
C HIS D 248 9.43 42.27 -15.54
N SER D 249 9.55 41.19 -16.29
CA SER D 249 8.72 40.01 -16.11
C SER D 249 9.51 38.85 -15.54
N TYR D 250 8.79 37.94 -14.89
CA TYR D 250 9.37 36.69 -14.41
C TYR D 250 9.59 35.80 -15.62
N LEU D 251 10.79 35.26 -15.75
CA LEU D 251 11.19 34.54 -16.95
C LEU D 251 11.25 33.02 -16.79
N ASP D 252 10.95 32.32 -17.89
CA ASP D 252 11.13 30.87 -18.02
C ASP D 252 12.44 30.59 -18.72
N GLU D 253 13.12 29.55 -18.27
CA GLU D 253 14.33 29.08 -18.93
C GLU D 253 14.00 27.89 -19.84
N VAL D 254 14.17 28.06 -21.14
CA VAL D 254 13.85 27.01 -22.10
C VAL D 254 15.14 26.44 -22.65
N VAL D 255 15.36 25.15 -22.45
CA VAL D 255 16.58 24.50 -22.92
C VAL D 255 16.37 24.04 -24.36
N LEU D 256 17.18 24.59 -25.24
CA LEU D 256 16.92 24.49 -26.67
C LEU D 256 17.57 23.27 -27.31
N ASP D 257 18.75 22.88 -26.83
CA ASP D 257 19.43 21.76 -27.45
C ASP D 257 20.30 20.98 -26.49
N ASP D 258 20.85 19.90 -27.04
CA ASP D 258 21.68 18.95 -26.33
C ASP D 258 22.86 19.67 -25.67
N ALA D 259 23.40 20.66 -26.37
CA ALA D 259 24.47 21.50 -25.84
C ALA D 259 23.92 22.41 -24.74
N GLY D 260 24.60 23.53 -24.49
CA GLY D 260 24.21 24.41 -23.42
C GLY D 260 23.39 25.62 -23.84
N ASN D 261 22.67 25.52 -24.96
CA ASN D 261 21.93 26.67 -25.49
C ASN D 261 20.54 26.79 -24.90
N ARG D 262 20.20 28.01 -24.52
CA ARG D 262 18.98 28.29 -23.77
C ARG D 262 18.37 29.60 -24.22
N MET D 263 17.11 29.77 -23.86
CA MET D 263 16.33 30.94 -24.17
C MET D 263 15.55 31.31 -22.91
N PHE D 264 15.44 32.60 -22.62
CA PHE D 264 14.61 33.07 -21.52
C PHE D 264 13.41 33.87 -22.04
N VAL D 265 12.22 33.47 -21.60
CA VAL D 265 10.97 34.07 -22.06
C VAL D 265 9.96 34.26 -20.93
N CYS D 266 9.05 35.22 -21.13
CA CYS D 266 8.02 35.49 -20.14
C CYS D 266 7.26 34.26 -19.71
N SER D 267 7.12 34.11 -18.40
CA SER D 267 6.26 33.09 -17.81
C SER D 267 4.80 33.44 -18.05
N ASP D 268 4.46 34.71 -17.86
CA ASP D 268 3.12 35.23 -18.13
C ASP D 268 2.95 35.43 -19.63
N THR D 269 2.28 34.48 -20.29
CA THR D 269 2.28 34.42 -21.75
C THR D 269 1.31 35.46 -22.33
N ASP D 270 0.30 35.86 -21.55
CA ASP D 270 -0.60 36.94 -21.95
C ASP D 270 0.14 38.28 -21.95
N TYR D 271 0.90 38.53 -20.88
CA TYR D 271 1.69 39.75 -20.80
C TYR D 271 2.67 39.83 -21.96
N CYS D 272 3.30 38.71 -22.27
CA CYS D 272 4.26 38.64 -23.35
C CYS D 272 3.63 39.01 -24.67
N ARG D 273 2.44 38.46 -24.92
CA ARG D 273 1.67 38.78 -26.12
C ARG D 273 1.39 40.28 -26.19
N GLN D 274 0.92 40.85 -25.09
CA GLN D 274 0.62 42.29 -24.99
C GLN D 274 1.82 43.14 -25.39
N GLN D 275 2.94 42.85 -24.75
CA GLN D 275 4.18 43.59 -24.97
C GLN D 275 4.63 43.53 -26.42
N SER D 276 4.58 42.34 -27.01
CA SER D 276 5.16 42.16 -28.33
C SER D 276 4.27 42.76 -29.42
N GLU D 277 2.95 42.71 -29.24
CA GLU D 277 2.04 43.21 -30.25
C GLU D 277 1.90 44.73 -30.15
N ALA D 278 2.57 45.30 -29.16
CA ALA D 278 2.57 46.75 -28.97
C ALA D 278 3.96 47.34 -29.23
N HIS E 2 36.31 -7.62 -36.32
CA HIS E 2 35.11 -7.70 -35.50
C HIS E 2 33.86 -7.55 -36.37
N ALA E 3 34.01 -7.20 -37.65
CA ALA E 3 32.84 -7.14 -38.52
C ALA E 3 32.18 -8.52 -38.62
N ASP E 4 32.97 -9.59 -38.60
CA ASP E 4 32.40 -10.94 -38.60
C ASP E 4 31.66 -11.22 -37.29
N THR E 5 32.24 -10.82 -36.17
CA THR E 5 31.54 -10.85 -34.89
C THR E 5 30.28 -10.00 -34.91
N ALA E 6 30.41 -8.76 -35.37
CA ALA E 6 29.28 -7.86 -35.48
C ALA E 6 28.17 -8.48 -36.33
N THR E 7 28.55 -9.12 -37.43
CA THR E 7 27.57 -9.75 -38.31
C THR E 7 26.77 -10.83 -37.59
N ARG E 8 27.46 -11.67 -36.84
CA ARG E 8 26.77 -12.71 -36.07
C ARG E 8 25.93 -12.08 -34.96
N GLN E 9 26.45 -11.07 -34.27
CA GLN E 9 25.67 -10.43 -33.22
C GLN E 9 24.38 -9.90 -33.80
N HIS E 10 24.46 -9.36 -35.01
CA HIS E 10 23.29 -8.83 -35.68
C HIS E 10 22.26 -9.92 -35.98
N TRP E 11 22.65 -11.05 -36.58
CA TRP E 11 21.62 -12.02 -36.91
C TRP E 11 21.03 -12.64 -35.65
N MET E 12 21.83 -12.79 -34.60
CA MET E 12 21.28 -13.31 -33.34
C MET E 12 20.25 -12.35 -32.76
N SER E 13 20.54 -11.05 -32.84
CA SER E 13 19.63 -10.04 -32.32
C SER E 13 18.31 -10.03 -33.10
N VAL E 14 18.41 -10.05 -34.42
CA VAL E 14 17.22 -10.10 -35.28
C VAL E 14 16.37 -11.31 -34.94
N LEU E 15 16.99 -12.48 -34.79
CA LEU E 15 16.24 -13.68 -34.39
C LEU E 15 15.58 -13.52 -33.01
N ALA E 16 16.33 -13.03 -32.02
CA ALA E 16 15.79 -12.90 -30.66
C ALA E 16 14.59 -11.96 -30.61
N HIS E 17 14.59 -10.95 -31.48
CA HIS E 17 13.50 -9.97 -31.52
C HIS E 17 12.35 -10.39 -32.43
N SER E 18 12.52 -11.49 -33.16
CA SER E 18 11.52 -11.89 -34.16
C SER E 18 10.28 -12.42 -33.47
N GLN E 19 9.15 -12.27 -34.13
CA GLN E 19 7.92 -12.86 -33.64
C GLN E 19 7.96 -14.34 -33.98
N PRO E 20 7.88 -15.23 -32.96
CA PRO E 20 8.06 -16.67 -33.17
C PRO E 20 7.23 -17.26 -34.32
N ALA E 21 5.98 -16.79 -34.44
CA ALA E 21 5.10 -17.24 -35.51
C ALA E 21 5.67 -16.86 -36.87
N GLU E 22 6.17 -15.62 -36.99
CA GLU E 22 6.69 -15.16 -38.27
C GLU E 22 7.98 -15.88 -38.63
N LEU E 23 8.84 -16.11 -37.65
CA LEU E 23 10.07 -16.85 -37.90
C LEU E 23 9.76 -18.27 -38.34
N ALA E 24 8.83 -18.92 -37.64
CA ALA E 24 8.43 -20.28 -38.02
C ALA E 24 7.90 -20.31 -39.45
N ALA E 25 7.08 -19.32 -39.79
CA ALA E 25 6.46 -19.26 -41.11
C ALA E 25 7.51 -19.04 -42.19
N ARG E 26 8.38 -18.07 -41.96
CA ARG E 26 9.44 -17.76 -42.90
C ARG E 26 10.37 -18.95 -43.10
N LEU E 27 10.77 -19.58 -42.00
CA LEU E 27 11.71 -20.69 -42.07
C LEU E 27 11.12 -21.88 -42.83
N ASN E 28 9.86 -22.20 -42.53
CA ASN E 28 9.20 -23.31 -43.22
C ASN E 28 9.12 -23.09 -44.73
N ALA E 29 8.82 -21.85 -45.11
CA ALA E 29 8.66 -21.50 -46.52
C ALA E 29 9.96 -21.60 -47.30
N LEU E 30 11.10 -21.54 -46.60
CA LEU E 30 12.40 -21.66 -47.23
C LEU E 30 12.78 -23.12 -47.47
N ASN E 31 12.16 -24.01 -46.71
CA ASN E 31 12.27 -25.45 -46.96
C ASN E 31 13.70 -25.96 -46.93
N ILE E 32 14.44 -25.60 -45.88
CA ILE E 32 15.82 -26.03 -45.73
C ILE E 32 15.89 -27.40 -45.06
N THR E 33 16.53 -28.33 -45.76
CA THR E 33 16.81 -29.64 -45.21
C THR E 33 18.17 -29.58 -44.54
N ALA E 34 18.19 -29.76 -43.23
CA ALA E 34 19.42 -29.65 -42.47
C ALA E 34 19.39 -30.57 -41.27
N ASP E 35 20.30 -31.54 -41.26
CA ASP E 35 20.41 -32.47 -40.17
C ASP E 35 21.14 -31.80 -39.02
N TYR E 36 20.57 -31.89 -37.83
CA TYR E 36 21.24 -31.36 -36.65
C TYR E 36 20.94 -32.14 -35.39
N GLU E 37 21.83 -31.97 -34.42
CA GLU E 37 21.74 -32.59 -33.12
C GLU E 37 21.50 -31.51 -32.05
N VAL E 38 20.57 -31.75 -31.13
CA VAL E 38 20.40 -30.84 -29.99
C VAL E 38 21.50 -31.11 -28.95
N ILE E 39 22.34 -30.11 -28.73
CA ILE E 39 23.40 -30.20 -27.74
C ILE E 39 22.86 -29.80 -26.38
N ARG E 40 22.04 -28.75 -26.37
CA ARG E 40 21.33 -28.32 -25.18
C ARG E 40 19.86 -28.11 -25.50
N ALA E 41 19.02 -29.00 -24.97
CA ALA E 41 17.57 -28.88 -25.12
C ALA E 41 17.16 -27.53 -24.58
N ALA E 42 16.17 -26.91 -25.20
CA ALA E 42 15.72 -25.59 -24.76
C ALA E 42 15.44 -25.62 -23.28
N GLU E 43 15.98 -24.63 -22.58
CA GLU E 43 15.82 -24.50 -21.13
C GLU E 43 15.38 -23.09 -20.79
N THR E 44 14.30 -22.99 -20.03
CA THR E 44 13.76 -21.71 -19.62
C THR E 44 14.08 -21.43 -18.16
N GLY E 45 14.70 -20.28 -17.92
CA GLY E 45 15.01 -19.82 -16.59
C GLY E 45 14.93 -18.30 -16.52
N LEU E 46 15.83 -17.71 -15.74
CA LEU E 46 15.85 -16.26 -15.54
C LEU E 46 17.15 -15.63 -16.01
N VAL E 47 17.06 -14.40 -16.52
CA VAL E 47 18.21 -13.54 -16.62
C VAL E 47 18.04 -12.42 -15.58
N GLN E 48 19.05 -12.26 -14.74
CA GLN E 48 19.02 -11.26 -13.67
C GLN E 48 19.35 -9.91 -14.28
N ILE E 49 18.54 -8.90 -13.96
CA ILE E 49 18.71 -7.60 -14.59
C ILE E 49 19.55 -6.67 -13.73
N GLN E 50 20.62 -6.14 -14.34
CA GLN E 50 21.42 -5.08 -13.72
C GLN E 50 21.02 -3.73 -14.30
N ALA E 51 20.78 -2.76 -13.42
CA ALA E 51 20.57 -1.38 -13.79
C ALA E 51 21.64 -0.51 -13.12
N ARG E 52 21.56 0.80 -13.34
CA ARG E 52 22.51 1.74 -12.77
C ARG E 52 21.81 2.89 -12.06
N MET E 53 22.35 3.24 -10.90
CA MET E 53 21.92 4.42 -10.15
C MET E 53 22.01 5.64 -11.03
N GLY E 54 20.90 6.34 -11.18
CA GLY E 54 20.89 7.56 -11.96
C GLY E 54 21.20 7.30 -13.41
N GLY E 55 20.99 6.05 -13.85
CA GLY E 55 21.24 5.66 -15.22
C GLY E 55 22.69 5.36 -15.59
N THR E 56 23.63 6.01 -14.90
CA THR E 56 25.05 5.99 -15.27
C THR E 56 26.00 5.50 -14.17
N GLY E 57 25.48 5.34 -12.96
CA GLY E 57 26.33 5.12 -11.81
C GLY E 57 26.49 3.66 -11.44
N GLU E 58 26.60 3.41 -10.14
CA GLU E 58 26.86 2.08 -9.62
C GLU E 58 25.74 1.14 -9.99
N ARG E 59 26.09 -0.13 -10.20
CA ARG E 59 25.11 -1.13 -10.54
C ARG E 59 24.22 -1.47 -9.37
N PHE E 60 22.97 -1.83 -9.68
CA PHE E 60 22.10 -2.50 -8.72
C PHE E 60 21.21 -3.48 -9.47
N PHE E 61 20.71 -4.49 -8.76
CA PHE E 61 19.81 -5.46 -9.34
C PHE E 61 18.37 -4.99 -9.36
N ALA E 62 17.79 -5.10 -10.55
CA ALA E 62 16.44 -4.65 -10.85
C ALA E 62 15.55 -5.80 -11.33
N GLY E 63 15.42 -6.84 -10.50
CA GLY E 63 14.60 -8.00 -10.82
C GLY E 63 15.19 -8.92 -11.86
N ASP E 64 14.32 -9.69 -12.48
CA ASP E 64 14.72 -10.73 -13.42
C ASP E 64 13.74 -10.75 -14.57
N ALA E 65 14.17 -11.28 -15.73
CA ALA E 65 13.28 -11.57 -16.85
C ALA E 65 13.40 -13.05 -17.22
N THR E 66 12.38 -13.60 -17.86
CA THR E 66 12.50 -14.98 -18.34
C THR E 66 13.41 -15.04 -19.57
N LEU E 67 14.14 -16.14 -19.66
CA LEU E 67 15.12 -16.36 -20.73
C LEU E 67 15.13 -17.82 -21.08
N THR E 68 15.17 -18.12 -22.38
CA THR E 68 15.24 -19.48 -22.85
C THR E 68 16.50 -19.66 -23.70
N ARG E 69 17.25 -20.72 -23.41
CA ARG E 69 18.48 -21.00 -24.14
C ARG E 69 18.46 -22.38 -24.78
N ALA E 70 19.14 -22.51 -25.93
CA ALA E 70 19.22 -23.77 -26.65
C ALA E 70 20.54 -23.83 -27.40
N ALA E 71 20.95 -25.02 -27.79
CA ALA E 71 22.16 -25.15 -28.60
C ALA E 71 22.06 -26.37 -29.48
N VAL E 72 22.56 -26.24 -30.70
CA VAL E 72 22.53 -27.32 -31.67
C VAL E 72 23.90 -27.52 -32.31
N ARG E 73 24.09 -28.67 -32.93
CA ARG E 73 25.32 -28.97 -33.67
C ARG E 73 24.95 -29.51 -35.03
N LEU E 74 25.50 -28.90 -36.08
CA LEU E 74 25.31 -29.41 -37.44
C LEU E 74 26.27 -30.58 -37.71
N THR E 75 26.03 -31.31 -38.79
CA THR E 75 26.81 -32.49 -39.13
C THR E 75 28.32 -32.19 -39.24
N ASP E 76 28.66 -30.99 -39.69
CA ASP E 76 30.08 -30.65 -39.92
C ASP E 76 30.74 -30.07 -38.66
N GLY E 77 29.99 -30.05 -37.56
CA GLY E 77 30.54 -29.64 -36.28
C GLY E 77 30.14 -28.23 -35.87
N THR E 78 29.51 -27.51 -36.79
CA THR E 78 29.13 -26.13 -36.49
C THR E 78 28.16 -26.09 -35.32
N LEU E 79 28.44 -25.20 -34.36
CA LEU E 79 27.58 -25.03 -33.21
C LEU E 79 26.76 -23.76 -33.33
N GLY E 80 25.45 -23.90 -33.13
CA GLY E 80 24.54 -22.77 -33.12
C GLY E 80 23.96 -22.58 -31.73
N TYR E 81 23.74 -21.33 -31.36
CA TYR E 81 23.27 -21.00 -30.01
C TYR E 81 22.14 -19.98 -30.04
N SER E 82 21.32 -19.99 -29.00
CA SER E 82 20.39 -18.90 -28.76
C SER E 82 20.17 -18.67 -27.28
N TRP E 83 19.95 -17.41 -26.96
CA TRP E 83 19.45 -16.96 -25.66
C TRP E 83 18.40 -15.94 -26.01
N VAL E 84 17.14 -16.26 -25.71
CA VAL E 84 16.02 -15.43 -26.14
C VAL E 84 15.12 -15.15 -24.96
N GLN E 85 14.73 -13.89 -24.81
CA GLN E 85 13.79 -13.52 -23.78
C GLN E 85 12.48 -14.30 -23.92
N GLY E 86 11.87 -14.64 -22.79
CA GLY E 86 10.63 -15.39 -22.81
C GLY E 86 10.80 -16.89 -22.61
N ARG E 87 9.75 -17.63 -22.93
CA ARG E 87 9.64 -19.04 -22.58
C ARG E 87 9.35 -19.98 -23.76
N ASP E 88 9.58 -19.51 -24.99
CA ASP E 88 9.22 -20.29 -26.18
C ASP E 88 10.38 -21.21 -26.59
N LYS E 89 10.26 -22.48 -26.23
CA LYS E 89 11.32 -23.46 -26.39
C LYS E 89 11.53 -23.85 -27.86
N GLN E 90 10.46 -24.01 -28.62
CA GLN E 90 10.59 -24.30 -30.05
C GLN E 90 11.24 -23.14 -30.78
N HIS E 91 10.87 -21.92 -30.39
CA HIS E 91 11.45 -20.72 -30.95
C HIS E 91 12.95 -20.66 -30.66
N ALA E 92 13.35 -20.94 -29.42
CA ALA E 92 14.77 -20.91 -29.07
C ALA E 92 15.56 -21.94 -29.89
N GLU E 93 15.00 -23.13 -30.04
CA GLU E 93 15.65 -24.15 -30.85
C GLU E 93 15.83 -23.68 -32.29
N ARG E 94 14.80 -23.05 -32.86
CA ARG E 94 14.89 -22.54 -34.23
C ARG E 94 15.95 -21.46 -34.37
N CYS E 95 16.03 -20.59 -33.38
CA CYS E 95 17.04 -19.52 -33.40
C CYS E 95 18.45 -20.10 -33.33
N ALA E 96 18.61 -21.17 -32.56
CA ALA E 96 19.93 -21.81 -32.44
C ALA E 96 20.32 -22.44 -33.77
N LEU E 97 19.35 -23.07 -34.43
CA LEU E 97 19.59 -23.70 -35.74
C LEU E 97 20.02 -22.67 -36.77
N ILE E 98 19.31 -21.54 -36.83
CA ILE E 98 19.65 -20.52 -37.81
C ILE E 98 21.05 -19.95 -37.54
N ASP E 99 21.37 -19.71 -36.28
CA ASP E 99 22.70 -19.24 -35.90
C ASP E 99 23.77 -20.18 -36.47
N ALA E 100 23.52 -21.49 -36.41
CA ALA E 100 24.44 -22.47 -36.99
C ALA E 100 24.52 -22.37 -38.51
N LEU E 101 23.36 -22.36 -39.16
CA LEU E 101 23.31 -22.29 -40.62
C LEU E 101 23.99 -21.04 -41.18
N MET E 102 23.80 -19.92 -40.50
CA MET E 102 24.37 -18.65 -40.93
C MET E 102 25.90 -18.67 -40.90
N GLN E 103 26.47 -19.62 -40.17
CA GLN E 103 27.92 -19.75 -40.09
C GLN E 103 28.48 -20.54 -41.26
N GLN E 104 27.58 -21.16 -42.01
CA GLN E 104 28.00 -21.99 -43.16
C GLN E 104 27.96 -21.21 -44.47
N SER E 105 28.96 -21.44 -45.31
CA SER E 105 29.08 -20.73 -46.58
C SER E 105 27.85 -20.90 -47.47
N ARG E 106 27.25 -22.07 -47.44
CA ARG E 106 26.17 -22.35 -48.38
C ARG E 106 24.89 -21.63 -48.05
N HIS E 107 24.79 -21.14 -46.80
CA HIS E 107 23.56 -20.53 -46.32
C HIS E 107 23.68 -19.05 -45.99
N PHE E 108 24.87 -18.59 -45.62
CA PHE E 108 24.99 -17.25 -45.03
C PHE E 108 24.37 -16.16 -45.91
N GLN E 109 24.81 -16.09 -47.17
CA GLN E 109 24.34 -14.99 -48.01
C GLN E 109 22.85 -15.14 -48.31
N ASN E 110 22.43 -16.36 -48.60
CA ASN E 110 21.02 -16.62 -48.90
CA ASN E 110 21.02 -16.62 -48.88
C ASN E 110 20.12 -16.20 -47.73
N LEU E 111 20.42 -16.68 -46.54
CA LEU E 111 19.58 -16.40 -45.37
C LEU E 111 19.65 -14.93 -44.96
N SER E 112 20.81 -14.31 -45.15
CA SER E 112 20.92 -12.88 -44.86
C SER E 112 19.92 -12.09 -45.69
N GLU E 113 19.76 -12.47 -46.96
CA GLU E 113 18.92 -11.72 -47.90
C GLU E 113 17.45 -12.06 -47.77
N THR E 114 17.14 -13.33 -47.53
CA THR E 114 15.76 -13.82 -47.58
C THR E 114 15.10 -14.01 -46.22
N LEU E 115 15.89 -13.96 -45.14
CA LEU E 115 15.37 -14.24 -43.81
C LEU E 115 15.72 -13.11 -42.82
N ILE E 116 17.01 -12.84 -42.62
CA ILE E 116 17.43 -11.88 -41.60
C ILE E 116 17.08 -10.44 -42.00
N ALA E 117 17.40 -10.06 -43.23
CA ALA E 117 17.13 -8.69 -43.67
C ALA E 117 15.63 -8.38 -43.65
N PRO E 118 14.79 -9.29 -44.19
CA PRO E 118 13.34 -9.06 -44.09
C PRO E 118 12.81 -8.98 -42.66
N LEU E 119 13.29 -9.85 -41.78
CA LEU E 119 12.82 -9.79 -40.39
C LEU E 119 13.19 -8.47 -39.76
N ASP E 120 14.41 -8.01 -40.02
CA ASP E 120 14.91 -6.76 -39.46
C ASP E 120 14.10 -5.60 -40.04
N ALA E 121 13.87 -5.63 -41.34
CA ALA E 121 13.07 -4.57 -41.96
C ALA E 121 11.69 -4.46 -41.30
N ASP E 122 11.07 -5.61 -41.05
CA ASP E 122 9.74 -5.63 -40.44
C ASP E 122 9.78 -4.97 -39.08
N ARG E 123 10.78 -5.34 -38.28
CA ARG E 123 10.92 -4.78 -36.95
C ARG E 123 11.13 -3.29 -37.03
N MET E 124 12.00 -2.87 -37.94
CA MET E 124 12.33 -1.46 -38.04
C MET E 124 11.08 -0.67 -38.46
N ALA E 125 10.24 -1.27 -39.29
CA ALA E 125 9.02 -0.60 -39.75
C ALA E 125 8.03 -0.49 -38.59
N ARG E 126 7.99 -1.50 -37.73
CA ARG E 126 7.13 -1.47 -36.55
C ARG E 126 7.55 -0.38 -35.60
N ILE E 127 8.86 -0.23 -35.43
CA ILE E 127 9.40 0.80 -34.55
C ILE E 127 9.06 2.18 -35.09
N ALA E 128 9.25 2.39 -36.38
CA ALA E 128 8.98 3.69 -36.99
C ALA E 128 7.50 4.04 -36.89
N ALA E 129 6.66 3.06 -37.12
CA ALA E 129 5.21 3.25 -37.09
C ALA E 129 4.77 3.65 -35.68
N ARG E 130 5.36 3.03 -34.66
CA ARG E 130 5.03 3.36 -33.28
C ARG E 130 5.50 4.76 -32.93
N GLN E 131 6.71 5.14 -33.36
CA GLN E 131 7.21 6.48 -33.06
C GLN E 131 6.31 7.55 -33.67
N ALA E 132 5.79 7.29 -34.86
CA ALA E 132 4.85 8.21 -35.51
C ALA E 132 3.57 8.40 -34.69
N GLU E 133 3.12 7.35 -34.01
CA GLU E 133 1.94 7.45 -33.15
C GLU E 133 2.26 8.24 -31.89
N VAL E 134 3.37 7.88 -31.25
CA VAL E 134 3.77 8.52 -29.98
C VAL E 134 4.01 10.01 -30.21
N ASN E 135 4.57 10.37 -31.36
CA ASN E 135 4.93 11.75 -31.61
C ASN E 135 3.73 12.69 -31.70
N ALA E 136 2.52 12.15 -31.91
CA ALA E 136 1.34 12.99 -31.92
C ALA E 136 1.08 13.60 -30.54
N SER E 137 1.72 13.05 -29.51
CA SER E 137 1.48 13.45 -28.12
C SER E 137 2.55 14.41 -27.58
N ARG E 138 3.43 14.86 -28.47
CA ARG E 138 4.44 15.84 -28.12
C ARG E 138 3.76 17.20 -27.87
N VAL E 139 4.15 17.88 -26.79
CA VAL E 139 3.58 19.20 -26.52
C VAL E 139 4.37 20.30 -27.22
N ASP E 140 3.72 21.02 -28.15
CA ASP E 140 4.33 22.15 -28.84
C ASP E 140 4.29 23.41 -27.97
N PHE E 141 5.40 24.14 -27.93
CA PHE E 141 5.50 25.40 -27.18
C PHE E 141 5.92 26.57 -28.04
N PHE E 142 7.00 26.38 -28.79
CA PHE E 142 7.59 27.46 -29.57
C PHE E 142 7.97 26.96 -30.94
N THR E 143 7.98 27.86 -31.91
CA THR E 143 8.52 27.54 -33.23
C THR E 143 9.28 28.74 -33.74
N MET E 144 10.30 28.48 -34.53
CA MET E 144 11.13 29.54 -35.09
C MET E 144 10.52 30.06 -36.39
N VAL E 145 10.50 31.38 -36.55
CA VAL E 145 10.03 32.01 -37.79
C VAL E 145 10.97 33.17 -38.12
N ARG E 146 10.80 33.75 -39.31
CA ARG E 146 11.48 35.02 -39.64
C ARG E 146 10.45 36.14 -39.64
N GLY E 147 10.91 37.37 -39.45
CA GLY E 147 10.04 38.55 -39.50
C GLY E 147 9.37 38.94 -38.20
N ASP E 148 9.13 40.25 -38.05
CA ASP E 148 8.26 40.86 -37.02
C ASP E 148 8.52 42.38 -37.02
N ASN E 149 7.71 43.13 -36.25
CA ASN E 149 7.85 44.60 -36.20
C ASN E 149 8.68 45.11 -35.03
N ALA E 150 8.85 46.44 -34.98
CA ALA E 150 9.48 47.11 -33.84
C ALA E 150 8.87 48.49 -33.65
N THR F 2 42.10 -35.52 -16.62
CA THR F 2 41.06 -36.39 -16.07
C THR F 2 40.81 -36.09 -14.59
N LEU F 3 39.55 -35.83 -14.27
CA LEU F 3 39.19 -35.39 -12.92
C LEU F 3 38.64 -36.54 -12.09
N GLU F 4 38.65 -36.34 -10.78
CA GLU F 4 38.03 -37.25 -9.84
C GLU F 4 36.53 -37.25 -10.08
N THR F 5 35.88 -38.33 -9.70
CA THR F 5 34.44 -38.40 -9.77
C THR F 5 33.88 -38.00 -8.41
N ALA F 6 32.63 -37.55 -8.37
CA ALA F 6 32.04 -37.14 -7.12
C ALA F 6 30.95 -38.13 -6.74
N PHE F 7 29.89 -37.67 -6.06
CA PHE F 7 28.82 -38.55 -5.66
C PHE F 7 28.17 -39.15 -6.90
N MET F 8 27.83 -40.42 -6.83
CA MET F 8 27.09 -41.05 -7.91
CA MET F 8 27.12 -41.05 -7.92
C MET F 8 25.64 -40.65 -7.87
N LEU F 9 25.13 -40.42 -6.66
CA LEU F 9 23.77 -39.94 -6.46
C LEU F 9 23.87 -38.63 -5.68
N PRO F 10 24.21 -37.53 -6.35
CA PRO F 10 24.53 -36.29 -5.63
C PRO F 10 23.44 -35.84 -4.67
N VAL F 11 22.17 -35.99 -5.03
CA VAL F 11 21.12 -35.51 -4.14
C VAL F 11 21.07 -36.37 -2.89
N GLN F 12 20.92 -37.67 -3.07
CA GLN F 12 20.80 -38.60 -1.96
C GLN F 12 22.06 -38.71 -1.11
N ASP F 13 23.22 -38.71 -1.78
CA ASP F 13 24.48 -38.92 -1.08
C ASP F 13 24.88 -37.70 -0.25
N ALA F 14 24.60 -36.49 -0.75
CA ALA F 14 24.85 -35.29 0.05
C ALA F 14 23.94 -35.26 1.27
N GLN F 15 22.68 -35.69 1.10
CA GLN F 15 21.75 -35.70 2.22
C GLN F 15 22.23 -36.69 3.29
N HIS F 16 22.68 -37.86 2.87
CA HIS F 16 23.15 -38.86 3.82
C HIS F 16 24.39 -38.35 4.56
N SER F 17 25.33 -37.81 3.82
CA SER F 17 26.57 -37.30 4.41
C SER F 17 26.27 -36.18 5.41
N PHE F 18 25.33 -35.32 5.05
CA PHE F 18 24.97 -34.23 5.93
C PHE F 18 24.41 -34.75 7.25
N ARG F 19 23.52 -35.73 7.19
CA ARG F 19 22.89 -36.24 8.41
C ARG F 19 23.92 -36.91 9.34
N ARG F 20 24.93 -37.57 8.78
CA ARG F 20 26.01 -38.14 9.58
C ARG F 20 26.83 -37.02 10.24
N LEU F 21 27.18 -36.01 9.46
CA LEU F 21 27.93 -34.86 10.02
C LEU F 21 27.11 -34.11 11.08
N LEU F 22 25.79 -33.99 10.85
CA LEU F 22 24.90 -33.33 11.81
C LEU F 22 24.90 -34.09 13.13
N LYS F 23 24.88 -35.42 13.03
CA LYS F 23 24.96 -36.27 14.21
C LYS F 23 26.27 -36.01 14.97
N ALA F 24 27.38 -35.99 14.23
CA ALA F 24 28.70 -35.80 14.84
C ALA F 24 28.85 -34.43 15.51
N MET F 25 28.39 -33.38 14.84
CA MET F 25 28.58 -32.05 15.35
C MET F 25 27.66 -31.79 16.55
N SER F 26 26.47 -32.39 16.55
CA SER F 26 25.52 -32.13 17.61
C SER F 26 25.68 -33.08 18.80
N GLU F 27 26.45 -34.15 18.62
CA GLU F 27 26.79 -35.06 19.71
C GLU F 27 28.30 -35.31 19.65
N PRO F 28 29.07 -34.35 20.15
CA PRO F 28 30.52 -34.34 19.94
C PRO F 28 31.22 -35.60 20.47
N GLY F 29 32.09 -36.16 19.66
CA GLY F 29 32.86 -37.34 20.04
C GLY F 29 32.28 -38.62 19.47
N VAL F 30 31.02 -38.57 19.04
CA VAL F 30 30.45 -39.71 18.33
C VAL F 30 31.12 -39.84 16.97
N ILE F 31 31.62 -41.04 16.68
CA ILE F 31 32.22 -41.30 15.39
C ILE F 31 31.16 -41.82 14.43
N VAL F 32 31.13 -41.25 13.23
CA VAL F 32 30.16 -41.62 12.21
C VAL F 32 30.91 -42.02 10.96
N ALA F 33 30.25 -42.79 10.10
CA ALA F 33 30.81 -43.21 8.83
C ALA F 33 30.08 -42.55 7.67
N LEU F 34 30.84 -42.00 6.73
CA LEU F 34 30.28 -41.47 5.50
C LEU F 34 30.65 -42.43 4.37
N HIS F 35 29.80 -43.44 4.17
CA HIS F 35 30.09 -44.59 3.29
C HIS F 35 29.75 -44.40 1.82
N GLN F 36 28.97 -43.38 1.48
CA GLN F 36 28.37 -43.35 0.15
C GLN F 36 29.40 -43.12 -0.96
N LEU F 37 30.42 -42.32 -0.70
CA LEU F 37 31.53 -42.17 -1.62
C LEU F 37 32.51 -43.29 -1.37
N LYS F 38 33.06 -43.89 -2.43
CA LYS F 38 33.88 -45.09 -2.29
C LYS F 38 35.37 -44.86 -2.59
N ARG F 39 35.71 -43.76 -3.26
CA ARG F 39 37.11 -43.35 -3.41
C ARG F 39 37.29 -41.91 -2.96
N GLY F 40 38.24 -41.68 -2.06
CA GLY F 40 38.58 -40.33 -1.65
C GLY F 40 39.48 -39.70 -2.70
N TRP F 41 39.51 -38.37 -2.74
CA TRP F 41 40.38 -37.68 -3.69
C TRP F 41 41.78 -37.53 -3.11
N GLN F 42 42.61 -38.56 -3.29
CA GLN F 42 43.90 -38.66 -2.62
C GLN F 42 44.74 -37.41 -2.87
N PRO F 43 45.38 -36.87 -1.81
CA PRO F 43 45.44 -37.42 -0.46
C PRO F 43 44.22 -37.09 0.42
N LEU F 44 43.15 -36.52 -0.12
CA LEU F 44 41.96 -36.34 0.72
C LEU F 44 41.33 -37.70 0.93
N ASN F 45 40.95 -38.00 2.17
CA ASN F 45 40.30 -39.28 2.46
C ASN F 45 38.82 -39.19 2.12
N ILE F 46 38.11 -40.30 2.25
CA ILE F 46 36.70 -40.39 1.85
C ILE F 46 35.83 -39.37 2.60
N ALA F 47 36.02 -39.29 3.91
CA ALA F 47 35.20 -38.41 4.74
C ALA F 47 35.43 -36.95 4.38
N THR F 48 36.69 -36.54 4.28
CA THR F 48 37.01 -35.17 3.93
C THR F 48 36.35 -34.79 2.60
N THR F 49 36.53 -35.65 1.61
CA THR F 49 35.99 -35.38 0.29
C THR F 49 34.47 -35.29 0.34
N SER F 50 33.85 -36.20 1.10
CA SER F 50 32.40 -36.22 1.21
C SER F 50 31.87 -34.95 1.88
N VAL F 51 32.59 -34.45 2.88
CA VAL F 51 32.17 -33.21 3.54
C VAL F 51 32.19 -32.05 2.53
N LEU F 52 33.28 -31.96 1.76
CA LEU F 52 33.42 -30.86 0.81
C LEU F 52 32.36 -30.94 -0.28
N LEU F 53 32.10 -32.14 -0.79
CA LEU F 53 31.05 -32.31 -1.81
C LEU F 53 29.67 -31.96 -1.25
N THR F 54 29.51 -32.09 0.06
CA THR F 54 28.22 -31.83 0.70
C THR F 54 28.03 -30.35 1.04
N LEU F 55 29.10 -29.64 1.39
CA LEU F 55 28.93 -28.29 1.95
C LEU F 55 29.58 -27.17 1.16
N ALA F 56 30.61 -27.47 0.38
CA ALA F 56 31.38 -26.44 -0.31
C ALA F 56 30.74 -26.05 -1.64
N ASP F 57 30.72 -24.76 -1.92
CA ASP F 57 30.31 -24.28 -3.23
C ASP F 57 30.88 -22.90 -3.45
N ASN F 58 30.40 -22.20 -4.47
CA ASN F 58 30.96 -20.91 -4.83
C ASN F 58 30.90 -19.87 -3.72
N ASP F 59 30.06 -20.09 -2.71
CA ASP F 59 29.95 -19.14 -1.60
C ASP F 59 30.93 -19.46 -0.47
N THR F 60 31.70 -20.54 -0.59
CA THR F 60 32.54 -20.99 0.51
C THR F 60 34.01 -21.18 0.12
N PRO F 61 34.86 -20.16 0.34
CA PRO F 61 36.29 -20.35 0.07
C PRO F 61 36.89 -21.54 0.82
N VAL F 62 37.67 -22.33 0.10
CA VAL F 62 38.33 -23.52 0.64
C VAL F 62 39.84 -23.35 0.57
N TRP F 63 40.50 -23.57 1.71
CA TRP F 63 41.95 -23.60 1.75
C TRP F 63 42.42 -25.00 2.06
N LEU F 64 43.28 -25.51 1.17
CA LEU F 64 43.88 -26.82 1.32
C LEU F 64 45.35 -26.60 1.59
N SER F 65 45.84 -27.07 2.73
CA SER F 65 47.25 -26.97 3.06
C SER F 65 48.06 -27.72 2.01
N THR F 66 49.27 -27.23 1.79
CA THR F 66 50.10 -27.72 0.68
C THR F 66 50.33 -29.25 0.67
N PRO F 67 50.40 -29.89 1.86
CA PRO F 67 50.48 -31.36 1.78
C PRO F 67 49.24 -32.01 1.17
N LEU F 68 48.10 -31.32 1.21
CA LEU F 68 46.84 -31.85 0.69
C LEU F 68 46.45 -31.16 -0.61
N ASN F 69 47.40 -30.43 -1.19
CA ASN F 69 47.13 -29.56 -2.33
C ASN F 69 47.80 -30.06 -3.61
N ASN F 70 47.01 -30.59 -4.55
CA ASN F 70 47.56 -30.93 -5.86
C ASN F 70 46.56 -30.56 -6.95
N ASP F 71 47.03 -30.51 -8.18
CA ASP F 71 46.24 -29.92 -9.25
C ASP F 71 44.99 -30.73 -9.58
N ILE F 72 45.07 -32.05 -9.41
CA ILE F 72 43.93 -32.90 -9.72
C ILE F 72 42.80 -32.67 -8.72
N VAL F 73 43.14 -32.66 -7.43
CA VAL F 73 42.15 -32.34 -6.40
C VAL F 73 41.60 -30.93 -6.62
N ASN F 74 42.48 -29.97 -6.88
CA ASN F 74 42.06 -28.58 -7.09
C ASN F 74 41.08 -28.45 -8.23
N GLN F 75 41.45 -28.99 -9.40
CA GLN F 75 40.60 -28.92 -10.57
C GLN F 75 39.29 -29.68 -10.35
N SER F 76 39.36 -30.77 -9.60
CA SER F 76 38.17 -31.58 -9.37
C SER F 76 37.21 -30.86 -8.44
N LEU F 77 37.75 -30.21 -7.42
CA LEU F 77 36.93 -29.40 -6.51
C LEU F 77 36.26 -28.28 -7.28
N ARG F 78 37.02 -27.59 -8.13
CA ARG F 78 36.45 -26.49 -8.89
C ARG F 78 35.34 -26.99 -9.80
N PHE F 79 35.60 -28.08 -10.50
CA PHE F 79 34.62 -28.60 -11.44
C PHE F 79 33.32 -29.02 -10.74
N HIS F 80 33.44 -29.80 -9.68
CA HIS F 80 32.25 -30.37 -9.05
C HIS F 80 31.50 -29.43 -8.09
N THR F 81 32.20 -28.49 -7.43
CA THR F 81 31.55 -27.65 -6.44
C THR F 81 31.59 -26.16 -6.78
N ASN F 82 32.53 -25.79 -7.66
CA ASN F 82 32.75 -24.39 -8.03
C ASN F 82 33.18 -23.52 -6.85
N ALA F 83 33.71 -24.15 -5.82
CA ALA F 83 34.21 -23.40 -4.67
C ALA F 83 35.46 -22.64 -5.04
N PRO F 84 35.60 -21.39 -4.54
CA PRO F 84 36.86 -20.70 -4.74
C PRO F 84 37.95 -21.32 -3.89
N LEU F 85 39.10 -21.59 -4.50
CA LEU F 85 40.25 -22.08 -3.76
C LEU F 85 41.11 -20.88 -3.41
N VAL F 86 41.37 -20.73 -2.12
CA VAL F 86 42.21 -19.65 -1.64
C VAL F 86 43.48 -20.27 -1.08
N SER F 87 44.56 -19.52 -1.10
CA SER F 87 45.85 -20.05 -0.70
C SER F 87 46.27 -19.56 0.68
N GLN F 88 45.40 -18.77 1.32
CA GLN F 88 45.63 -18.28 2.68
C GLN F 88 44.58 -18.82 3.66
N PRO F 89 45.02 -19.39 4.80
CA PRO F 89 44.04 -19.92 5.76
C PRO F 89 43.04 -18.88 6.29
N GLU F 90 43.49 -17.64 6.46
CA GLU F 90 42.62 -16.61 7.03
C GLU F 90 41.46 -16.25 6.10
N GLN F 91 41.55 -16.70 4.85
CA GLN F 91 40.51 -16.42 3.87
C GLN F 91 39.46 -17.53 3.78
N ALA F 92 39.69 -18.65 4.45
CA ALA F 92 38.88 -19.86 4.24
C ALA F 92 37.60 -19.91 5.07
N THR F 93 36.53 -20.44 4.46
CA THR F 93 35.35 -20.91 5.17
C THR F 93 35.57 -22.36 5.60
N PHE F 94 36.17 -23.15 4.70
CA PHE F 94 36.63 -24.50 5.04
C PHE F 94 38.14 -24.59 4.89
N ALA F 95 38.79 -24.95 5.98
CA ALA F 95 40.23 -25.24 5.99
C ALA F 95 40.40 -26.74 6.05
N VAL F 96 41.34 -27.26 5.25
CA VAL F 96 41.62 -28.69 5.20
C VAL F 96 43.11 -28.93 5.36
N THR F 97 43.48 -29.60 6.43
CA THR F 97 44.88 -29.88 6.74
C THR F 97 45.06 -31.31 7.19
N ASP F 98 46.32 -31.72 7.30
CA ASP F 98 46.68 -32.98 7.94
C ASP F 98 47.40 -32.67 9.24
N GLU F 99 48.06 -33.67 9.82
CA GLU F 99 48.69 -33.54 11.13
C GLU F 99 49.83 -32.54 11.15
N ALA F 100 50.32 -32.15 9.96
CA ALA F 100 51.44 -31.23 9.86
C ALA F 100 51.03 -29.75 10.00
N ILE F 101 49.77 -29.50 10.32
CA ILE F 101 49.30 -28.12 10.48
C ILE F 101 50.19 -27.38 11.48
N SER F 102 50.51 -26.12 11.18
CA SER F 102 51.37 -25.31 12.03
C SER F 102 50.56 -24.45 12.98
N SER F 103 51.17 -24.05 14.08
CA SER F 103 50.53 -23.11 14.99
C SER F 103 50.11 -21.84 14.25
N GLU F 104 50.94 -21.39 13.31
CA GLU F 104 50.63 -20.14 12.59
C GLU F 104 49.42 -20.28 11.68
N GLN F 105 49.26 -21.44 11.07
CA GLN F 105 48.07 -21.68 10.25
C GLN F 105 46.81 -21.78 11.10
N LEU F 106 46.91 -22.51 12.20
CA LEU F 106 45.76 -22.66 13.10
C LEU F 106 45.28 -21.30 13.60
N ASN F 107 46.23 -20.47 14.02
CA ASN F 107 45.93 -19.16 14.59
C ASN F 107 45.47 -18.14 13.54
N ALA F 108 45.71 -18.42 12.26
CA ALA F 108 45.28 -17.53 11.19
C ALA F 108 43.82 -17.76 10.81
N LEU F 109 43.25 -18.88 11.24
CA LEU F 109 41.89 -19.24 10.85
C LEU F 109 40.89 -18.26 11.44
N SER F 110 39.88 -17.92 10.64
CA SER F 110 38.82 -17.03 11.08
C SER F 110 37.97 -17.67 12.19
N THR F 111 37.61 -16.87 13.20
CA THR F 111 36.92 -17.36 14.39
C THR F 111 35.48 -16.86 14.53
N GLY F 112 35.06 -16.01 13.61
CA GLY F 112 33.79 -15.31 13.76
C GLY F 112 34.02 -14.07 14.62
N THR F 113 32.97 -13.28 14.80
CA THR F 113 32.98 -12.13 15.69
C THR F 113 31.89 -12.30 16.74
N ALA F 114 31.93 -11.46 17.76
CA ALA F 114 30.94 -11.57 18.83
C ALA F 114 29.52 -11.40 18.28
N VAL F 115 29.36 -10.48 17.32
CA VAL F 115 28.04 -10.20 16.77
C VAL F 115 27.65 -11.18 15.68
N ALA F 116 28.66 -11.73 14.98
CA ALA F 116 28.46 -12.72 13.91
C ALA F 116 29.39 -13.92 14.11
N PRO F 117 29.10 -14.75 15.10
CA PRO F 117 29.99 -15.88 15.42
C PRO F 117 30.02 -16.96 14.32
N GLU F 118 29.04 -16.97 13.42
CA GLU F 118 29.03 -17.96 12.34
C GLU F 118 30.02 -17.64 11.21
N ALA F 119 30.62 -16.46 11.24
CA ALA F 119 31.35 -15.95 10.07
C ALA F 119 32.81 -16.42 10.02
N GLY F 120 33.12 -17.51 10.70
CA GLY F 120 34.48 -18.01 10.79
C GLY F 120 34.64 -19.34 10.05
N ALA F 121 35.77 -19.98 10.29
CA ALA F 121 36.15 -21.18 9.57
C ALA F 121 35.75 -22.44 10.30
N THR F 122 35.53 -23.50 9.52
CA THR F 122 35.50 -24.87 10.01
C THR F 122 36.79 -25.56 9.57
N LEU F 123 37.48 -26.17 10.53
CA LEU F 123 38.72 -26.89 10.26
C LEU F 123 38.43 -28.37 10.12
N ILE F 124 38.76 -28.91 8.95
CA ILE F 124 38.72 -30.33 8.68
C ILE F 124 40.14 -30.85 8.78
N LEU F 125 40.40 -31.70 9.76
CA LEU F 125 41.75 -32.18 10.05
C LEU F 125 41.83 -33.69 9.84
N GLN F 126 42.61 -34.11 8.85
CA GLN F 126 42.84 -35.54 8.64
C GLN F 126 43.88 -36.06 9.63
N VAL F 127 43.47 -37.02 10.45
CA VAL F 127 44.33 -37.58 11.48
C VAL F 127 44.69 -39.03 11.14
N ALA F 128 45.78 -39.51 11.73
CA ALA F 128 46.29 -40.86 11.46
C ALA F 128 45.35 -41.94 11.99
N SER F 129 44.63 -41.62 13.06
CA SER F 129 43.69 -42.54 13.68
C SER F 129 42.81 -41.81 14.69
N LEU F 130 41.58 -42.30 14.85
CA LEU F 130 40.62 -41.68 15.78
C LEU F 130 40.73 -42.33 17.16
N SER F 131 41.65 -43.28 17.28
CA SER F 131 41.99 -43.91 18.55
C SER F 131 43.51 -43.98 18.68
N GLY F 132 43.98 -44.33 19.87
CA GLY F 132 45.40 -44.50 20.11
C GLY F 132 46.17 -43.23 20.40
N GLY F 133 45.48 -42.10 20.44
CA GLY F 133 46.08 -40.84 20.85
C GLY F 133 45.93 -40.61 22.34
N ARG F 134 46.16 -39.38 22.79
CA ARG F 134 45.96 -39.06 24.20
C ARG F 134 44.47 -39.13 24.54
N MET F 135 44.15 -39.79 25.66
CA MET F 135 42.76 -39.95 26.05
C MET F 135 42.19 -38.63 26.55
N LEU F 136 41.05 -38.23 26.00
CA LEU F 136 40.38 -36.98 26.36
C LEU F 136 39.01 -37.25 26.95
N ARG F 137 38.55 -36.36 27.83
CA ARG F 137 37.17 -36.37 28.29
C ARG F 137 36.46 -35.15 27.74
N LEU F 138 35.38 -35.40 27.03
CA LEU F 138 34.50 -34.34 26.52
C LEU F 138 33.28 -34.16 27.41
N THR F 139 32.91 -32.90 27.65
CA THR F 139 31.65 -32.57 28.31
C THR F 139 31.10 -31.31 27.66
N GLY F 140 29.80 -31.06 27.85
CA GLY F 140 29.15 -29.89 27.29
C GLY F 140 27.91 -30.27 26.50
N ALA F 141 27.42 -29.31 25.72
CA ALA F 141 26.25 -29.49 24.86
C ALA F 141 26.45 -30.68 23.91
N GLY F 142 25.47 -31.59 23.88
CA GLY F 142 25.54 -32.73 23.01
C GLY F 142 26.01 -33.99 23.71
N ILE F 143 26.32 -33.85 25.00
CA ILE F 143 26.90 -34.95 25.78
C ILE F 143 26.10 -35.08 27.05
N ALA F 144 25.47 -36.23 27.25
CA ALA F 144 24.58 -36.41 28.39
C ALA F 144 25.36 -36.26 29.70
N GLU F 145 26.53 -36.89 29.76
CA GLU F 145 27.32 -36.88 30.98
C GLU F 145 28.79 -36.64 30.59
N GLU F 146 29.45 -37.69 30.12
CA GLU F 146 30.85 -37.60 29.68
C GLU F 146 31.03 -38.46 28.44
N ARG F 147 31.95 -38.07 27.57
CA ARG F 147 32.37 -38.91 26.46
C ARG F 147 33.90 -38.89 26.33
N MET F 148 34.51 -40.08 26.26
CA MET F 148 35.96 -40.19 26.11
C MET F 148 36.33 -40.51 24.67
N ILE F 149 37.35 -39.85 24.15
CA ILE F 149 37.85 -40.12 22.83
C ILE F 149 39.37 -39.99 22.88
N ALA F 150 40.06 -40.63 21.94
CA ALA F 150 41.51 -40.61 21.93
C ALA F 150 42.05 -40.46 20.52
N PRO F 151 41.62 -39.41 19.82
CA PRO F 151 42.16 -39.17 18.48
C PRO F 151 43.63 -38.78 18.51
N ARG F 152 44.35 -39.12 17.45
CA ARG F 152 45.72 -38.65 17.25
C ARG F 152 45.71 -37.16 16.87
N LEU F 153 46.07 -36.29 17.82
CA LEU F 153 46.00 -34.84 17.60
C LEU F 153 47.37 -34.17 17.77
N PRO F 154 47.70 -33.20 16.89
CA PRO F 154 48.91 -32.42 17.14
C PRO F 154 48.72 -31.52 18.36
N GLU F 155 49.81 -31.20 19.06
CA GLU F 155 49.69 -30.53 20.35
C GLU F 155 48.99 -29.18 20.27
N CME F 156 49.21 -28.44 19.19
CA CME F 156 48.63 -27.11 19.10
CB CME F 156 49.32 -26.13 18.15
SG CME F 156 48.84 -26.29 16.48
SD CME F 156 49.68 -28.03 15.69
CE CME F 156 51.36 -27.65 15.32
CZ CME F 156 52.31 -28.53 16.09
OH CME F 156 51.93 -28.40 17.46
C CME F 156 47.11 -27.14 18.89
O CME F 156 46.36 -26.24 19.28
N ILE F 157 46.64 -28.22 18.26
CA ILE F 157 45.20 -28.45 18.14
C ILE F 157 44.64 -28.81 19.50
N LEU F 158 45.33 -29.70 20.22
CA LEU F 158 44.88 -30.09 21.54
C LEU F 158 44.86 -28.85 22.45
N HIS F 159 45.85 -27.98 22.28
CA HIS F 159 45.89 -26.74 23.04
C HIS F 159 44.66 -25.84 22.79
N GLU F 160 44.29 -25.68 21.52
CA GLU F 160 43.10 -24.91 21.17
C GLU F 160 41.88 -25.45 21.91
N LEU F 161 41.76 -26.77 21.93
CA LEU F 161 40.58 -27.41 22.52
C LEU F 161 40.52 -27.27 24.05
N THR F 162 41.65 -27.46 24.72
CA THR F 162 41.67 -27.47 26.17
C THR F 162 41.66 -26.04 26.74
N GLU F 163 42.32 -25.11 26.05
CA GLU F 163 42.45 -23.75 26.56
C GLU F 163 41.42 -22.76 26.02
N ARG F 164 40.90 -23.01 24.83
CA ARG F 164 39.93 -22.12 24.18
C ARG F 164 40.35 -20.65 24.25
N PRO F 165 41.42 -20.30 23.53
CA PRO F 165 42.01 -18.95 23.54
C PRO F 165 41.01 -17.86 23.19
N HIS F 166 39.97 -18.22 22.44
CA HIS F 166 38.98 -17.25 22.00
C HIS F 166 37.74 -17.35 22.85
N PRO F 167 37.21 -16.21 23.31
CA PRO F 167 36.01 -16.31 24.13
C PRO F 167 34.80 -16.74 23.30
N PHE F 168 34.07 -17.74 23.77
CA PHE F 168 32.77 -18.07 23.18
C PHE F 168 31.99 -16.77 23.07
N PRO F 169 31.25 -16.55 21.96
CA PRO F 169 30.87 -17.46 20.87
C PRO F 169 31.87 -17.57 19.71
N LEU F 170 33.02 -16.91 19.81
CA LEU F 170 34.06 -17.06 18.80
C LEU F 170 34.69 -18.46 18.86
N GLY F 171 35.23 -18.91 17.73
CA GLY F 171 36.04 -20.12 17.73
C GLY F 171 35.82 -20.97 16.51
N ILE F 172 36.78 -21.81 16.19
CA ILE F 172 36.60 -22.75 15.08
C ILE F 172 35.89 -23.99 15.59
N ASP F 173 35.14 -24.63 14.70
CA ASP F 173 34.60 -25.95 14.95
C ASP F 173 35.52 -26.91 14.20
N LEU F 174 35.76 -28.08 14.79
CA LEU F 174 36.74 -29.04 14.30
C LEU F 174 36.04 -30.29 13.80
N ILE F 175 36.46 -30.77 12.63
CA ILE F 175 36.04 -32.06 12.11
C ILE F 175 37.28 -32.90 11.89
N LEU F 176 37.38 -34.02 12.61
CA LEU F 176 38.49 -34.96 12.45
C LEU F 176 38.04 -36.06 11.50
N THR F 177 38.82 -36.32 10.45
CA THR F 177 38.51 -37.39 9.50
C THR F 177 39.62 -38.42 9.43
N CME F 178 39.25 -39.64 9.13
CA CME F 178 40.23 -40.71 8.96
CB CME F 178 40.77 -41.27 10.28
SG CME F 178 42.07 -42.44 10.11
SD CME F 178 41.05 -44.27 9.87
CE CME F 178 41.57 -44.95 8.33
CZ CME F 178 42.17 -46.33 8.49
OH CME F 178 42.83 -46.34 9.75
C CME F 178 39.48 -41.78 8.20
O CME F 178 38.50 -42.37 8.66
N GLY F 179 39.96 -42.04 6.98
CA GLY F 179 39.29 -42.96 6.07
C GLY F 179 37.90 -42.45 5.73
N GLU F 180 36.90 -43.28 5.97
CA GLU F 180 35.51 -42.93 5.70
C GLU F 180 34.84 -42.35 6.95
N ARG F 181 35.61 -42.26 8.03
CA ARG F 181 35.05 -41.96 9.34
C ARG F 181 35.39 -40.56 9.78
N LEU F 182 34.60 -40.08 10.73
CA LEU F 182 34.54 -38.67 11.05
C LEU F 182 34.11 -38.50 12.49
N LEU F 183 34.69 -37.49 13.14
CA LEU F 183 34.36 -37.11 14.50
C LEU F 183 34.38 -35.58 14.53
N ALA F 184 33.44 -34.93 15.23
CA ALA F 184 33.41 -33.47 15.29
C ALA F 184 33.48 -32.95 16.71
N ILE F 185 34.15 -31.81 16.89
CA ILE F 185 34.21 -31.12 18.16
C ILE F 185 33.90 -29.64 17.92
N PRO F 186 32.67 -29.22 18.24
CA PRO F 186 32.36 -27.80 18.07
C PRO F 186 33.03 -26.93 19.14
N ARG F 187 32.98 -25.62 18.99
CA ARG F 187 33.61 -24.68 19.91
C ARG F 187 33.07 -24.72 21.34
N THR F 188 31.88 -25.30 21.53
CA THR F 188 31.26 -25.41 22.84
C THR F 188 31.84 -26.49 23.76
N THR F 189 32.43 -27.52 23.17
CA THR F 189 32.83 -28.70 23.93
C THR F 189 33.95 -28.39 24.90
N HIS F 190 33.76 -28.79 26.15
CA HIS F 190 34.84 -28.73 27.14
C HIS F 190 35.70 -29.97 26.99
N VAL F 191 37.00 -29.75 26.87
CA VAL F 191 37.93 -30.85 26.58
C VAL F 191 39.03 -30.88 27.63
N GLU F 192 39.25 -32.04 28.23
CA GLU F 192 40.39 -32.14 29.10
C GLU F 192 41.15 -33.43 28.87
N VAL F 193 42.45 -33.35 29.14
CA VAL F 193 43.32 -34.50 29.01
C VAL F 193 43.22 -35.37 30.25
N CYS F 194 42.99 -36.66 30.06
CA CYS F 194 42.91 -37.61 31.16
C CYS F 194 44.29 -38.00 31.70
N MET G 1 -20.27 -39.79 24.52
CA MET G 1 -18.86 -39.32 24.68
C MET G 1 -18.22 -39.01 23.33
N TYR G 2 -17.36 -37.99 23.29
CA TYR G 2 -16.79 -37.55 22.02
C TYR G 2 -15.58 -38.38 21.58
N VAL G 3 -15.46 -38.52 20.26
CA VAL G 3 -14.34 -39.20 19.63
C VAL G 3 -13.78 -38.29 18.54
N ALA G 4 -12.46 -38.24 18.41
CA ALA G 4 -11.85 -37.39 17.41
C ALA G 4 -12.01 -37.99 16.02
N VAL G 5 -12.30 -37.14 15.02
CA VAL G 5 -12.42 -37.57 13.64
C VAL G 5 -11.53 -36.73 12.74
N LYS G 6 -11.24 -37.22 11.54
CA LYS G 6 -10.42 -36.46 10.61
C LYS G 6 -11.32 -35.55 9.77
N GLY G 7 -10.81 -34.39 9.42
CA GLY G 7 -11.61 -33.43 8.69
C GLY G 7 -10.82 -32.38 7.96
N GLY G 8 -9.53 -32.27 8.25
CA GLY G 8 -8.71 -31.21 7.70
C GLY G 8 -8.62 -31.22 6.19
N GLU G 9 -8.26 -32.37 5.61
CA GLU G 9 -8.03 -32.45 4.18
C GLU G 9 -9.33 -32.28 3.40
N LYS G 10 -10.39 -32.93 3.87
CA LYS G 10 -11.71 -32.86 3.23
C LYS G 10 -12.20 -31.41 3.15
N ALA G 11 -12.02 -30.68 4.25
CA ALA G 11 -12.43 -29.27 4.33
C ALA G 11 -11.62 -28.39 3.39
N ILE G 12 -10.31 -28.60 3.38
CA ILE G 12 -9.42 -27.82 2.53
C ILE G 12 -9.73 -28.06 1.06
N ASP G 13 -9.90 -29.31 0.68
CA ASP G 13 -10.20 -29.61 -0.72
C ASP G 13 -11.50 -28.94 -1.15
N ALA G 14 -12.51 -28.99 -0.29
CA ALA G 14 -13.79 -28.37 -0.59
C ALA G 14 -13.65 -26.83 -0.68
N ALA G 15 -12.84 -26.28 0.22
CA ALA G 15 -12.58 -24.84 0.26
C ALA G 15 -11.93 -24.36 -1.03
N HIS G 16 -10.96 -25.10 -1.51
CA HIS G 16 -10.30 -24.72 -2.75
C HIS G 16 -11.23 -24.87 -3.94
N ALA G 17 -12.07 -25.91 -3.93
CA ALA G 17 -13.07 -26.09 -4.98
C ALA G 17 -14.03 -24.91 -5.01
N LEU G 18 -14.48 -24.45 -3.84
CA LEU G 18 -15.37 -23.28 -3.78
C LEU G 18 -14.67 -22.06 -4.38
N GLN G 19 -13.39 -21.88 -4.05
CA GLN G 19 -12.64 -20.73 -4.55
C GLN G 19 -12.49 -20.80 -6.08
N GLU G 20 -12.23 -22.00 -6.58
CA GLU G 20 -12.07 -22.19 -8.04
C GLU G 20 -13.39 -21.93 -8.77
N SER G 21 -14.48 -22.40 -8.19
CA SER G 21 -15.79 -22.15 -8.78
C SER G 21 -16.10 -20.66 -8.78
N ARG G 22 -15.74 -19.97 -7.69
CA ARG G 22 -16.01 -18.54 -7.58
C ARG G 22 -15.15 -17.78 -8.58
N ARG G 23 -13.93 -18.25 -8.77
CA ARG G 23 -13.03 -17.65 -9.75
C ARG G 23 -13.58 -17.75 -11.18
N ARG G 24 -14.14 -18.90 -11.53
CA ARG G 24 -14.73 -19.08 -12.86
C ARG G 24 -15.97 -18.22 -13.01
N GLY G 25 -16.73 -18.10 -11.93
CA GLY G 25 -17.96 -17.35 -11.96
C GLY G 25 -19.00 -17.94 -12.89
N ASP G 26 -19.94 -17.08 -13.28
CA ASP G 26 -21.05 -17.47 -14.15
C ASP G 26 -20.55 -18.06 -15.45
N THR G 27 -20.87 -19.33 -15.73
CA THR G 27 -20.32 -19.99 -16.91
C THR G 27 -21.09 -19.61 -18.18
N ASP G 28 -22.13 -18.79 -18.05
CA ASP G 28 -22.77 -18.16 -19.21
C ASP G 28 -21.87 -17.09 -19.82
N LEU G 29 -20.87 -16.65 -19.06
CA LEU G 29 -19.84 -15.75 -19.56
C LEU G 29 -18.64 -16.58 -19.96
N PRO G 30 -17.97 -16.20 -21.06
CA PRO G 30 -16.73 -16.89 -21.40
C PRO G 30 -15.66 -16.72 -20.34
N GLU G 31 -14.82 -17.72 -20.20
CA GLU G 31 -13.66 -17.65 -19.32
C GLU G 31 -12.64 -16.67 -19.89
N LEU G 32 -12.19 -15.74 -19.06
CA LEU G 32 -11.12 -14.81 -19.41
C LEU G 32 -9.85 -15.55 -19.80
N SER G 33 -9.17 -15.04 -20.82
CA SER G 33 -7.87 -15.58 -21.19
C SER G 33 -6.80 -14.74 -20.56
N VAL G 34 -5.68 -15.38 -20.29
CA VAL G 34 -4.50 -14.68 -19.81
C VAL G 34 -4.10 -13.59 -20.78
N ALA G 35 -4.23 -13.88 -22.08
CA ALA G 35 -3.88 -12.91 -23.11
C ALA G 35 -4.69 -11.61 -22.97
N GLN G 36 -5.98 -11.76 -22.68
CA GLN G 36 -6.84 -10.58 -22.52
C GLN G 36 -6.42 -9.74 -21.32
N ILE G 37 -6.14 -10.41 -20.21
CA ILE G 37 -5.64 -9.74 -19.02
C ILE G 37 -4.35 -9.01 -19.30
N GLU G 38 -3.43 -9.70 -19.95
CA GLU G 38 -2.16 -9.13 -20.32
C GLU G 38 -2.32 -7.85 -21.16
N GLN G 39 -3.17 -7.90 -22.16
CA GLN G 39 -3.32 -6.78 -23.06
C GLN G 39 -4.11 -5.63 -22.46
N GLN G 40 -5.21 -5.99 -21.81
CA GLN G 40 -6.22 -4.99 -21.47
C GLN G 40 -6.18 -4.54 -20.01
N LEU G 41 -5.56 -5.34 -19.14
CA LEU G 41 -5.35 -4.93 -17.75
C LEU G 41 -3.86 -4.75 -17.52
N ASN G 42 -3.22 -4.07 -18.47
CA ASN G 42 -1.75 -4.06 -18.53
C ASN G 42 -1.07 -3.30 -17.39
N LEU G 43 -1.79 -2.40 -16.73
CA LEU G 43 -1.18 -1.70 -15.59
C LEU G 43 -1.15 -2.59 -14.35
N ALA G 44 -2.11 -3.48 -14.21
CA ALA G 44 -2.08 -4.45 -13.12
C ALA G 44 -0.87 -5.35 -13.32
N VAL G 45 -0.67 -5.76 -14.57
CA VAL G 45 0.43 -6.61 -14.93
C VAL G 45 1.77 -5.96 -14.58
N ASP G 46 1.91 -4.66 -14.89
CA ASP G 46 3.13 -3.89 -14.57
C ASP G 46 3.49 -4.00 -13.08
N ARG G 47 2.50 -3.81 -12.22
CA ARG G 47 2.74 -3.89 -10.77
C ARG G 47 3.14 -5.31 -10.34
N VAL G 48 2.43 -6.31 -10.84
CA VAL G 48 2.70 -7.69 -10.48
C VAL G 48 4.12 -8.12 -10.94
N MET G 49 4.55 -7.74 -12.14
CA MET G 49 5.91 -8.02 -12.59
C MET G 49 6.95 -7.35 -11.68
N THR G 50 6.71 -6.10 -11.32
CA THR G 50 7.71 -5.32 -10.57
C THR G 50 7.88 -5.82 -9.13
N GLU G 51 6.78 -6.11 -8.44
CA GLU G 51 6.89 -6.61 -7.08
C GLU G 51 7.08 -8.13 -7.04
N GLY G 52 6.51 -8.84 -8.00
CA GLY G 52 6.72 -10.27 -8.09
C GLY G 52 8.14 -10.60 -8.47
N GLY G 53 8.76 -9.73 -9.26
CA GLY G 53 10.17 -9.81 -9.58
C GLY G 53 10.50 -10.50 -10.89
N ILE G 54 9.50 -10.88 -11.67
CA ILE G 54 9.75 -11.47 -13.00
C ILE G 54 9.06 -10.64 -14.06
N ALA G 55 9.87 -10.07 -14.96
CA ALA G 55 9.38 -9.28 -16.09
C ALA G 55 8.96 -10.21 -17.22
N ASP G 56 7.83 -10.87 -17.04
CA ASP G 56 7.23 -11.73 -18.05
C ASP G 56 5.75 -11.45 -17.98
N ARG G 57 5.22 -10.78 -19.00
CA ARG G 57 3.85 -10.30 -18.92
C ARG G 57 2.84 -11.45 -18.87
N GLU G 58 3.12 -12.52 -19.61
CA GLU G 58 2.21 -13.67 -19.60
C GLU G 58 2.16 -14.32 -18.22
N LEU G 59 3.30 -14.50 -17.57
CA LEU G 59 3.30 -15.09 -16.23
C LEU G 59 2.62 -14.20 -15.20
N ALA G 60 2.84 -12.89 -15.28
CA ALA G 60 2.18 -11.97 -14.35
C ALA G 60 0.67 -11.99 -14.56
N ALA G 61 0.25 -12.00 -15.81
CA ALA G 61 -1.18 -12.07 -16.10
C ALA G 61 -1.81 -13.41 -15.68
N LEU G 62 -1.03 -14.48 -15.84
CA LEU G 62 -1.45 -15.80 -15.38
C LEU G 62 -1.67 -15.77 -13.86
N ALA G 63 -0.70 -15.16 -13.16
CA ALA G 63 -0.79 -15.05 -11.72
C ALA G 63 -2.06 -14.28 -11.33
N LEU G 64 -2.35 -13.18 -12.03
CA LEU G 64 -3.57 -12.40 -11.77
C LEU G 64 -4.83 -13.21 -12.01
N LYS G 65 -4.87 -13.96 -13.12
CA LYS G 65 -6.04 -14.80 -13.38
C LYS G 65 -6.21 -15.81 -12.23
N GLN G 66 -5.12 -16.46 -11.87
CA GLN G 66 -5.14 -17.48 -10.83
C GLN G 66 -5.61 -16.94 -9.48
N ALA G 67 -5.22 -15.70 -9.22
CA ALA G 67 -5.49 -14.98 -7.98
C ALA G 67 -6.84 -14.26 -7.97
N SER G 68 -7.68 -14.46 -8.99
CA SER G 68 -8.96 -13.73 -9.07
C SER G 68 -8.76 -12.21 -8.99
N GLY G 69 -7.66 -11.75 -9.58
CA GLY G 69 -7.35 -10.34 -9.63
C GLY G 69 -6.71 -9.73 -8.38
N ASP G 70 -6.53 -10.53 -7.33
CA ASP G 70 -5.90 -10.08 -6.09
C ASP G 70 -4.41 -9.78 -6.33
N ASN G 71 -4.01 -8.51 -6.36
CA ASN G 71 -2.61 -8.20 -6.70
C ASN G 71 -1.59 -8.81 -5.73
N VAL G 72 -1.91 -8.82 -4.45
CA VAL G 72 -0.99 -9.33 -3.44
C VAL G 72 -0.80 -10.84 -3.62
N GLU G 73 -1.89 -11.57 -3.84
CA GLU G 73 -1.77 -13.00 -4.07
C GLU G 73 -1.04 -13.29 -5.39
N ALA G 74 -1.29 -12.49 -6.42
CA ALA G 74 -0.62 -12.65 -7.71
C ALA G 74 0.88 -12.40 -7.59
N ILE G 75 1.25 -11.34 -6.86
CA ILE G 75 2.65 -11.04 -6.59
C ILE G 75 3.33 -12.22 -5.88
N PHE G 76 2.68 -12.76 -4.87
CA PHE G 76 3.22 -13.92 -4.20
C PHE G 76 3.34 -15.15 -5.13
N LEU G 77 2.30 -15.44 -5.92
CA LEU G 77 2.39 -16.55 -6.86
C LEU G 77 3.61 -16.41 -7.79
N LEU G 78 3.87 -15.19 -8.27
CA LEU G 78 4.95 -14.99 -9.23
C LEU G 78 6.31 -15.08 -8.51
N ARG G 79 6.38 -14.50 -7.31
CA ARG G 79 7.58 -14.56 -6.50
C ARG G 79 7.93 -15.99 -6.11
N ALA G 80 6.93 -16.77 -5.72
CA ALA G 80 7.14 -18.18 -5.42
C ALA G 80 7.65 -18.97 -6.64
N TYR G 81 7.14 -18.64 -7.82
CA TYR G 81 7.55 -19.29 -9.05
C TYR G 81 9.03 -19.03 -9.35
N ARG G 82 9.48 -17.83 -9.00
CA ARG G 82 10.85 -17.42 -9.21
C ARG G 82 11.84 -18.39 -8.59
N THR G 83 11.50 -18.88 -7.39
CA THR G 83 12.35 -19.83 -6.68
C THR G 83 12.63 -21.10 -7.48
N THR G 84 11.71 -21.50 -8.35
CA THR G 84 11.83 -22.77 -9.07
C THR G 84 12.64 -22.65 -10.34
N LEU G 85 12.98 -21.43 -10.74
CA LEU G 85 13.70 -21.19 -11.99
C LEU G 85 15.19 -21.08 -11.78
N ALA G 86 15.97 -21.59 -12.72
CA ALA G 86 17.43 -21.44 -12.69
C ALA G 86 17.85 -20.06 -13.17
N LYS G 87 18.86 -19.48 -12.53
CA LYS G 87 19.47 -18.27 -13.05
C LYS G 87 20.41 -18.65 -14.17
N LEU G 88 20.09 -18.22 -15.40
CA LEU G 88 20.86 -18.64 -16.56
C LEU G 88 21.91 -17.63 -16.98
N ALA G 89 21.68 -16.37 -16.63
CA ALA G 89 22.60 -15.31 -17.00
C ALA G 89 22.38 -14.08 -16.13
N VAL G 90 23.34 -13.16 -16.21
CA VAL G 90 23.18 -11.83 -15.63
C VAL G 90 23.34 -10.84 -16.77
N SER G 91 22.43 -9.88 -16.87
CA SER G 91 22.50 -8.93 -17.98
C SER G 91 23.64 -7.96 -17.84
N GLU G 92 24.13 -7.49 -18.97
CA GLU G 92 24.93 -6.27 -18.97
C GLU G 92 24.07 -5.17 -18.35
N PRO G 93 24.70 -4.18 -17.72
CA PRO G 93 23.83 -3.16 -17.12
C PRO G 93 22.99 -2.41 -18.16
N LEU G 94 21.72 -2.16 -17.85
CA LEU G 94 20.82 -1.46 -18.76
C LEU G 94 21.37 -0.07 -19.06
N ASP G 95 21.07 0.44 -20.26
CA ASP G 95 21.50 1.78 -20.65
C ASP G 95 20.24 2.55 -21.03
N THR G 96 19.76 3.37 -20.12
CA THR G 96 18.50 4.06 -20.35
C THR G 96 18.64 5.21 -21.35
N THR G 97 19.87 5.51 -21.78
CA THR G 97 20.00 6.50 -22.85
C THR G 97 19.57 5.86 -24.18
N GLY G 98 19.48 4.54 -24.20
CA GLY G 98 19.12 3.82 -25.43
C GLY G 98 17.63 3.53 -25.52
N MET G 99 16.84 4.15 -24.66
CA MET G 99 15.41 3.85 -24.59
C MET G 99 14.66 4.32 -25.85
N ARG G 100 13.86 3.42 -26.42
CA ARG G 100 12.96 3.77 -27.51
C ARG G 100 11.68 4.29 -26.82
N LEU G 101 11.49 5.59 -26.88
CA LEU G 101 10.56 6.27 -25.98
C LEU G 101 9.07 6.09 -26.31
N GLU G 102 8.30 5.77 -25.28
CA GLU G 102 6.84 5.87 -25.30
C GLU G 102 6.37 7.20 -24.71
N ARG G 103 7.17 7.74 -23.81
CA ARG G 103 6.77 8.85 -22.97
C ARG G 103 8.02 9.46 -22.34
N ARG G 104 8.07 10.79 -22.26
CA ARG G 104 9.21 11.48 -21.67
C ARG G 104 8.81 12.87 -21.26
N ILE G 105 8.81 13.13 -19.96
CA ILE G 105 8.40 14.44 -19.44
C ILE G 105 9.41 14.94 -18.41
N SER G 106 9.47 16.25 -18.25
CA SER G 106 10.28 16.90 -17.23
C SER G 106 9.52 18.06 -16.62
N ALA G 107 9.43 18.10 -15.29
CA ALA G 107 8.69 19.14 -14.60
C ALA G 107 9.52 20.41 -14.41
N VAL G 108 10.83 20.31 -14.66
CA VAL G 108 11.69 21.37 -14.20
C VAL G 108 11.98 22.45 -15.23
N TYR G 109 11.71 22.19 -16.50
CA TYR G 109 11.79 23.21 -17.56
C TYR G 109 10.52 23.11 -18.40
N LYS G 110 10.06 24.25 -18.93
CA LYS G 110 8.87 24.29 -19.77
C LYS G 110 9.05 23.39 -21.00
N ASP G 111 10.16 23.57 -21.70
CA ASP G 111 10.51 22.70 -22.81
C ASP G 111 11.99 22.34 -22.70
N ILE G 112 12.33 21.18 -23.27
CA ILE G 112 13.65 20.60 -23.18
C ILE G 112 14.02 19.98 -24.53
N PRO G 113 15.31 19.70 -24.75
CA PRO G 113 15.70 18.99 -25.99
C PRO G 113 15.01 17.64 -26.11
N GLY G 114 14.36 17.42 -27.25
CA GLY G 114 13.57 16.23 -27.46
C GLY G 114 12.12 16.40 -27.09
N GLY G 115 11.81 17.47 -26.35
CA GLY G 115 10.44 17.83 -26.03
C GLY G 115 9.77 17.09 -24.89
N GLN G 116 8.58 17.60 -24.54
CA GLN G 116 7.67 16.95 -23.61
C GLN G 116 6.81 16.00 -24.40
N LEU G 117 6.98 14.71 -24.16
CA LEU G 117 6.28 13.67 -24.92
C LEU G 117 5.32 12.97 -23.98
N LEU G 118 4.03 13.32 -24.04
CA LEU G 118 3.11 12.81 -23.03
C LEU G 118 2.88 11.32 -23.14
N GLY G 119 2.89 10.78 -24.35
CA GLY G 119 2.73 9.34 -24.51
C GLY G 119 1.35 8.90 -24.10
N PRO G 120 1.12 7.60 -24.01
CA PRO G 120 -0.10 7.09 -23.38
C PRO G 120 -0.10 7.46 -21.91
N THR G 121 -1.13 8.18 -21.46
CA THR G 121 -1.21 8.56 -20.05
C THR G 121 -2.67 8.78 -19.65
N TYR G 122 -2.96 8.58 -18.36
CA TYR G 122 -4.20 9.01 -17.75
C TYR G 122 -4.08 10.44 -17.20
N ASP G 123 -2.88 10.99 -17.23
CA ASP G 123 -2.72 12.36 -16.77
C ASP G 123 -3.64 13.26 -17.59
N TYR G 124 -4.25 14.22 -16.91
CA TYR G 124 -5.13 15.22 -17.49
C TYR G 124 -6.48 14.67 -17.95
N THR G 125 -6.78 13.40 -17.68
CA THR G 125 -8.15 12.94 -17.88
C THR G 125 -9.05 13.52 -16.78
N HIS G 126 -10.30 13.76 -17.15
CA HIS G 126 -11.35 14.02 -16.16
C HIS G 126 -11.89 12.65 -15.72
N ARG G 127 -11.75 12.34 -14.44
CA ARG G 127 -12.17 11.04 -13.91
C ARG G 127 -13.68 10.97 -13.78
N LEU G 128 -14.31 10.65 -14.90
CA LEU G 128 -15.74 10.44 -15.01
C LEU G 128 -15.93 9.01 -15.51
N LEU G 129 -16.66 8.18 -14.77
CA LEU G 129 -16.82 6.79 -15.21
C LEU G 129 -17.39 6.74 -16.64
N ASP G 130 -16.81 5.89 -17.46
CA ASP G 130 -17.15 5.83 -18.88
C ASP G 130 -18.06 4.63 -19.15
N PHE G 131 -19.37 4.88 -19.15
CA PHE G 131 -20.33 3.80 -19.27
C PHE G 131 -20.39 3.21 -20.68
N THR G 132 -19.72 3.85 -21.64
CA THR G 132 -19.64 3.23 -22.96
C THR G 132 -18.82 1.94 -22.87
N LEU G 133 -18.02 1.81 -21.81
CA LEU G 133 -17.20 0.60 -21.66
C LEU G 133 -18.04 -0.62 -21.24
N LEU G 134 -19.32 -0.43 -20.95
CA LEU G 134 -20.19 -1.54 -20.57
C LEU G 134 -20.67 -2.30 -21.79
N ALA G 135 -20.38 -1.77 -22.97
CA ALA G 135 -20.64 -2.47 -24.23
C ALA G 135 -19.36 -2.58 -25.05
N ASN G 136 -19.39 -3.39 -26.10
CA ASN G 136 -18.29 -3.41 -27.05
C ASN G 136 -18.16 -2.03 -27.66
N GLY G 137 -16.94 -1.57 -27.85
CA GLY G 137 -16.70 -0.27 -28.46
C GLY G 137 -15.54 -0.36 -29.43
N GLU G 138 -15.19 0.78 -30.04
CA GLU G 138 -14.06 0.83 -30.96
C GLU G 138 -13.01 1.79 -30.44
N ALA G 139 -11.76 1.35 -30.43
CA ALA G 139 -10.65 2.19 -30.01
C ALA G 139 -10.46 3.31 -31.02
N PRO G 140 -9.83 4.41 -30.59
CA PRO G 140 -9.56 5.52 -31.51
C PRO G 140 -8.63 5.11 -32.66
N THR G 141 -8.84 5.67 -33.85
CA THR G 141 -7.90 5.51 -34.95
C THR G 141 -6.79 6.56 -34.80
N LEU G 142 -5.59 6.10 -34.45
CA LEU G 142 -4.54 7.00 -33.95
C LEU G 142 -4.00 7.93 -35.03
N THR G 143 -3.93 9.21 -34.71
CA THR G 143 -3.29 10.16 -35.61
C THR G 143 -1.78 9.96 -35.52
N THR G 144 -1.08 10.30 -36.59
CA THR G 144 0.35 10.14 -36.64
C THR G 144 1.01 11.46 -36.95
N ALA G 145 2.24 11.59 -36.46
CA ALA G 145 3.10 12.72 -36.74
C ALA G 145 4.39 12.15 -37.31
N ASP G 146 5.43 12.97 -37.37
CA ASP G 146 6.73 12.49 -37.87
C ASP G 146 7.21 11.29 -37.05
N SER G 147 7.98 10.41 -37.70
CA SER G 147 8.39 9.15 -37.09
C SER G 147 9.74 9.20 -36.38
N GLU G 148 10.36 10.39 -36.36
CA GLU G 148 11.71 10.53 -35.80
C GLU G 148 11.68 10.57 -34.28
N GLN G 149 12.57 9.83 -33.63
CA GLN G 149 12.83 10.10 -32.20
C GLN G 149 13.92 11.17 -32.13
N GLN G 150 13.58 12.30 -31.53
CA GLN G 150 14.51 13.44 -31.46
C GLN G 150 15.55 13.15 -30.39
N PRO G 151 16.71 13.83 -30.45
CA PRO G 151 17.68 13.52 -29.38
C PRO G 151 17.12 13.97 -28.04
N SER G 152 17.18 13.07 -27.08
CA SER G 152 16.53 13.27 -25.79
C SER G 152 17.52 12.98 -24.67
N PRO G 153 18.47 13.91 -24.47
CA PRO G 153 19.44 13.74 -23.37
C PRO G 153 18.73 13.67 -22.02
N HIS G 154 19.30 12.98 -21.05
CA HIS G 154 18.71 13.02 -19.71
C HIS G 154 18.80 14.43 -19.15
N VAL G 155 17.73 14.89 -18.51
CA VAL G 155 17.74 16.20 -17.91
C VAL G 155 18.88 16.29 -16.88
N PHE G 156 19.17 15.22 -16.15
CA PHE G 156 20.24 15.27 -15.18
C PHE G 156 21.61 15.44 -15.82
N SER G 157 21.76 14.99 -17.06
CA SER G 157 22.98 15.29 -17.80
C SER G 157 23.11 16.76 -18.11
N LEU G 158 22.00 17.39 -18.46
CA LEU G 158 21.99 18.82 -18.72
C LEU G 158 22.40 19.57 -17.45
N LEU G 159 21.78 19.24 -16.33
CA LEU G 159 22.12 19.85 -15.04
C LEU G 159 23.58 19.64 -14.64
N ALA G 160 24.07 18.41 -14.80
CA ALA G 160 25.44 18.09 -14.43
C ALA G 160 26.46 18.80 -15.31
N ARG G 161 26.15 18.93 -16.59
CA ARG G 161 27.06 19.65 -17.48
C ARG G 161 27.13 21.13 -17.11
N GLN G 162 26.09 21.62 -16.47
CA GLN G 162 26.04 22.99 -15.97
C GLN G 162 26.65 23.12 -14.58
N GLY G 163 27.01 22.00 -13.95
CA GLY G 163 27.61 22.02 -12.63
C GLY G 163 26.57 22.16 -11.53
N LEU G 164 25.29 22.04 -11.88
CA LEU G 164 24.18 22.21 -10.94
C LEU G 164 23.82 20.93 -10.21
N ALA G 165 24.20 19.80 -10.79
CA ALA G 165 24.07 18.50 -10.16
C ALA G 165 25.37 17.74 -10.38
N LYS G 166 25.50 16.59 -9.73
CA LYS G 166 26.70 15.75 -9.91
C LYS G 166 26.31 14.48 -10.69
N PHE G 167 27.12 14.09 -11.68
CA PHE G 167 26.94 12.81 -12.35
C PHE G 167 27.02 11.68 -11.35
N GLU G 168 26.21 10.65 -11.55
CA GLU G 168 26.34 9.40 -10.83
C GLU G 168 27.46 8.62 -11.50
N GLU G 169 28.51 8.40 -10.73
CA GLU G 169 29.69 7.71 -11.23
C GLU G 169 29.70 6.25 -10.79
N ASP G 170 30.37 5.43 -11.59
CA ASP G 170 30.52 4.01 -11.31
C ASP G 170 31.94 3.70 -10.83
N SER G 171 32.09 3.31 -9.57
CA SER G 171 33.39 2.91 -9.03
C SER G 171 33.70 1.46 -9.38
N GLY G 172 32.73 0.75 -9.94
CA GLY G 172 32.88 -0.66 -10.26
C GLY G 172 32.43 -1.57 -9.12
N ALA G 173 31.90 -0.98 -8.06
CA ALA G 173 31.43 -1.74 -6.90
C ALA G 173 30.44 -2.83 -7.29
N GLN G 174 30.62 -4.03 -6.76
CA GLN G 174 29.70 -5.13 -7.03
C GLN G 174 28.40 -4.91 -6.26
N PRO G 175 27.25 -4.99 -6.94
CA PRO G 175 26.01 -4.80 -6.20
C PRO G 175 25.71 -5.94 -5.23
N ASP G 176 25.05 -5.58 -4.13
CA ASP G 176 24.55 -6.56 -3.19
C ASP G 176 23.27 -7.16 -3.70
N ASP G 177 22.98 -8.38 -3.29
CA ASP G 177 21.82 -9.08 -3.82
C ASP G 177 21.02 -9.65 -2.68
N ILE G 178 19.92 -9.00 -2.37
CA ILE G 178 19.10 -9.35 -1.22
C ILE G 178 18.43 -10.71 -1.39
N THR G 179 18.37 -11.24 -2.61
CA THR G 179 17.72 -12.53 -2.81
C THR G 179 18.65 -13.70 -2.48
N ARG G 180 19.92 -13.40 -2.18
CA ARG G 180 20.93 -14.41 -1.87
C ARG G 180 21.35 -14.36 -0.42
N THR G 181 21.24 -13.19 0.19
CA THR G 181 21.76 -12.98 1.52
C THR G 181 20.79 -12.13 2.27
N PRO G 182 20.53 -12.48 3.54
CA PRO G 182 19.49 -11.74 4.25
C PRO G 182 19.92 -10.33 4.64
N PRO G 183 18.96 -9.44 4.84
CA PRO G 183 19.31 -8.04 5.10
C PRO G 183 20.12 -7.85 6.38
N VAL G 184 21.13 -6.98 6.30
CA VAL G 184 21.93 -6.55 7.44
C VAL G 184 22.02 -5.03 7.48
N TYR G 185 21.24 -4.40 8.35
CA TYR G 185 21.24 -2.93 8.37
C TYR G 185 22.48 -2.42 9.07
N PRO G 186 23.11 -1.35 8.53
CA PRO G 186 22.73 -0.59 7.33
C PRO G 186 23.17 -1.22 6.01
N CYS G 187 22.39 -0.96 4.97
CA CYS G 187 22.54 -1.58 3.66
C CYS G 187 23.17 -0.59 2.70
N SER G 188 23.87 -1.10 1.69
CA SER G 188 24.36 -0.24 0.61
C SER G 188 23.19 0.36 -0.17
N ARG G 189 23.45 1.44 -0.89
CA ARG G 189 22.39 2.00 -1.72
C ARG G 189 21.92 1.00 -2.78
N SER G 190 22.84 0.17 -3.28
CA SER G 190 22.44 -0.83 -4.29
C SER G 190 21.42 -1.81 -3.69
N SER G 191 21.64 -2.19 -2.44
CA SER G 191 20.70 -3.04 -1.74
C SER G 191 19.37 -2.33 -1.48
N ARG G 192 19.44 -1.07 -1.04
CA ARG G 192 18.20 -0.35 -0.73
C ARG G 192 17.36 -0.19 -2.00
N LEU G 193 18.00 0.13 -3.13
CA LEU G 193 17.26 0.28 -4.38
C LEU G 193 16.63 -1.03 -4.87
N GLN G 194 17.35 -2.13 -4.72
CA GLN G 194 16.81 -3.43 -5.08
C GLN G 194 15.57 -3.74 -4.24
N GLN G 195 15.63 -3.44 -2.95
CA GLN G 195 14.54 -3.70 -2.04
C GLN G 195 13.34 -2.79 -2.34
N LEU G 196 13.62 -1.53 -2.68
CA LEU G 196 12.54 -0.60 -2.96
C LEU G 196 11.79 -1.02 -4.23
N MET G 197 12.49 -1.53 -5.24
CA MET G 197 11.80 -1.93 -6.47
C MET G 197 10.78 -3.02 -6.19
N ARG G 198 11.10 -3.91 -5.26
CA ARG G 198 10.25 -5.04 -4.90
C ARG G 198 9.17 -4.68 -3.88
N GLY G 199 9.23 -3.48 -3.32
CA GLY G 199 8.38 -3.12 -2.19
C GLY G 199 6.96 -2.73 -2.57
N ASP G 200 6.09 -2.74 -1.59
CA ASP G 200 4.68 -2.51 -1.85
C ASP G 200 4.39 -1.07 -2.31
N GLU G 201 3.71 -0.94 -3.43
CA GLU G 201 3.44 0.37 -4.01
C GLU G 201 2.74 1.31 -3.02
N GLY G 202 1.72 0.82 -2.33
CA GLY G 202 0.92 1.65 -1.45
C GLY G 202 1.69 2.14 -0.23
N TYR G 203 2.46 1.24 0.37
CA TYR G 203 3.29 1.58 1.50
C TYR G 203 4.36 2.59 1.13
N LEU G 204 5.07 2.33 0.03
CA LEU G 204 6.12 3.26 -0.36
C LEU G 204 5.55 4.59 -0.79
N LEU G 205 4.38 4.60 -1.45
CA LEU G 205 3.73 5.87 -1.78
C LEU G 205 3.40 6.70 -0.55
N ALA G 206 2.86 6.03 0.47
CA ALA G 206 2.50 6.70 1.71
C ALA G 206 3.71 7.30 2.39
N LEU G 207 4.81 6.55 2.43
CA LEU G 207 6.03 7.09 3.02
C LEU G 207 6.55 8.27 2.23
N ALA G 208 6.56 8.16 0.91
CA ALA G 208 7.03 9.25 0.06
C ALA G 208 6.16 10.49 0.26
N TYR G 209 4.87 10.26 0.32
CA TYR G 209 3.90 11.32 0.58
C TYR G 209 4.19 12.01 1.92
N SER G 210 4.53 11.22 2.93
CA SER G 210 4.79 11.82 4.24
C SER G 210 6.01 12.75 4.16
N THR G 211 6.99 12.43 3.32
CA THR G 211 8.16 13.32 3.19
C THR G 211 7.73 14.63 2.52
N GLN G 212 6.81 14.55 1.57
CA GLN G 212 6.30 15.76 0.88
C GLN G 212 5.57 16.68 1.84
N ARG G 213 5.03 16.11 2.92
CA ARG G 213 4.29 16.89 3.91
C ARG G 213 5.15 17.27 5.13
N GLY G 214 6.46 17.02 5.04
CA GLY G 214 7.39 17.53 6.02
C GLY G 214 7.97 16.54 7.00
N TYR G 215 7.67 15.25 6.81
CA TYR G 215 8.24 14.21 7.66
C TYR G 215 9.48 13.69 6.96
N GLY G 216 10.59 14.44 7.06
CA GLY G 216 11.81 14.08 6.33
C GLY G 216 11.79 14.69 4.93
N ARG G 217 11.59 15.99 4.91
CA ARG G 217 11.57 16.81 3.70
C ARG G 217 12.79 16.62 2.78
N ASN G 218 12.59 16.51 1.46
CA ASN G 218 13.74 16.50 0.55
C ASN G 218 13.53 17.29 -0.75
N HIS G 219 12.55 18.20 -0.72
CA HIS G 219 12.35 19.21 -1.75
C HIS G 219 12.42 18.64 -3.16
N PRO G 220 11.51 17.73 -3.48
CA PRO G 220 11.56 17.01 -4.76
C PRO G 220 10.99 17.78 -5.97
N PHE G 221 11.67 17.62 -7.10
CA PHE G 221 11.11 17.95 -8.42
C PHE G 221 11.28 16.73 -9.31
N ALA G 222 10.30 16.48 -10.18
CA ALA G 222 10.44 15.44 -11.19
C ALA G 222 11.34 15.93 -12.33
N GLY G 223 12.64 15.63 -12.22
CA GLY G 223 13.58 16.06 -13.23
C GLY G 223 13.29 15.42 -14.56
N GLU G 224 12.99 14.12 -14.52
CA GLU G 224 12.61 13.40 -15.74
C GLU G 224 11.88 12.11 -15.39
N ILE G 225 10.87 11.78 -16.19
CA ILE G 225 10.31 10.44 -16.20
C ILE G 225 10.28 10.04 -17.64
N ARG G 226 10.85 8.87 -17.94
CA ARG G 226 10.80 8.35 -19.28
C ARG G 226 10.38 6.90 -19.23
N SER G 227 9.55 6.51 -20.20
CA SER G 227 9.06 5.16 -20.33
C SER G 227 9.32 4.68 -21.76
N GLY G 228 9.73 3.43 -21.92
CA GLY G 228 10.05 2.93 -23.24
C GLY G 228 10.88 1.67 -23.18
N TYR G 229 11.31 1.24 -24.36
CA TYR G 229 11.94 -0.05 -24.54
C TYR G 229 13.45 0.08 -24.50
N ILE G 230 14.06 -0.80 -23.71
CA ILE G 230 15.50 -0.89 -23.57
C ILE G 230 15.97 -2.30 -23.95
N ASP G 231 16.99 -2.37 -24.79
CA ASP G 231 17.62 -3.63 -25.16
C ASP G 231 18.29 -4.28 -23.95
N VAL G 232 18.20 -5.60 -23.87
CA VAL G 232 18.85 -6.39 -22.81
C VAL G 232 19.87 -7.28 -23.46
N SER G 233 21.09 -7.29 -22.92
CA SER G 233 22.16 -8.11 -23.47
CA SER G 233 22.16 -8.11 -23.47
C SER G 233 22.86 -8.94 -22.37
N ILE G 234 23.44 -10.05 -22.78
CA ILE G 234 24.25 -10.87 -21.89
C ILE G 234 25.55 -11.19 -22.62
N VAL G 235 26.56 -11.65 -21.88
CA VAL G 235 27.79 -12.10 -22.49
C VAL G 235 27.98 -13.55 -22.11
N PRO G 236 27.54 -14.47 -22.99
CA PRO G 236 27.63 -15.87 -22.61
C PRO G 236 29.04 -16.40 -22.73
N GLU G 237 29.42 -17.20 -21.75
CA GLU G 237 30.74 -17.80 -21.67
C GLU G 237 31.08 -18.60 -22.93
N GLU G 238 30.07 -19.19 -23.55
CA GLU G 238 30.26 -20.01 -24.74
C GLU G 238 30.83 -19.20 -25.90
N LEU G 239 30.55 -17.90 -25.92
CA LEU G 239 30.88 -17.07 -27.08
C LEU G 239 31.88 -15.94 -26.76
N GLY G 240 31.77 -15.35 -25.58
CA GLY G 240 32.66 -14.29 -25.16
C GLY G 240 32.38 -12.93 -25.77
N PHE G 241 31.22 -12.77 -26.40
CA PHE G 241 30.78 -11.48 -26.89
C PHE G 241 29.33 -11.28 -26.54
N ALA G 242 28.90 -10.03 -26.55
CA ALA G 242 27.55 -9.66 -26.13
C ALA G 242 26.49 -10.12 -27.12
N VAL G 243 25.37 -10.58 -26.57
CA VAL G 243 24.25 -11.09 -27.33
C VAL G 243 23.03 -10.33 -26.85
N ASN G 244 22.29 -9.73 -27.79
CA ASN G 244 21.06 -9.01 -27.46
C ASN G 244 19.88 -9.99 -27.44
N VAL G 245 19.30 -10.20 -26.26
CA VAL G 245 18.34 -11.27 -26.06
C VAL G 245 16.90 -10.78 -26.18
N GLY G 246 16.71 -9.47 -26.28
CA GLY G 246 15.37 -8.90 -26.26
C GLY G 246 15.36 -7.49 -25.74
N GLU G 247 14.23 -7.10 -25.18
CA GLU G 247 14.01 -5.75 -24.70
C GLU G 247 13.03 -5.78 -23.53
N LEU G 248 13.10 -4.74 -22.70
CA LEU G 248 12.17 -4.54 -21.59
C LEU G 248 11.55 -3.17 -21.71
N LEU G 249 10.22 -3.10 -21.57
CA LEU G 249 9.54 -1.83 -21.36
C LEU G 249 9.68 -1.43 -19.90
N MET G 250 10.28 -0.27 -19.67
CA MET G 250 10.53 0.19 -18.33
C MET G 250 10.23 1.66 -18.16
N THR G 251 10.05 2.07 -16.92
CA THR G 251 9.87 3.47 -16.58
C THR G 251 10.97 3.86 -15.60
N GLU G 252 11.64 4.95 -15.93
CA GLU G 252 12.73 5.51 -15.15
C GLU G 252 12.33 6.87 -14.64
N CYS G 253 12.51 7.09 -13.33
CA CYS G 253 12.23 8.39 -12.73
C CYS G 253 13.49 8.95 -12.07
N GLU G 254 13.85 10.19 -12.43
CA GLU G 254 14.91 10.88 -11.72
C GLU G 254 14.35 12.12 -11.03
N MET G 255 14.47 12.16 -9.71
CA MET G 255 14.00 13.29 -8.91
C MET G 255 15.18 14.19 -8.58
N VAL G 256 14.96 15.49 -8.70
CA VAL G 256 15.90 16.47 -8.20
C VAL G 256 15.49 16.73 -6.75
N ASN G 257 16.47 16.76 -5.86
CA ASN G 257 16.18 17.01 -4.44
C ASN G 257 17.00 18.19 -3.94
N GLY G 258 16.80 18.57 -2.69
CA GLY G 258 17.38 19.79 -2.17
C GLY G 258 18.87 19.91 -2.34
N PHE G 259 19.35 21.13 -2.60
CA PHE G 259 20.78 21.27 -2.80
C PHE G 259 21.52 21.25 -1.46
N ILE G 260 22.79 20.87 -1.56
CA ILE G 260 23.70 20.86 -0.42
C ILE G 260 24.89 21.76 -0.76
N ASP G 261 25.63 22.18 0.27
CA ASP G 261 26.81 23.03 0.06
C ASP G 261 28.02 22.33 0.69
N PRO G 262 28.69 21.47 -0.09
CA PRO G 262 29.85 20.74 0.44
C PRO G 262 31.02 21.68 0.67
N PRO G 263 31.93 21.30 1.57
CA PRO G 263 33.06 22.15 1.92
C PRO G 263 33.96 22.46 0.73
N GLY G 264 34.36 21.44 -0.01
CA GLY G 264 35.40 21.60 -1.01
C GLY G 264 34.94 22.06 -2.37
N GLU G 265 33.64 22.26 -2.54
CA GLU G 265 33.10 22.40 -3.88
C GLU G 265 31.83 23.23 -3.95
N PRO G 266 31.43 23.60 -5.16
CA PRO G 266 30.20 24.41 -5.28
C PRO G 266 28.97 23.66 -4.80
N PRO G 267 27.98 24.41 -4.29
CA PRO G 267 26.73 23.75 -3.93
C PRO G 267 26.04 23.16 -5.15
N HIS G 268 25.20 22.16 -4.93
CA HIS G 268 24.60 21.41 -6.02
C HIS G 268 23.40 20.63 -5.51
N PHE G 269 22.49 20.30 -6.44
CA PHE G 269 21.33 19.48 -6.13
C PHE G 269 21.69 18.05 -5.76
N THR G 270 20.87 17.43 -4.92
CA THR G 270 20.95 16.00 -4.69
C THR G 270 19.87 15.32 -5.55
N ARG G 271 19.71 14.00 -5.43
CA ARG G 271 18.83 13.30 -6.36
C ARG G 271 18.36 11.95 -5.85
N GLY G 272 17.31 11.46 -6.51
CA GLY G 272 16.72 10.17 -6.24
C GLY G 272 16.42 9.45 -7.54
N TYR G 273 16.33 8.13 -7.46
CA TYR G 273 16.21 7.26 -8.65
C TYR G 273 15.16 6.19 -8.46
N GLY G 274 14.29 6.03 -9.46
CA GLY G 274 13.32 4.96 -9.47
C GLY G 274 13.31 4.30 -10.82
N LEU G 275 13.05 2.99 -10.81
CA LEU G 275 13.04 2.19 -12.01
C LEU G 275 12.11 1.00 -11.81
N VAL G 276 11.15 0.83 -12.72
CA VAL G 276 10.14 -0.21 -12.63
C VAL G 276 9.88 -0.83 -14.02
N PHE G 277 9.23 -1.98 -14.05
CA PHE G 277 8.81 -2.58 -15.31
C PHE G 277 7.51 -1.97 -15.78
N GLY G 278 7.39 -1.75 -17.08
CA GLY G 278 6.14 -1.28 -17.68
C GLY G 278 5.96 0.23 -17.59
N MET G 279 4.70 0.67 -17.63
CA MET G 279 4.32 2.08 -17.77
C MET G 279 3.87 2.75 -16.47
N SER G 280 3.50 1.96 -15.48
CA SER G 280 2.96 2.51 -14.25
C SER G 280 4.04 3.26 -13.50
N GLU G 281 3.92 4.56 -13.37
CA GLU G 281 5.05 5.35 -12.92
C GLU G 281 4.99 5.72 -11.43
N ARG G 282 3.85 5.62 -10.76
CA ARG G 282 3.80 6.17 -9.40
C ARG G 282 4.75 5.40 -8.47
N LYS G 283 4.94 4.12 -8.73
CA LYS G 283 5.91 3.33 -7.96
C LYS G 283 7.33 3.83 -8.15
N ALA G 284 7.69 4.14 -9.40
CA ALA G 284 9.01 4.68 -9.69
C ALA G 284 9.22 6.00 -8.97
N MET G 285 8.16 6.80 -8.90
CA MET G 285 8.26 8.08 -8.21
C MET G 285 8.43 7.89 -6.70
N ALA G 286 7.67 6.97 -6.11
CA ALA G 286 7.80 6.72 -4.68
C ALA G 286 9.18 6.14 -4.38
N MET G 287 9.61 5.21 -5.23
CA MET G 287 10.95 4.65 -5.12
C MET G 287 12.03 5.75 -5.07
N ALA G 288 11.99 6.69 -5.99
CA ALA G 288 12.97 7.76 -6.02
C ALA G 288 12.90 8.62 -4.77
N LEU G 289 11.70 8.92 -4.29
CA LEU G 289 11.55 9.76 -3.12
C LEU G 289 12.08 9.09 -1.86
N VAL G 290 11.78 7.81 -1.70
CA VAL G 290 12.25 7.06 -0.54
C VAL G 290 13.73 6.72 -0.67
N ASP G 291 14.23 6.57 -1.90
CA ASP G 291 15.67 6.45 -2.16
C ASP G 291 16.39 7.65 -1.57
N ARG G 292 15.93 8.84 -1.89
CA ARG G 292 16.58 10.05 -1.36
C ARG G 292 16.49 10.09 0.15
N ALA G 293 15.32 9.73 0.71
CA ALA G 293 15.15 9.76 2.16
C ALA G 293 16.21 8.87 2.81
N LEU G 294 16.40 7.68 2.25
CA LEU G 294 17.32 6.69 2.81
C LEU G 294 18.79 6.93 2.44
N GLN G 295 19.07 8.04 1.73
CA GLN G 295 20.44 8.51 1.58
C GLN G 295 20.90 9.34 2.80
N ALA G 296 20.05 9.46 3.81
CA ALA G 296 20.40 10.23 5.00
C ALA G 296 21.81 9.92 5.57
N PRO G 297 22.20 8.64 5.67
CA PRO G 297 23.56 8.38 6.19
C PRO G 297 24.70 9.02 5.38
N GLU G 298 24.64 8.89 4.06
CA GLU G 298 25.65 9.46 3.17
C GLU G 298 25.73 10.97 3.31
N TYR G 299 24.62 11.61 3.67
CA TYR G 299 24.62 13.06 3.80
C TYR G 299 24.68 13.52 5.24
N GLY G 300 24.80 12.59 6.18
CA GLY G 300 24.90 12.94 7.58
C GLY G 300 23.63 13.59 8.10
N GLU G 301 22.52 13.26 7.48
CA GLU G 301 21.22 13.80 7.86
C GLU G 301 20.61 12.97 9.00
N HIS G 302 19.86 13.63 9.86
CA HIS G 302 19.14 12.94 10.92
C HIS G 302 17.68 12.77 10.53
N ALA G 303 17.08 11.68 10.98
CA ALA G 303 15.73 11.34 10.57
C ALA G 303 14.72 12.25 11.25
N THR G 304 13.90 12.91 10.44
CA THR G 304 12.75 13.65 10.94
C THR G 304 11.45 13.02 10.47
N GLY G 305 11.55 11.81 9.92
CA GLY G 305 10.39 11.04 9.55
C GLY G 305 10.68 9.54 9.40
N PRO G 306 9.65 8.69 9.54
CA PRO G 306 9.77 7.25 9.33
C PRO G 306 10.42 6.87 8.00
N ALA G 307 10.21 7.67 6.95
CA ALA G 307 10.76 7.35 5.66
C ALA G 307 12.30 7.37 5.61
N GLN G 308 12.94 8.00 6.59
CA GLN G 308 14.38 8.08 6.71
C GLN G 308 14.98 6.99 7.63
N ASP G 309 14.12 6.16 8.18
CA ASP G 309 14.48 5.16 9.19
C ASP G 309 14.65 3.86 8.43
N GLU G 310 15.89 3.49 8.15
CA GLU G 310 16.17 2.44 7.19
C GLU G 310 15.52 1.10 7.58
N GLU G 311 15.76 0.64 8.80
CA GLU G 311 15.18 -0.64 9.20
C GLU G 311 13.65 -0.56 9.19
N PHE G 312 13.05 0.53 9.68
CA PHE G 312 11.60 0.60 9.68
C PHE G 312 11.04 0.57 8.28
N VAL G 313 11.67 1.29 7.35
CA VAL G 313 11.19 1.28 5.99
C VAL G 313 11.34 -0.10 5.37
N LEU G 314 12.55 -0.64 5.36
CA LEU G 314 12.81 -1.82 4.54
C LEU G 314 12.30 -3.10 5.20
N ALA G 315 12.25 -3.13 6.53
CA ALA G 315 11.76 -4.33 7.21
C ALA G 315 10.29 -4.57 6.92
N HIS G 316 9.55 -3.52 6.57
CA HIS G 316 8.11 -3.62 6.42
C HIS G 316 7.63 -3.31 5.02
N ALA G 317 8.54 -3.43 4.05
CA ALA G 317 8.26 -3.03 2.67
C ALA G 317 7.76 -4.14 1.72
N ASP G 318 8.28 -5.34 1.86
CA ASP G 318 7.99 -6.42 0.91
C ASP G 318 6.65 -7.07 1.26
N ASN G 319 5.61 -6.91 0.45
CA ASN G 319 4.30 -7.42 0.89
C ASN G 319 4.22 -8.93 0.90
N VAL G 320 5.20 -9.60 0.29
CA VAL G 320 5.25 -11.04 0.41
C VAL G 320 5.51 -11.42 1.88
N GLU G 321 6.31 -10.62 2.58
CA GLU G 321 6.50 -10.81 4.02
C GLU G 321 5.31 -10.27 4.81
N VAL G 322 4.92 -9.04 4.47
CA VAL G 322 3.88 -8.29 5.20
C VAL G 322 2.56 -9.00 5.18
N ALA G 323 2.06 -9.31 3.98
CA ALA G 323 0.73 -9.89 3.87
C ALA G 323 0.70 -11.32 4.42
N GLY G 324 1.79 -12.06 4.23
CA GLY G 324 1.94 -13.37 4.81
C GLY G 324 1.75 -13.36 6.32
N PHE G 325 2.45 -12.46 7.02
CA PHE G 325 2.42 -12.49 8.47
C PHE G 325 1.10 -11.89 9.02
N VAL G 326 0.54 -10.86 8.38
CA VAL G 326 -0.76 -10.39 8.85
C VAL G 326 -1.80 -11.50 8.66
N SER G 327 -1.79 -12.12 7.47
CA SER G 327 -2.81 -13.12 7.17
C SER G 327 -2.65 -14.37 8.03
N HIS G 328 -1.44 -14.61 8.54
CA HIS G 328 -1.18 -15.84 9.29
C HIS G 328 -1.96 -15.90 10.61
N LEU G 329 -2.50 -14.77 11.06
CA LEU G 329 -3.36 -14.76 12.23
C LEU G 329 -4.59 -15.66 12.04
N LYS G 330 -4.96 -15.96 10.79
CA LYS G 330 -6.05 -16.87 10.49
C LYS G 330 -5.75 -18.31 10.85
N LEU G 331 -4.47 -18.66 10.97
CA LEU G 331 -4.10 -20.00 11.39
C LEU G 331 -4.60 -20.28 12.79
N PRO G 332 -4.88 -21.55 13.09
CA PRO G 332 -5.19 -21.90 14.48
C PRO G 332 -4.11 -21.39 15.43
N HIS G 333 -4.55 -20.71 16.49
CA HIS G 333 -3.66 -20.19 17.54
C HIS G 333 -4.23 -20.55 18.92
N TYR G 334 -4.94 -21.66 19.01
CA TYR G 334 -5.70 -21.92 20.22
C TYR G 334 -4.83 -22.38 21.38
N VAL G 335 -3.69 -23.00 21.09
CA VAL G 335 -2.73 -23.39 22.14
C VAL G 335 -2.19 -22.14 22.85
N ASP G 336 -1.79 -21.15 22.06
CA ASP G 336 -1.27 -19.90 22.62
C ASP G 336 -2.37 -19.11 23.30
N PHE G 337 -3.57 -19.11 22.71
CA PHE G 337 -4.66 -18.39 23.34
C PHE G 337 -5.04 -19.05 24.66
N GLN G 338 -4.98 -20.38 24.72
CA GLN G 338 -5.32 -21.09 25.95
C GLN G 338 -4.31 -20.74 27.04
N ALA G 339 -3.06 -20.55 26.64
CA ALA G 339 -2.04 -20.11 27.60
C ALA G 339 -2.40 -18.72 28.15
N GLU G 340 -2.84 -17.81 27.29
CA GLU G 340 -3.30 -16.49 27.76
C GLU G 340 -4.53 -16.62 28.66
N LEU G 341 -5.51 -17.42 28.23
CA LEU G 341 -6.71 -17.66 29.04
C LEU G 341 -6.39 -18.22 30.42
N GLU G 342 -5.49 -19.19 30.48
CA GLU G 342 -5.18 -19.86 31.73
C GLU G 342 -4.69 -18.83 32.77
N LEU G 343 -3.93 -17.85 32.29
CA LEU G 343 -3.44 -16.77 33.16
C LEU G 343 -4.55 -15.78 33.49
N LEU G 344 -5.25 -15.31 32.46
CA LEU G 344 -6.28 -14.31 32.68
C LEU G 344 -7.33 -14.80 33.69
N LYS G 345 -7.74 -16.06 33.58
CA LYS G 345 -8.71 -16.62 34.50
C LYS G 345 -8.16 -16.60 35.92
N ARG G 346 -6.88 -16.93 36.08
CA ARG G 346 -6.24 -16.89 37.38
C ARG G 346 -6.22 -15.48 37.95
N LEU G 347 -5.91 -14.49 37.11
CA LEU G 347 -5.88 -13.11 37.56
C LEU G 347 -7.27 -12.66 38.00
N GLN G 348 -8.30 -13.13 37.32
CA GLN G 348 -9.67 -12.78 37.68
C GLN G 348 -10.02 -13.37 39.03
N GLN G 349 -9.64 -14.62 39.24
CA GLN G 349 -10.01 -15.32 40.46
C GLN G 349 -9.34 -14.66 41.67
N GLU G 350 -8.18 -14.07 41.43
CA GLU G 350 -7.41 -13.46 42.48
C GLU G 350 -7.89 -12.07 42.86
N GLN G 351 -8.92 -11.57 42.16
CA GLN G 351 -9.43 -10.23 42.43
C GLN G 351 -10.78 -10.21 43.13
N ASN G 352 -11.71 -11.05 42.70
CA ASN G 352 -13.12 -11.02 43.11
C ASN G 352 -13.51 -9.83 44.02
N HIS G 353 -13.09 -8.64 43.59
CA HIS G 353 -13.31 -7.38 44.29
C HIS G 353 -13.17 -7.50 45.80
N ALA H 2 7.47 -42.38 -3.59
CA ALA H 2 8.68 -41.70 -4.06
C ALA H 2 8.32 -40.39 -4.75
N ASN H 3 9.33 -39.71 -5.29
CA ASN H 3 9.12 -38.40 -5.90
C ASN H 3 8.83 -38.48 -7.41
N LEU H 4 7.57 -38.23 -7.76
CA LEU H 4 7.10 -38.30 -9.14
C LEU H 4 6.44 -36.97 -9.54
N SER H 5 6.96 -35.88 -8.98
CA SER H 5 6.29 -34.58 -9.05
CA SER H 5 6.29 -34.58 -9.05
C SER H 5 6.84 -33.64 -10.12
N GLY H 6 8.01 -33.96 -10.67
CA GLY H 6 8.66 -33.05 -11.62
C GLY H 6 9.52 -31.99 -10.92
N TYR H 7 9.36 -31.84 -9.62
CA TYR H 7 10.22 -30.95 -8.84
C TYR H 7 11.45 -31.72 -8.35
N ASN H 8 12.47 -31.00 -7.90
CA ASN H 8 13.61 -31.65 -7.24
C ASN H 8 13.09 -32.31 -5.97
N PHE H 9 13.76 -33.37 -5.53
CA PHE H 9 13.43 -34.01 -4.25
C PHE H 9 13.36 -32.94 -3.17
N ALA H 10 12.22 -32.85 -2.50
CA ALA H 10 12.00 -31.90 -1.41
C ALA H 10 11.96 -30.45 -1.90
N TYR H 11 11.67 -30.25 -3.19
CA TYR H 11 11.32 -28.97 -3.81
C TYR H 11 12.51 -27.99 -3.91
N LEU H 12 13.21 -27.74 -2.80
CA LEU H 12 14.38 -26.87 -2.82
C LEU H 12 15.43 -27.37 -3.81
N ASP H 13 16.16 -26.46 -4.43
CA ASP H 13 17.28 -26.87 -5.26
C ASP H 13 18.47 -27.19 -4.35
N GLU H 14 19.47 -27.85 -4.89
CA GLU H 14 20.55 -28.34 -4.04
C GLU H 14 21.35 -27.20 -3.43
N GLN H 15 21.50 -26.09 -4.15
CA GLN H 15 22.22 -24.94 -3.59
C GLN H 15 21.52 -24.44 -2.34
N THR H 16 20.19 -24.35 -2.37
CA THR H 16 19.47 -23.81 -1.22
C THR H 16 19.61 -24.75 -0.01
N LYS H 17 19.54 -26.05 -0.27
CA LYS H 17 19.73 -27.03 0.80
C LYS H 17 21.12 -26.92 1.42
N ARG H 18 22.11 -26.70 0.57
CA ARG H 18 23.51 -26.66 1.02
C ARG H 18 23.72 -25.48 1.94
N MET H 19 23.20 -24.33 1.55
CA MET H 19 23.32 -23.13 2.35
C MET H 19 22.61 -23.31 3.68
N ILE H 20 21.46 -23.97 3.67
CA ILE H 20 20.74 -24.23 4.90
C ILE H 20 21.49 -25.22 5.78
N ARG H 21 22.04 -26.27 5.18
CA ARG H 21 22.83 -27.25 5.91
C ARG H 21 24.04 -26.60 6.61
N ARG H 22 24.70 -25.66 5.93
CA ARG H 22 25.82 -24.97 6.57
C ARG H 22 25.33 -24.17 7.76
N ALA H 23 24.18 -23.53 7.60
CA ALA H 23 23.61 -22.73 8.68
C ALA H 23 23.21 -23.61 9.87
N ILE H 24 22.63 -24.77 9.61
CA ILE H 24 22.26 -25.69 10.68
C ILE H 24 23.51 -26.08 11.48
N LEU H 25 24.60 -26.36 10.79
CA LEU H 25 25.82 -26.82 11.46
C LEU H 25 26.43 -25.70 12.31
N LYS H 26 26.35 -24.46 11.85
CA LYS H 26 26.76 -23.32 12.66
C LYS H 26 25.85 -23.18 13.90
N ALA H 27 24.55 -23.33 13.69
CA ALA H 27 23.58 -23.18 14.77
C ALA H 27 23.84 -24.21 15.87
N VAL H 28 24.13 -25.44 15.47
CA VAL H 28 24.44 -26.50 16.40
C VAL H 28 25.68 -26.19 17.23
N ALA H 29 26.67 -25.53 16.62
CA ALA H 29 27.95 -25.26 17.27
C ALA H 29 27.88 -24.00 18.14
N ILE H 30 26.79 -23.25 17.97
CA ILE H 30 26.58 -22.00 18.69
C ILE H 30 25.14 -22.04 19.26
N PRO H 31 24.92 -22.88 20.27
CA PRO H 31 23.54 -23.19 20.67
C PRO H 31 22.74 -21.96 21.09
N GLY H 32 21.56 -21.80 20.51
CA GLY H 32 20.68 -20.70 20.82
C GLY H 32 20.93 -19.42 20.07
N TYR H 33 22.07 -19.34 19.37
CA TYR H 33 22.36 -18.19 18.54
C TYR H 33 21.57 -18.24 17.22
N GLN H 34 20.99 -17.09 16.85
CA GLN H 34 20.17 -16.99 15.63
C GLN H 34 21.04 -16.78 14.41
N VAL H 35 21.20 -17.83 13.61
CA VAL H 35 22.05 -17.79 12.44
C VAL H 35 21.26 -17.23 11.26
N PRO H 36 21.73 -16.11 10.67
CA PRO H 36 21.00 -15.63 9.50
C PRO H 36 21.18 -16.56 8.31
N PHE H 37 20.14 -16.72 7.48
CA PHE H 37 20.26 -17.54 6.27
C PHE H 37 19.47 -16.95 5.10
N GLY H 38 19.93 -17.23 3.88
CA GLY H 38 19.30 -16.66 2.69
C GLY H 38 18.09 -17.45 2.25
N GLY H 39 17.08 -17.49 3.10
CA GLY H 39 15.85 -18.22 2.83
C GLY H 39 15.16 -17.70 1.59
N ARG H 40 14.33 -18.55 1.00
CA ARG H 40 13.67 -18.28 -0.27
C ARG H 40 12.17 -18.41 -0.13
N GLU H 41 11.43 -17.73 -1.00
CA GLU H 41 9.98 -17.80 -0.99
C GLU H 41 9.52 -19.22 -1.35
N MET H 42 8.56 -19.72 -0.58
CA MET H 42 8.07 -21.09 -0.69
C MET H 42 6.62 -21.07 -1.20
N PRO H 43 6.06 -22.26 -1.50
CA PRO H 43 4.64 -22.30 -1.93
C PRO H 43 3.66 -22.03 -0.79
N MET H 44 4.15 -21.95 0.43
CA MET H 44 3.37 -21.46 1.58
C MET H 44 3.72 -19.99 1.87
N PRO H 45 2.74 -19.15 2.26
CA PRO H 45 3.09 -17.74 2.53
C PRO H 45 4.09 -17.61 3.68
N TYR H 46 4.92 -16.58 3.64
CA TYR H 46 5.69 -16.23 4.82
C TYR H 46 4.75 -16.09 5.99
N GLY H 47 5.15 -16.65 7.12
CA GLY H 47 4.32 -16.66 8.31
C GLY H 47 3.57 -17.96 8.52
N TRP H 48 3.51 -18.80 7.49
CA TRP H 48 2.77 -20.05 7.56
C TRP H 48 3.69 -21.29 7.59
N GLY H 49 4.93 -21.08 8.03
CA GLY H 49 5.86 -22.16 8.35
C GLY H 49 7.02 -22.38 7.39
N THR H 50 7.39 -21.37 6.61
CA THR H 50 8.38 -21.57 5.54
C THR H 50 9.79 -21.90 6.06
N GLY H 51 10.11 -21.39 7.24
CA GLY H 51 11.36 -21.76 7.89
C GLY H 51 11.45 -23.23 8.23
N GLY H 52 10.40 -23.73 8.89
CA GLY H 52 10.32 -25.15 9.17
C GLY H 52 10.32 -25.98 7.90
N ILE H 53 9.60 -25.51 6.89
CA ILE H 53 9.55 -26.24 5.62
C ILE H 53 10.94 -26.33 4.99
N GLN H 54 11.69 -25.23 5.04
CA GLN H 54 13.02 -25.21 4.45
C GLN H 54 13.99 -26.06 5.25
N LEU H 55 13.85 -26.09 6.56
CA LEU H 55 14.68 -26.98 7.37
C LEU H 55 14.35 -28.44 7.06
N THR H 56 13.08 -28.80 7.09
CA THR H 56 12.70 -30.18 6.85
C THR H 56 13.19 -30.63 5.47
N ALA H 57 13.03 -29.75 4.49
CA ALA H 57 13.43 -30.08 3.12
C ALA H 57 14.93 -30.29 2.99
N SER H 58 15.70 -29.61 3.84
CA SER H 58 17.15 -29.72 3.80
C SER H 58 17.67 -30.89 4.64
N VAL H 59 16.84 -31.38 5.56
CA VAL H 59 17.21 -32.47 6.48
C VAL H 59 16.74 -33.86 6.00
N ILE H 60 15.54 -33.91 5.45
CA ILE H 60 14.84 -35.17 5.19
C ILE H 60 15.45 -36.01 4.07
N GLY H 61 15.34 -37.32 4.21
CA GLY H 61 15.80 -38.25 3.19
C GLY H 61 14.73 -39.29 2.93
N GLU H 62 14.95 -40.12 1.91
CA GLU H 62 13.94 -41.04 1.43
C GLU H 62 13.49 -42.07 2.48
N SER H 63 14.37 -42.41 3.42
CA SER H 63 14.02 -43.39 4.45
C SER H 63 13.50 -42.78 5.77
N ASP H 64 13.40 -41.47 5.88
CA ASP H 64 12.84 -40.87 7.09
C ASP H 64 11.36 -41.18 7.22
N VAL H 65 10.84 -41.04 8.43
CA VAL H 65 9.41 -41.13 8.69
C VAL H 65 8.97 -39.79 9.26
N LEU H 66 8.15 -39.08 8.51
CA LEU H 66 7.82 -37.69 8.82
C LEU H 66 6.50 -37.58 9.58
N LYS H 67 6.54 -36.84 10.69
CA LYS H 67 5.34 -36.42 11.41
C LYS H 67 5.25 -34.92 11.35
N VAL H 68 4.05 -34.41 11.06
CA VAL H 68 3.81 -32.98 11.02
C VAL H 68 2.63 -32.66 11.92
N ILE H 69 2.85 -31.78 12.90
CA ILE H 69 1.76 -31.37 13.77
C ILE H 69 1.66 -29.84 13.87
N ASP H 70 0.45 -29.38 14.14
CA ASP H 70 0.19 -27.98 14.35
C ASP H 70 -0.82 -27.94 15.50
N GLN H 71 -0.47 -27.21 16.56
CA GLN H 71 -1.27 -27.14 17.78
C GLN H 71 -1.32 -28.51 18.44
N GLY H 72 -0.34 -29.37 18.11
CA GLY H 72 -0.28 -30.70 18.68
C GLY H 72 -1.00 -31.77 17.88
N ALA H 73 -1.75 -31.34 16.88
CA ALA H 73 -2.57 -32.26 16.09
C ALA H 73 -2.04 -32.47 14.66
N ASP H 74 -2.09 -33.70 14.18
CA ASP H 74 -1.65 -34.01 12.83
C ASP H 74 -2.65 -33.55 11.80
N ASP H 75 -3.91 -33.43 12.20
CA ASP H 75 -5.00 -33.16 11.25
C ASP H 75 -5.34 -31.68 11.10
N THR H 76 -4.63 -30.83 11.82
CA THR H 76 -4.75 -29.40 11.64
C THR H 76 -4.54 -29.00 10.19
N THR H 77 -5.38 -28.11 9.69
CA THR H 77 -5.31 -27.64 8.31
C THR H 77 -3.89 -27.45 7.80
N ASN H 78 -3.08 -26.62 8.47
CA ASN H 78 -1.76 -26.30 7.93
C ASN H 78 -0.79 -27.49 8.02
N ALA H 79 -0.98 -28.35 9.02
CA ALA H 79 -0.19 -29.58 9.09
C ALA H 79 -0.54 -30.51 7.93
N VAL H 80 -1.82 -30.64 7.63
CA VAL H 80 -2.24 -31.42 6.48
C VAL H 80 -1.57 -30.87 5.21
N SER H 81 -1.63 -29.54 5.07
CA SER H 81 -1.09 -28.90 3.89
C SER H 81 0.42 -29.14 3.76
N ILE H 82 1.13 -29.01 4.87
CA ILE H 82 2.58 -29.18 4.85
C ILE H 82 2.97 -30.65 4.66
N ARG H 83 2.30 -31.55 5.36
CA ARG H 83 2.62 -32.96 5.22
C ARG H 83 2.33 -33.44 3.80
N ASN H 84 1.21 -33.00 3.21
CA ASN H 84 0.88 -33.42 1.86
C ASN H 84 1.85 -32.84 0.84
N PHE H 85 2.35 -31.64 1.09
CA PHE H 85 3.35 -31.05 0.22
C PHE H 85 4.58 -31.96 0.20
N PHE H 86 5.08 -32.34 1.37
CA PHE H 86 6.24 -33.23 1.42
C PHE H 86 5.96 -34.60 0.84
N LYS H 87 4.76 -35.13 1.03
CA LYS H 87 4.44 -36.41 0.40
C LYS H 87 4.57 -36.27 -1.12
N ARG H 88 4.11 -35.14 -1.63
CA ARG H 88 4.14 -34.93 -3.08
C ARG H 88 5.57 -34.84 -3.62
N VAL H 89 6.44 -34.17 -2.88
CA VAL H 89 7.77 -33.83 -3.42
C VAL H 89 8.89 -34.71 -2.86
N THR H 90 8.56 -35.67 -2.00
CA THR H 90 9.56 -36.64 -1.52
C THR H 90 9.08 -38.07 -1.56
N GLY H 91 7.78 -38.27 -1.40
CA GLY H 91 7.24 -39.61 -1.29
C GLY H 91 7.64 -40.32 -0.02
N VAL H 92 8.05 -39.55 0.99
CA VAL H 92 8.48 -40.10 2.27
C VAL H 92 7.30 -40.74 3.02
N ASN H 93 7.58 -41.81 3.75
CA ASN H 93 6.62 -42.36 4.68
C ASN H 93 6.27 -41.33 5.74
N THR H 94 5.01 -41.30 6.14
CA THR H 94 4.58 -40.40 7.21
C THR H 94 3.98 -41.19 8.37
N THR H 95 3.85 -40.52 9.51
CA THR H 95 3.21 -41.12 10.68
C THR H 95 2.57 -40.07 11.56
N GLU H 96 1.64 -40.52 12.40
CA GLU H 96 1.05 -39.69 13.44
C GLU H 96 1.63 -40.05 14.80
N ARG H 97 2.32 -41.20 14.86
CA ARG H 97 2.88 -41.70 16.11
C ARG H 97 4.23 -41.07 16.37
N THR H 98 4.33 -40.33 17.47
CA THR H 98 5.58 -39.67 17.84
C THR H 98 6.77 -40.63 17.90
N ASP H 99 6.56 -41.83 18.46
CA ASP H 99 7.71 -42.71 18.68
C ASP H 99 8.13 -43.48 17.41
N ASP H 100 7.38 -43.29 16.32
CA ASP H 100 7.72 -43.88 15.02
C ASP H 100 8.37 -42.86 14.08
N ALA H 101 8.26 -41.58 14.41
CA ALA H 101 8.82 -40.55 13.56
C ALA H 101 10.33 -40.46 13.71
N THR H 102 11.01 -40.10 12.62
CA THR H 102 12.43 -39.76 12.67
C THR H 102 12.59 -38.23 12.58
N VAL H 103 11.68 -37.58 11.86
CA VAL H 103 11.64 -36.13 11.78
C VAL H 103 10.24 -35.68 12.16
N ILE H 104 10.16 -34.73 13.09
CA ILE H 104 8.90 -34.13 13.52
C ILE H 104 8.94 -32.65 13.24
N GLN H 105 8.03 -32.15 12.40
CA GLN H 105 7.90 -30.73 12.17
C GLN H 105 6.68 -30.23 12.92
N THR H 106 6.86 -29.18 13.72
CA THR H 106 5.82 -28.79 14.65
C THR H 106 5.63 -27.29 14.70
N ARG H 107 4.37 -26.91 14.89
CA ARG H 107 4.00 -25.53 15.18
C ARG H 107 3.31 -25.52 16.56
N HIS H 108 4.05 -24.98 17.53
CA HIS H 108 3.58 -24.64 18.88
C HIS H 108 3.41 -25.79 19.90
N ARG H 109 3.85 -27.01 19.62
CA ARG H 109 3.86 -28.06 20.67
C ARG H 109 5.09 -28.93 20.60
N ILE H 110 5.60 -29.31 21.77
CA ILE H 110 6.46 -30.49 21.90
C ILE H 110 5.55 -31.63 22.33
N PRO H 111 5.64 -32.79 21.64
CA PRO H 111 4.79 -33.93 22.05
C PRO H 111 4.88 -34.28 23.54
N GLU H 112 3.82 -34.90 24.06
CA GLU H 112 3.85 -35.41 25.44
C GLU H 112 4.77 -36.62 25.54
N THR H 113 4.82 -37.40 24.46
CA THR H 113 5.70 -38.58 24.39
C THR H 113 7.15 -38.13 24.33
N PRO H 114 7.99 -38.59 25.30
CA PRO H 114 9.38 -38.14 25.22
C PRO H 114 10.09 -38.53 23.91
N LEU H 115 10.91 -37.61 23.41
CA LEU H 115 11.68 -37.86 22.20
C LEU H 115 12.94 -38.67 22.53
N THR H 116 13.47 -39.37 21.53
CA THR H 116 14.57 -40.30 21.73
C THR H 116 15.73 -39.98 20.81
N GLU H 117 16.84 -40.68 21.01
CA GLU H 117 18.03 -40.51 20.18
C GLU H 117 17.69 -40.65 18.69
N ASP H 118 18.26 -39.73 17.91
CA ASP H 118 18.22 -39.67 16.45
C ASP H 118 16.92 -39.12 15.89
N GLN H 119 15.98 -38.83 16.76
CA GLN H 119 14.84 -38.03 16.36
C GLN H 119 15.27 -36.58 16.20
N ILE H 120 14.70 -35.92 15.19
CA ILE H 120 14.89 -34.48 15.00
C ILE H 120 13.54 -33.81 15.02
N ILE H 121 13.40 -32.80 15.89
CA ILE H 121 12.19 -31.99 15.95
C ILE H 121 12.50 -30.58 15.47
N ILE H 122 11.66 -30.13 14.55
CA ILE H 122 11.86 -28.90 13.83
C ILE H 122 10.69 -27.96 14.11
N PHE H 123 10.99 -26.86 14.79
CA PHE H 123 9.98 -25.87 15.20
C PHE H 123 9.79 -24.75 14.21
N GLN H 124 8.53 -24.43 13.93
CA GLN H 124 8.18 -23.23 13.19
C GLN H 124 8.20 -22.03 14.14
N VAL H 125 8.93 -21.00 13.75
CA VAL H 125 9.16 -19.80 14.58
C VAL H 125 8.71 -18.55 13.85
N PRO H 126 7.81 -17.74 14.46
CA PRO H 126 7.51 -16.46 13.81
C PRO H 126 8.54 -15.38 14.13
N ILE H 127 8.81 -15.15 15.41
CA ILE H 127 9.76 -14.15 15.86
C ILE H 127 10.93 -14.86 16.54
N PRO H 128 12.12 -14.85 15.92
CA PRO H 128 13.21 -15.66 16.47
C PRO H 128 13.99 -14.94 17.57
N GLU H 129 13.75 -13.65 17.70
CA GLU H 129 14.45 -12.79 18.63
C GLU H 129 13.70 -12.67 19.96
N PRO H 130 14.19 -13.33 21.02
CA PRO H 130 13.47 -13.23 22.29
C PRO H 130 13.35 -11.81 22.85
N LEU H 131 14.22 -10.91 22.39
CA LEU H 131 14.24 -9.53 22.87
C LEU H 131 13.30 -8.60 22.07
N ARG H 132 12.65 -9.13 21.05
CA ARG H 132 12.00 -8.26 20.04
C ARG H 132 10.86 -7.40 20.57
N PHE H 133 10.10 -7.89 21.53
CA PHE H 133 9.02 -7.07 22.07
C PHE H 133 9.48 -6.10 23.16
N ILE H 134 10.77 -6.12 23.47
CA ILE H 134 11.43 -5.11 24.27
C ILE H 134 12.13 -4.10 23.38
N GLU H 135 12.76 -4.62 22.32
CA GLU H 135 13.56 -3.81 21.42
C GLU H 135 13.26 -4.25 19.98
N PRO H 136 12.47 -3.44 19.27
CA PRO H 136 12.03 -3.90 17.93
C PRO H 136 13.13 -3.88 16.86
N ARG H 137 14.24 -3.23 17.10
CA ARG H 137 15.30 -3.09 16.09
C ARG H 137 16.34 -4.20 16.16
N GLU H 138 16.50 -4.91 15.06
CA GLU H 138 17.56 -5.90 14.97
C GLU H 138 18.96 -5.27 15.08
N THR H 139 19.09 -4.00 14.68
CA THR H 139 20.39 -3.31 14.77
C THR H 139 20.81 -3.22 16.22
N GLU H 140 19.81 -3.16 17.11
CA GLU H 140 20.05 -3.12 18.53
C GLU H 140 20.16 -4.51 19.19
N THR H 141 19.26 -5.44 18.85
CA THR H 141 19.24 -6.72 19.55
C THR H 141 20.44 -7.58 19.19
N ARG H 142 20.99 -7.43 17.99
CA ARG H 142 22.16 -8.25 17.64
C ARG H 142 23.35 -7.88 18.53
N THR H 143 23.49 -6.61 18.88
CA THR H 143 24.56 -6.17 19.76
C THR H 143 24.33 -6.64 21.20
N MET H 144 23.07 -6.65 21.63
CA MET H 144 22.74 -7.14 22.96
C MET H 144 23.16 -8.61 23.09
N HIS H 145 22.94 -9.39 22.04
CA HIS H 145 23.36 -10.79 22.09
C HIS H 145 24.89 -10.91 22.09
N ALA H 146 25.54 -10.09 21.27
CA ALA H 146 27.01 -10.10 21.20
C ALA H 146 27.60 -9.85 22.57
N LEU H 147 26.97 -8.95 23.33
CA LEU H 147 27.51 -8.52 24.61
C LEU H 147 26.91 -9.25 25.80
N GLU H 148 25.96 -10.16 25.52
CA GLU H 148 25.28 -10.94 26.55
C GLU H 148 24.57 -9.99 27.53
N GLU H 149 23.93 -8.96 26.96
CA GLU H 149 23.20 -7.92 27.69
C GLU H 149 21.74 -8.28 27.77
N TYR H 150 21.37 -9.05 28.78
CA TYR H 150 20.05 -9.65 28.83
C TYR H 150 19.25 -9.15 30.04
N GLY H 151 19.79 -8.18 30.75
CA GLY H 151 19.14 -7.64 31.93
C GLY H 151 17.75 -7.12 31.67
N VAL H 152 17.53 -6.51 30.51
CA VAL H 152 16.22 -5.96 30.20
C VAL H 152 15.12 -7.04 30.29
N MET H 153 15.46 -8.31 30.09
CA MET H 153 14.44 -9.36 30.12
CA MET H 153 14.44 -9.37 30.13
C MET H 153 14.04 -9.68 31.57
N GLN H 154 14.99 -9.56 32.49
CA GLN H 154 14.68 -9.74 33.91
C GLN H 154 13.74 -8.63 34.35
N VAL H 155 14.05 -7.42 33.90
CA VAL H 155 13.24 -6.25 34.18
C VAL H 155 11.81 -6.46 33.72
N LYS H 156 11.67 -6.95 32.48
CA LYS H 156 10.35 -7.13 31.89
C LYS H 156 9.54 -8.09 32.77
N LEU H 157 10.20 -9.14 33.24
CA LEU H 157 9.56 -10.16 34.05
C LEU H 157 9.09 -9.62 35.39
N TYR H 158 9.95 -8.87 36.08
CA TYR H 158 9.56 -8.41 37.40
C TYR H 158 8.46 -7.38 37.26
N GLU H 159 8.47 -6.63 36.16
CA GLU H 159 7.41 -5.67 35.89
C GLU H 159 6.04 -6.32 35.71
N ASP H 160 6.02 -7.50 35.09
CA ASP H 160 4.81 -8.31 35.08
C ASP H 160 4.38 -8.63 36.52
N ILE H 161 5.32 -9.15 37.30
CA ILE H 161 5.05 -9.55 38.67
C ILE H 161 4.50 -8.38 39.48
N ALA H 162 5.05 -7.20 39.25
CA ALA H 162 4.63 -6.02 39.99
C ALA H 162 3.23 -5.59 39.61
N ARG H 163 2.94 -5.68 38.32
CA ARG H 163 1.70 -5.18 37.76
C ARG H 163 0.55 -6.16 37.99
N PHE H 164 0.81 -7.46 37.81
CA PHE H 164 -0.26 -8.47 37.84
C PHE H 164 -0.09 -9.46 38.96
N GLY H 165 1.09 -9.50 39.57
CA GLY H 165 1.37 -10.45 40.63
C GLY H 165 2.01 -11.73 40.12
N HIS H 166 2.14 -11.83 38.79
CA HIS H 166 2.68 -13.02 38.16
C HIS H 166 3.42 -12.63 36.87
N ILE H 167 4.38 -13.45 36.48
CA ILE H 167 4.95 -13.37 35.15
C ILE H 167 3.82 -13.53 34.13
N ALA H 168 3.79 -12.66 33.12
CA ALA H 168 2.67 -12.64 32.17
C ALA H 168 3.00 -13.27 30.81
N THR H 169 4.24 -13.69 30.62
CA THR H 169 4.61 -14.46 29.43
C THR H 169 4.12 -15.89 29.61
N THR H 170 3.25 -16.35 28.72
CA THR H 170 2.62 -17.67 28.90
C THR H 170 3.01 -18.68 27.85
N TYR H 171 3.55 -18.19 26.72
CA TYR H 171 4.08 -19.03 25.64
C TYR H 171 5.26 -18.29 25.02
N ALA H 172 6.04 -18.96 24.18
CA ALA H 172 7.29 -18.35 23.68
C ALA H 172 8.11 -17.79 24.85
N TYR H 173 8.17 -18.57 25.92
CA TYR H 173 8.79 -18.13 27.16
C TYR H 173 10.30 -18.29 27.07
N PRO H 174 11.04 -17.18 27.25
CA PRO H 174 12.49 -17.22 26.98
C PRO H 174 13.26 -18.22 27.84
N VAL H 175 14.29 -18.82 27.24
CA VAL H 175 15.14 -19.79 27.93
C VAL H 175 16.61 -19.47 27.72
N LYS H 176 17.43 -19.81 28.71
CA LYS H 176 18.87 -19.70 28.57
C LYS H 176 19.40 -21.07 28.16
N VAL H 177 20.23 -21.10 27.12
CA VAL H 177 20.69 -22.34 26.51
C VAL H 177 22.19 -22.53 26.74
N ASN H 178 22.53 -23.68 27.31
CA ASN H 178 23.93 -24.02 27.57
C ASN H 178 24.65 -22.93 28.39
N GLY H 179 23.90 -22.26 29.26
CA GLY H 179 24.47 -21.27 30.15
C GLY H 179 24.89 -19.96 29.49
N ARG H 180 24.43 -19.68 28.27
CA ARG H 180 24.87 -18.46 27.58
C ARG H 180 23.74 -17.79 26.83
N TYR H 181 23.45 -18.19 25.59
CA TYR H 181 22.45 -17.45 24.81
C TYR H 181 21.05 -17.56 25.41
N VAL H 182 20.33 -16.43 25.39
CA VAL H 182 18.90 -16.45 25.64
C VAL H 182 18.22 -16.62 24.28
N MET H 183 17.28 -17.56 24.25
CA MET H 183 16.68 -18.08 23.01
C MET H 183 15.18 -18.06 23.11
N ASP H 184 14.51 -17.78 22.00
CA ASP H 184 13.06 -17.92 21.92
C ASP H 184 12.75 -19.38 21.55
N PRO H 185 11.92 -20.07 22.35
CA PRO H 185 11.70 -21.50 22.09
C PRO H 185 10.63 -21.78 21.06
N SER H 186 10.22 -20.73 20.36
CA SER H 186 9.03 -20.71 19.50
C SER H 186 7.76 -20.66 20.37
N PRO H 187 6.60 -20.46 19.75
CA PRO H 187 5.40 -20.26 20.58
C PRO H 187 4.81 -21.53 21.19
N ILE H 188 5.66 -22.43 21.67
CA ILE H 188 5.17 -23.48 22.53
C ILE H 188 4.71 -22.86 23.85
N PRO H 189 3.71 -23.48 24.49
CA PRO H 189 3.29 -22.99 25.81
C PRO H 189 4.40 -23.22 26.81
N LYS H 190 4.44 -22.43 27.88
CA LYS H 190 5.53 -22.59 28.84
C LYS H 190 5.53 -24.00 29.43
N PHE H 191 4.35 -24.63 29.42
CA PHE H 191 4.17 -26.03 29.79
C PHE H 191 5.21 -26.97 29.14
N ASP H 192 5.57 -26.68 27.88
CA ASP H 192 6.51 -27.53 27.14
C ASP H 192 7.99 -27.21 27.39
N ASN H 193 8.30 -26.04 27.95
CA ASN H 193 9.70 -25.67 28.11
C ASN H 193 10.55 -26.73 28.86
N PRO H 194 10.02 -27.34 29.93
CA PRO H 194 10.87 -28.32 30.66
C PRO H 194 11.32 -29.51 29.80
N LYS H 195 10.57 -29.84 28.76
CA LYS H 195 10.93 -30.95 27.88
C LYS H 195 12.20 -30.68 27.06
N MET H 196 12.59 -29.41 26.96
CA MET H 196 13.72 -29.02 26.13
C MET H 196 15.07 -29.28 26.80
N ASP H 197 15.03 -29.40 28.13
CA ASP H 197 16.23 -29.57 28.95
C ASP H 197 16.77 -30.99 28.87
N MET H 198 18.02 -31.10 28.43
CA MET H 198 18.73 -32.38 28.37
C MET H 198 17.88 -33.47 27.71
N MET H 199 17.38 -33.14 26.52
CA MET H 199 16.57 -34.02 25.68
C MET H 199 17.52 -34.87 24.79
N PRO H 200 17.17 -36.15 24.53
CA PRO H 200 18.07 -36.95 23.69
C PRO H 200 18.03 -36.59 22.20
N ALA H 201 17.00 -35.88 21.78
CA ALA H 201 16.79 -35.52 20.38
C ALA H 201 17.36 -34.14 20.05
N LEU H 202 17.61 -33.92 18.77
CA LEU H 202 18.05 -32.63 18.25
C LEU H 202 16.88 -31.69 17.99
N GLN H 203 16.99 -30.45 18.45
CA GLN H 203 15.97 -29.42 18.22
C GLN H 203 16.50 -28.38 17.24
N LEU H 204 15.78 -28.19 16.14
CA LEU H 204 16.07 -27.12 15.18
C LEU H 204 14.90 -26.14 15.13
N PHE H 205 15.21 -24.89 14.86
CA PHE H 205 14.23 -23.80 14.89
C PHE H 205 14.39 -23.00 13.60
N GLY H 206 13.28 -22.81 12.89
CA GLY H 206 13.32 -22.10 11.62
C GLY H 206 12.32 -20.96 11.55
N ALA H 207 12.86 -19.77 11.28
CA ALA H 207 12.08 -18.55 11.08
C ALA H 207 12.29 -18.10 9.65
N GLY H 208 11.36 -18.45 8.76
CA GLY H 208 11.60 -18.21 7.36
C GLY H 208 11.50 -16.74 6.99
N ARG H 209 10.44 -16.09 7.45
CA ARG H 209 10.22 -14.68 7.12
C ARG H 209 11.32 -13.81 7.71
N GLU H 210 11.74 -14.10 8.93
CA GLU H 210 12.77 -13.32 9.60
C GLU H 210 14.21 -13.82 9.32
N LYS H 211 14.29 -14.91 8.56
CA LYS H 211 15.57 -15.39 7.99
C LYS H 211 16.60 -15.78 9.05
N ARG H 212 16.18 -16.61 9.98
CA ARG H 212 17.02 -17.14 11.05
C ARG H 212 16.76 -18.62 11.24
N ILE H 213 17.84 -19.32 11.57
CA ILE H 213 17.85 -20.73 11.95
C ILE H 213 18.63 -20.83 13.26
N TYR H 214 18.13 -21.60 14.21
CA TYR H 214 18.93 -21.88 15.41
C TYR H 214 18.67 -23.28 15.93
N ALA H 215 19.42 -23.68 16.94
CA ALA H 215 19.42 -25.08 17.34
C ALA H 215 19.81 -25.27 18.80
N VAL H 216 19.30 -26.37 19.35
CA VAL H 216 19.72 -26.89 20.63
C VAL H 216 20.16 -28.34 20.41
N PRO H 217 21.47 -28.62 20.56
CA PRO H 217 21.91 -30.01 20.45
C PRO H 217 21.23 -30.90 21.48
N PRO H 218 21.21 -32.22 21.22
CA PRO H 218 20.81 -33.15 22.28
C PRO H 218 21.55 -32.87 23.58
N PHE H 219 20.91 -33.17 24.70
CA PHE H 219 21.58 -33.10 26.00
C PHE H 219 22.24 -31.74 26.22
N THR H 220 21.44 -30.69 26.12
CA THR H 220 21.90 -29.33 26.38
C THR H 220 21.00 -28.73 27.46
N ARG H 221 21.62 -27.98 28.38
CA ARG H 221 20.86 -27.30 29.41
C ARG H 221 19.97 -26.24 28.78
N VAL H 222 18.69 -26.27 29.12
CA VAL H 222 17.75 -25.25 28.69
C VAL H 222 16.96 -24.83 29.91
N GLU H 223 17.16 -23.58 30.34
CA GLU H 223 16.62 -23.10 31.61
C GLU H 223 15.73 -21.90 31.37
N SER H 224 14.47 -22.02 31.73
CA SER H 224 13.54 -20.91 31.58
C SER H 224 13.92 -19.77 32.53
N LEU H 225 13.83 -18.53 32.06
CA LEU H 225 14.12 -17.38 32.91
C LEU H 225 13.11 -17.28 34.06
N ASP H 226 13.59 -17.00 35.26
CA ASP H 226 12.69 -16.78 36.39
C ASP H 226 13.46 -16.20 37.57
N PHE H 227 12.82 -16.23 38.74
CA PHE H 227 13.41 -15.75 39.99
C PHE H 227 13.22 -16.80 41.09
N ASP H 228 13.95 -16.65 42.18
CA ASP H 228 13.83 -17.59 43.29
C ASP H 228 12.54 -17.34 44.06
N ASP H 229 12.14 -16.08 44.14
CA ASP H 229 10.88 -15.71 44.80
C ASP H 229 9.70 -15.78 43.84
N HIS H 230 9.96 -16.15 42.59
CA HIS H 230 8.91 -16.34 41.59
C HIS H 230 9.35 -17.40 40.58
N PRO H 231 9.42 -18.67 41.04
CA PRO H 231 9.92 -19.79 40.23
C PRO H 231 8.99 -20.12 39.07
N PHE H 232 9.53 -20.79 38.05
CA PHE H 232 8.77 -21.18 36.85
C PHE H 232 7.56 -22.05 37.18
N THR H 233 6.40 -21.65 36.64
CA THR H 233 5.17 -22.41 36.77
C THR H 233 4.67 -22.81 35.38
N VAL H 234 3.79 -23.80 35.31
CA VAL H 234 3.19 -24.17 34.02
C VAL H 234 1.65 -24.17 34.09
N GLN H 235 1.03 -24.12 32.92
CA GLN H 235 -0.42 -24.15 32.78
C GLN H 235 -1.03 -25.32 33.53
N GLN H 236 -2.19 -25.08 34.12
CA GLN H 236 -2.93 -26.12 34.82
C GLN H 236 -4.40 -25.99 34.52
N TRP H 237 -5.16 -27.06 34.76
CA TRP H 237 -6.60 -27.08 34.55
C TRP H 237 -7.25 -27.86 35.69
N ASP H 238 -8.48 -27.48 36.02
CA ASP H 238 -9.28 -28.20 37.00
C ASP H 238 -9.81 -29.51 36.42
N GLU H 239 -9.88 -29.60 35.10
CA GLU H 239 -10.40 -30.77 34.40
C GLU H 239 -9.30 -31.67 33.84
N PRO H 240 -9.53 -33.00 33.80
CA PRO H 240 -8.73 -33.92 32.99
C PRO H 240 -9.16 -33.89 31.53
N CYS H 241 -8.42 -34.51 30.62
CA CYS H 241 -8.91 -34.71 29.25
C CYS H 241 -10.23 -35.48 29.28
N ALA H 242 -11.23 -34.96 28.55
CA ALA H 242 -12.58 -35.52 28.56
C ALA H 242 -12.69 -36.83 27.75
N ILE H 243 -11.67 -37.12 26.95
CA ILE H 243 -11.68 -38.30 26.09
C ILE H 243 -10.85 -39.43 26.70
N CYS H 244 -9.65 -39.13 27.17
CA CYS H 244 -8.72 -40.16 27.64
C CYS H 244 -8.46 -40.13 29.15
N GLY H 245 -8.88 -39.06 29.81
CA GLY H 245 -8.75 -38.92 31.25
C GLY H 245 -7.39 -38.44 31.74
N SER H 246 -6.46 -38.17 30.83
CA SER H 246 -5.12 -37.76 31.23
C SER H 246 -5.13 -36.43 31.99
N THR H 247 -4.37 -36.37 33.07
CA THR H 247 -4.23 -35.15 33.86
C THR H 247 -2.86 -34.53 33.64
N HIS H 248 -2.07 -35.15 32.77
CA HIS H 248 -0.66 -34.80 32.57
C HIS H 248 -0.40 -34.08 31.26
N SER H 249 -1.45 -33.86 30.48
CA SER H 249 -1.30 -33.29 29.14
C SER H 249 -1.75 -31.83 29.07
N TYR H 250 -1.22 -31.12 28.09
CA TYR H 250 -1.72 -29.78 27.74
C TYR H 250 -3.08 -29.93 27.07
N LEU H 251 -4.05 -29.14 27.54
CA LEU H 251 -5.43 -29.27 27.09
C LEU H 251 -5.89 -28.16 26.15
N ASP H 252 -6.76 -28.53 25.22
CA ASP H 252 -7.53 -27.61 24.37
C ASP H 252 -8.91 -27.38 24.97
N GLU H 253 -9.36 -26.13 24.94
CA GLU H 253 -10.70 -25.76 25.37
C GLU H 253 -11.60 -25.75 24.15
N VAL H 254 -12.54 -26.69 24.06
CA VAL H 254 -13.44 -26.77 22.93
C VAL H 254 -14.81 -26.27 23.36
N VAL H 255 -15.28 -25.23 22.71
CA VAL H 255 -16.55 -24.61 23.07
C VAL H 255 -17.69 -25.29 22.33
N LEU H 256 -18.63 -25.83 23.11
CA LEU H 256 -19.68 -26.67 22.59
C LEU H 256 -20.99 -25.91 22.35
N ASP H 257 -21.38 -25.09 23.32
CA ASP H 257 -22.71 -24.47 23.32
C ASP H 257 -22.65 -22.99 23.04
N ASP H 258 -23.72 -22.48 22.42
CA ASP H 258 -23.95 -21.05 22.27
C ASP H 258 -23.86 -20.36 23.63
N ALA H 259 -24.09 -21.15 24.67
CA ALA H 259 -24.13 -20.63 26.01
C ALA H 259 -23.50 -21.62 27.00
N GLY H 260 -22.19 -21.45 27.21
CA GLY H 260 -21.54 -21.95 28.41
C GLY H 260 -20.73 -23.24 28.34
N ASN H 261 -21.32 -24.29 27.77
CA ASN H 261 -20.71 -25.61 27.88
C ASN H 261 -19.47 -25.81 27.03
N ARG H 262 -18.45 -26.40 27.65
CA ARG H 262 -17.21 -26.68 26.96
C ARG H 262 -16.61 -28.00 27.43
N MET H 263 -15.55 -28.38 26.76
CA MET H 263 -14.89 -29.66 26.93
C MET H 263 -13.39 -29.41 26.86
N PHE H 264 -12.62 -30.04 27.74
CA PHE H 264 -11.16 -29.93 27.69
C PHE H 264 -10.54 -31.24 27.26
N VAL H 265 -9.77 -31.20 26.18
CA VAL H 265 -9.19 -32.40 25.59
C VAL H 265 -7.75 -32.18 25.17
N CYS H 266 -6.98 -33.27 25.16
CA CYS H 266 -5.56 -33.23 24.82
C CYS H 266 -5.30 -32.47 23.54
N SER H 267 -4.32 -31.58 23.60
CA SER H 267 -3.81 -30.89 22.43
C SER H 267 -3.03 -31.83 21.54
N ASP H 268 -2.23 -32.70 22.17
CA ASP H 268 -1.43 -33.68 21.48
C ASP H 268 -2.34 -34.86 21.15
N THR H 269 -2.79 -34.94 19.91
CA THR H 269 -3.85 -35.89 19.56
C THR H 269 -3.34 -37.33 19.44
N ASP H 270 -2.06 -37.49 19.12
CA ASP H 270 -1.45 -38.83 19.12
C ASP H 270 -1.43 -39.39 20.53
N TYR H 271 -0.97 -38.56 21.45
CA TYR H 271 -0.87 -38.95 22.85
C TYR H 271 -2.24 -39.37 23.37
N CYS H 272 -3.25 -38.57 23.03
CA CYS H 272 -4.62 -38.81 23.49
C CYS H 272 -5.14 -40.17 23.02
N ARG H 273 -4.98 -40.48 21.75
CA ARG H 273 -5.51 -41.76 21.25
C ARG H 273 -4.80 -42.91 21.93
N GLN H 274 -3.49 -42.80 22.17
CA GLN H 274 -2.77 -43.94 22.77
C GLN H 274 -3.19 -44.12 24.22
N GLN H 275 -3.46 -43.02 24.91
CA GLN H 275 -4.02 -43.07 26.27
C GLN H 275 -5.37 -43.78 26.25
N SER H 276 -6.21 -43.37 25.30
CA SER H 276 -7.57 -43.91 25.20
C SER H 276 -7.58 -45.41 24.92
N GLU H 277 -6.57 -45.88 24.19
CA GLU H 277 -6.52 -47.28 23.79
C GLU H 277 -6.43 -48.23 24.98
N ALA H 278 -5.86 -47.76 26.08
CA ALA H 278 -5.86 -48.52 27.33
C ALA H 278 -6.59 -47.78 28.43
S SO4 I . -22.87 -7.11 -3.17
O1 SO4 I . -21.96 -7.95 -3.93
O2 SO4 I . -22.88 -5.75 -3.71
O3 SO4 I . -22.45 -7.07 -1.77
O4 SO4 I . -24.22 -7.65 -3.26
ZN ZN J . 3.95 20.67 -6.54
S SO4 K . -5.30 20.35 -4.45
O1 SO4 K . -6.17 21.53 -4.26
O2 SO4 K . -4.18 20.65 -5.39
O3 SO4 K . -6.04 19.24 -5.05
O4 SO4 K . -4.79 19.90 -3.14
ZN ZN L . 7.92 38.27 -23.19
S SO4 M . 8.20 -6.50 -21.90
O1 SO4 M . 9.03 -5.60 -21.12
O2 SO4 M . 8.85 -6.84 -23.17
O3 SO4 M . 7.98 -7.73 -21.14
O4 SO4 M . 6.93 -5.86 -22.21
ZN ZN N . 1.05 -16.43 15.00
S SO4 O . 7.76 -18.51 8.64
O1 SO4 O . 8.23 -17.17 9.06
O2 SO4 O . 7.31 -18.52 7.26
O3 SO4 O . 8.82 -19.50 8.85
O4 SO4 O . 6.59 -18.84 9.50
ZN ZN P . -6.67 -37.06 25.91
#